data_1WF2
#
_entry.id   1WF2
#
_entity_poly.entity_id   1
_entity_poly.type   'polypeptide(L)'
_entity_poly.pdbx_seq_one_letter_code
;GSSGSSGKTDPRSMNSRVFIGNLNTLVVKKSDVEAIFSKYGKIVGCSVHKGFAFVQYVNERNARAAVAGEDGRMIAGQVL
DINLAAEPKVNRSGPSSG
;
_entity_poly.pdbx_strand_id   A
#
# COMPACT_ATOMS: atom_id res chain seq x y z
N GLY A 1 18.48 10.97 13.56
CA GLY A 1 19.59 10.22 13.00
C GLY A 1 19.11 8.90 12.39
N SER A 2 19.86 8.44 11.40
CA SER A 2 19.53 7.19 10.73
C SER A 2 19.49 6.04 11.75
N SER A 3 18.36 5.35 11.78
CA SER A 3 18.19 4.24 12.69
C SER A 3 17.96 2.95 11.90
N GLY A 4 18.75 1.94 12.24
CA GLY A 4 18.64 0.66 11.56
C GLY A 4 17.78 -0.31 12.38
N SER A 5 17.22 -1.28 11.67
CA SER A 5 16.36 -2.27 12.31
C SER A 5 15.13 -1.60 12.91
N SER A 6 14.15 -1.37 12.06
CA SER A 6 12.91 -0.73 12.49
C SER A 6 11.86 -0.83 11.39
N GLY A 7 10.63 -0.51 11.75
CA GLY A 7 9.53 -0.55 10.82
C GLY A 7 8.31 0.21 11.35
N LYS A 8 8.40 1.53 11.26
CA LYS A 8 7.31 2.38 11.73
C LYS A 8 6.87 3.30 10.60
N THR A 9 5.98 4.22 10.94
CA THR A 9 5.47 5.17 9.97
C THR A 9 5.59 6.60 10.49
N ASP A 10 6.72 7.22 10.16
CA ASP A 10 6.97 8.59 10.59
C ASP A 10 7.38 9.43 9.39
N PRO A 11 6.94 10.71 9.40
CA PRO A 11 7.26 11.62 8.32
C PRO A 11 8.71 12.10 8.41
N ARG A 12 9.51 11.61 7.48
CA ARG A 12 10.92 11.97 7.44
C ARG A 12 11.32 12.41 6.04
N SER A 13 11.12 11.52 5.08
CA SER A 13 11.44 11.81 3.70
C SER A 13 10.88 10.71 2.78
N MET A 14 9.57 10.77 2.57
CA MET A 14 8.91 9.79 1.73
C MET A 14 7.52 10.29 1.31
N ASN A 15 6.96 9.59 0.32
CA ASN A 15 5.64 9.95 -0.18
C ASN A 15 4.97 8.71 -0.75
N SER A 16 5.73 7.97 -1.54
CA SER A 16 5.22 6.75 -2.16
C SER A 16 5.42 5.56 -1.22
N ARG A 17 4.37 5.24 -0.48
CA ARG A 17 4.42 4.13 0.45
C ARG A 17 3.10 3.35 0.44
N VAL A 18 3.20 2.07 0.72
CA VAL A 18 2.02 1.21 0.74
C VAL A 18 2.12 0.25 1.92
N PHE A 19 1.12 0.33 2.80
CA PHE A 19 1.09 -0.54 3.96
C PHE A 19 0.30 -1.81 3.69
N ILE A 20 1.03 -2.87 3.40
CA ILE A 20 0.40 -4.16 3.11
C ILE A 20 0.10 -4.88 4.42
N GLY A 21 -1.18 -4.93 4.76
CA GLY A 21 -1.61 -5.60 5.98
C GLY A 21 -2.23 -6.96 5.68
N ASN A 22 -2.54 -7.68 6.75
CA ASN A 22 -3.14 -8.99 6.61
C ASN A 22 -2.37 -9.80 5.55
N LEU A 23 -1.05 -9.65 5.61
CA LEU A 23 -0.20 -10.35 4.66
C LEU A 23 0.24 -11.68 5.28
N ASN A 24 -0.21 -12.75 4.66
CA ASN A 24 0.12 -14.09 5.14
C ASN A 24 1.61 -14.37 4.87
N THR A 25 2.44 -13.61 5.55
CA THR A 25 3.88 -13.75 5.40
C THR A 25 4.30 -15.19 5.69
N LEU A 26 3.41 -15.91 6.35
CA LEU A 26 3.68 -17.30 6.69
C LEU A 26 3.69 -18.15 5.42
N VAL A 27 3.20 -17.54 4.35
CA VAL A 27 3.15 -18.21 3.07
C VAL A 27 3.69 -17.28 1.98
N VAL A 28 3.18 -16.06 1.98
CA VAL A 28 3.59 -15.07 1.01
C VAL A 28 5.03 -14.63 1.31
N LYS A 29 5.77 -14.39 0.24
CA LYS A 29 7.16 -13.97 0.37
C LYS A 29 7.29 -12.51 -0.04
N LYS A 30 8.52 -12.02 0.02
CA LYS A 30 8.78 -10.64 -0.35
C LYS A 30 8.73 -10.50 -1.87
N SER A 31 9.33 -11.46 -2.55
CA SER A 31 9.35 -11.46 -4.00
C SER A 31 7.93 -11.56 -4.55
N ASP A 32 7.04 -12.11 -3.71
CA ASP A 32 5.66 -12.27 -4.10
C ASP A 32 4.95 -10.92 -4.02
N VAL A 33 5.40 -10.10 -3.07
CA VAL A 33 4.81 -8.79 -2.88
C VAL A 33 5.63 -7.76 -3.66
N GLU A 34 6.84 -8.17 -4.04
CA GLU A 34 7.73 -7.29 -4.78
C GLU A 34 7.50 -7.46 -6.29
N ALA A 35 7.07 -8.66 -6.66
CA ALA A 35 6.81 -8.97 -8.06
C ALA A 35 5.36 -8.61 -8.39
N ILE A 36 4.47 -9.02 -7.50
CA ILE A 36 3.05 -8.75 -7.69
C ILE A 36 2.82 -7.24 -7.76
N PHE A 37 3.67 -6.51 -7.04
CA PHE A 37 3.58 -5.06 -7.01
C PHE A 37 4.47 -4.43 -8.08
N SER A 38 5.34 -5.25 -8.64
CA SER A 38 6.25 -4.79 -9.67
C SER A 38 5.47 -4.45 -10.94
N LYS A 39 4.19 -4.82 -10.94
CA LYS A 39 3.33 -4.55 -12.07
C LYS A 39 2.60 -3.23 -11.85
N TYR A 40 2.67 -2.75 -10.63
CA TYR A 40 2.02 -1.50 -10.28
C TYR A 40 3.04 -0.37 -10.10
N GLY A 41 4.21 -0.59 -10.68
CA GLY A 41 5.28 0.39 -10.61
C GLY A 41 6.55 -0.22 -10.03
N LYS A 42 7.68 0.39 -10.37
CA LYS A 42 8.97 -0.09 -9.89
C LYS A 42 9.04 0.11 -8.38
N ILE A 43 9.50 -0.93 -7.70
CA ILE A 43 9.64 -0.88 -6.25
C ILE A 43 11.06 -0.48 -5.89
N VAL A 44 11.15 0.54 -5.05
CA VAL A 44 12.44 1.05 -4.62
C VAL A 44 12.76 0.50 -3.23
N GLY A 45 11.71 0.30 -2.45
CA GLY A 45 11.85 -0.22 -1.10
C GLY A 45 10.62 -1.01 -0.68
N CYS A 46 10.82 -2.30 -0.45
CA CYS A 46 9.74 -3.18 -0.03
C CYS A 46 10.22 -4.00 1.16
N SER A 47 9.32 -4.15 2.12
CA SER A 47 9.63 -4.91 3.32
C SER A 47 8.38 -5.67 3.79
N VAL A 48 8.64 -6.83 4.39
CA VAL A 48 7.55 -7.67 4.88
C VAL A 48 7.87 -8.11 6.32
N HIS A 49 6.97 -7.75 7.22
CA HIS A 49 7.15 -8.09 8.63
C HIS A 49 5.99 -8.97 9.08
N LYS A 50 6.33 -10.06 9.76
CA LYS A 50 5.33 -10.98 10.26
C LYS A 50 4.13 -10.20 10.79
N GLY A 51 3.11 -10.11 9.95
CA GLY A 51 1.90 -9.39 10.32
C GLY A 51 1.48 -8.41 9.22
N PHE A 52 2.48 -7.85 8.56
CA PHE A 52 2.24 -6.90 7.49
C PHE A 52 3.49 -6.70 6.64
N ALA A 53 3.40 -5.73 5.73
CA ALA A 53 4.51 -5.43 4.84
C ALA A 53 4.36 -4.02 4.30
N PHE A 54 5.47 -3.48 3.81
CA PHE A 54 5.48 -2.13 3.26
C PHE A 54 6.15 -2.10 1.89
N VAL A 55 5.52 -1.39 0.97
CA VAL A 55 6.05 -1.26 -0.38
C VAL A 55 6.27 0.21 -0.70
N GLN A 56 7.36 0.47 -1.42
CA GLN A 56 7.70 1.82 -1.81
C GLN A 56 8.00 1.89 -3.30
N TYR A 57 7.09 2.52 -4.03
CA TYR A 57 7.25 2.66 -5.47
C TYR A 57 8.09 3.89 -5.81
N VAL A 58 8.44 3.99 -7.09
CA VAL A 58 9.25 5.10 -7.55
C VAL A 58 8.42 6.39 -7.47
N ASN A 59 7.13 6.24 -7.71
CA ASN A 59 6.23 7.37 -7.67
C ASN A 59 4.95 6.99 -6.91
N GLU A 60 4.28 8.00 -6.41
CA GLU A 60 3.05 7.78 -5.65
C GLU A 60 1.97 7.17 -6.56
N ARG A 61 1.74 7.84 -7.68
CA ARG A 61 0.75 7.38 -8.64
C ARG A 61 0.80 5.85 -8.75
N ASN A 62 2.02 5.33 -8.84
CA ASN A 62 2.22 3.90 -8.96
C ASN A 62 1.71 3.21 -7.69
N ALA A 63 2.24 3.66 -6.56
CA ALA A 63 1.85 3.10 -5.28
C ALA A 63 0.32 3.08 -5.18
N ARG A 64 -0.26 4.27 -5.21
CA ARG A 64 -1.70 4.41 -5.12
C ARG A 64 -2.38 3.40 -6.05
N ALA A 65 -1.69 3.06 -7.12
CA ALA A 65 -2.21 2.11 -8.09
C ALA A 65 -2.44 0.77 -7.40
N ALA A 66 -1.36 0.20 -6.89
CA ALA A 66 -1.43 -1.08 -6.21
C ALA A 66 -2.43 -0.97 -5.05
N VAL A 67 -2.21 0.03 -4.22
CA VAL A 67 -3.08 0.25 -3.07
C VAL A 67 -4.54 0.09 -3.50
N ALA A 68 -4.79 0.42 -4.76
CA ALA A 68 -6.13 0.30 -5.31
C ALA A 68 -6.30 -1.06 -5.97
N GLY A 69 -5.21 -1.53 -6.57
CA GLY A 69 -5.22 -2.82 -7.24
C GLY A 69 -4.98 -3.96 -6.26
N GLU A 70 -3.74 -4.08 -5.83
CA GLU A 70 -3.36 -5.12 -4.90
C GLU A 70 -4.46 -5.32 -3.85
N ASP A 71 -4.66 -4.30 -3.04
CA ASP A 71 -5.67 -4.33 -2.00
C ASP A 71 -6.93 -5.03 -2.55
N GLY A 72 -7.19 -6.20 -2.01
CA GLY A 72 -8.36 -6.96 -2.43
C GLY A 72 -7.94 -8.21 -3.21
N ARG A 73 -6.70 -8.62 -2.99
CA ARG A 73 -6.16 -9.80 -3.66
C ARG A 73 -6.14 -10.99 -2.71
N MET A 74 -6.56 -12.14 -3.24
CA MET A 74 -6.59 -13.36 -2.46
C MET A 74 -5.25 -14.08 -2.51
N ILE A 75 -4.40 -13.77 -1.54
CA ILE A 75 -3.08 -14.39 -1.46
C ILE A 75 -3.11 -15.49 -0.40
N ALA A 76 -2.79 -16.70 -0.84
CA ALA A 76 -2.77 -17.84 0.05
C ALA A 76 -4.20 -18.29 0.34
N GLY A 77 -5.14 -17.61 -0.30
CA GLY A 77 -6.55 -17.93 -0.13
C GLY A 77 -7.25 -16.89 0.75
N GLN A 78 -6.46 -15.91 1.18
CA GLN A 78 -6.99 -14.85 2.02
C GLN A 78 -6.80 -13.49 1.35
N VAL A 79 -7.72 -12.58 1.65
CA VAL A 79 -7.65 -11.24 1.08
C VAL A 79 -6.57 -10.44 1.80
N LEU A 80 -6.04 -9.46 1.08
CA LEU A 80 -4.99 -8.61 1.62
C LEU A 80 -5.54 -7.20 1.84
N ASP A 81 -5.34 -6.69 3.04
CA ASP A 81 -5.80 -5.37 3.39
C ASP A 81 -4.64 -4.37 3.25
N ILE A 82 -4.65 -3.65 2.14
CA ILE A 82 -3.62 -2.67 1.88
C ILE A 82 -4.24 -1.27 1.84
N ASN A 83 -3.43 -0.28 2.14
CA ASN A 83 -3.88 1.09 2.15
C ASN A 83 -2.67 2.03 2.16
N LEU A 84 -2.81 3.15 1.46
CA LEU A 84 -1.74 4.12 1.38
C LEU A 84 -1.45 4.67 2.79
N ALA A 85 -0.18 4.62 3.15
CA ALA A 85 0.24 5.09 4.46
C ALA A 85 0.05 6.61 4.53
N ALA A 86 -1.19 7.02 4.69
CA ALA A 86 -1.52 8.44 4.78
C ALA A 86 -2.94 8.60 5.32
N GLU A 87 -3.88 7.91 4.67
CA GLU A 87 -5.27 7.97 5.08
C GLU A 87 -5.72 6.62 5.62
N PRO A 88 -5.78 6.54 6.99
CA PRO A 88 -6.19 5.32 7.65
C PRO A 88 -7.70 5.12 7.54
N LYS A 89 -8.08 3.88 7.22
CA LYS A 89 -9.49 3.55 7.07
C LYS A 89 -10.11 3.37 8.47
N VAL A 90 -10.00 4.43 9.26
CA VAL A 90 -10.55 4.40 10.60
C VAL A 90 -11.99 4.90 10.58
N ASN A 91 -12.86 4.13 11.21
CA ASN A 91 -14.27 4.49 11.27
C ASN A 91 -14.78 4.74 9.84
N ARG A 92 -15.43 3.73 9.29
CA ARG A 92 -15.97 3.82 7.95
C ARG A 92 -17.12 4.83 7.90
N SER A 93 -18.13 4.55 8.71
CA SER A 93 -19.30 5.43 8.78
C SER A 93 -18.87 6.81 9.26
N GLY A 94 -19.45 7.83 8.62
CA GLY A 94 -19.14 9.20 8.97
C GLY A 94 -18.86 10.04 7.73
N PRO A 95 -18.90 11.39 7.91
CA PRO A 95 -18.64 12.30 6.82
C PRO A 95 -17.15 12.35 6.47
N SER A 96 -16.76 11.48 5.55
CA SER A 96 -15.38 11.42 5.13
C SER A 96 -15.08 12.54 4.14
N SER A 97 -14.30 13.50 4.59
CA SER A 97 -13.92 14.63 3.76
C SER A 97 -12.63 15.27 4.28
N GLY A 98 -11.90 15.89 3.37
CA GLY A 98 -10.66 16.54 3.72
C GLY A 98 -9.46 15.80 3.11
N GLY A 1 -13.14 21.08 12.60
CA GLY A 1 -13.77 21.97 11.63
C GLY A 1 -13.52 21.49 10.20
N SER A 2 -14.11 22.20 9.26
CA SER A 2 -13.96 21.86 7.86
C SER A 2 -14.38 20.41 7.62
N SER A 3 -15.69 20.21 7.52
CA SER A 3 -16.24 18.89 7.30
C SER A 3 -17.33 18.95 6.24
N GLY A 4 -16.92 18.72 4.99
CA GLY A 4 -17.86 18.74 3.88
C GLY A 4 -17.14 19.08 2.57
N SER A 5 -17.67 18.53 1.49
CA SER A 5 -17.09 18.77 0.18
C SER A 5 -15.62 18.35 0.16
N SER A 6 -15.40 17.06 -0.04
CA SER A 6 -14.06 16.52 -0.07
C SER A 6 -13.27 17.14 -1.23
N GLY A 7 -12.14 17.72 -0.89
CA GLY A 7 -11.29 18.35 -1.88
C GLY A 7 -10.08 19.03 -1.24
N LYS A 8 -9.03 18.25 -1.07
CA LYS A 8 -7.81 18.76 -0.46
C LYS A 8 -6.64 17.86 -0.86
N THR A 9 -5.72 18.44 -1.62
CA THR A 9 -4.55 17.72 -2.08
C THR A 9 -3.32 18.64 -2.10
N ASP A 10 -2.19 18.07 -1.70
CA ASP A 10 -0.94 18.82 -1.68
C ASP A 10 0.17 17.96 -2.26
N PRO A 11 1.07 18.63 -3.03
CA PRO A 11 2.19 17.93 -3.64
C PRO A 11 3.27 17.63 -2.61
N ARG A 12 4.33 16.97 -3.07
CA ARG A 12 5.43 16.60 -2.20
C ARG A 12 6.48 15.79 -2.97
N SER A 13 7.69 15.80 -2.44
CA SER A 13 8.78 15.07 -3.07
C SER A 13 8.95 13.70 -2.41
N MET A 14 9.31 12.73 -3.24
CA MET A 14 9.51 11.37 -2.75
C MET A 14 8.47 11.02 -1.67
N ASN A 15 7.30 10.61 -2.14
CA ASN A 15 6.22 10.24 -1.24
C ASN A 15 5.44 9.07 -1.83
N SER A 16 6.02 7.89 -1.70
CA SER A 16 5.39 6.68 -2.22
C SER A 16 5.61 5.52 -1.25
N ARG A 17 4.60 5.28 -0.43
CA ARG A 17 4.67 4.21 0.54
C ARG A 17 3.33 3.48 0.63
N VAL A 18 3.40 2.15 0.61
CA VAL A 18 2.20 1.34 0.68
C VAL A 18 2.27 0.44 1.92
N PHE A 19 1.18 0.39 2.64
CA PHE A 19 1.11 -0.42 3.85
C PHE A 19 0.31 -1.70 3.60
N ILE A 20 1.04 -2.78 3.37
CA ILE A 20 0.42 -4.06 3.11
C ILE A 20 0.08 -4.74 4.44
N GLY A 21 -1.21 -4.91 4.68
CA GLY A 21 -1.66 -5.54 5.91
C GLY A 21 -2.27 -6.92 5.63
N ASN A 22 -2.65 -7.59 6.71
CA ASN A 22 -3.24 -8.91 6.59
C ASN A 22 -2.49 -9.71 5.52
N LEU A 23 -1.17 -9.57 5.55
CA LEU A 23 -0.33 -10.27 4.59
C LEU A 23 0.14 -11.60 5.20
N ASN A 24 -0.32 -12.69 4.60
CA ASN A 24 0.04 -14.01 5.07
C ASN A 24 1.52 -14.26 4.79
N THR A 25 2.35 -13.50 5.49
CA THR A 25 3.79 -13.63 5.34
C THR A 25 4.24 -15.06 5.65
N LEU A 26 3.34 -15.79 6.31
CA LEU A 26 3.63 -17.18 6.68
C LEU A 26 3.69 -18.03 5.42
N VAL A 27 3.23 -17.45 4.32
CA VAL A 27 3.23 -18.16 3.05
C VAL A 27 3.76 -17.22 1.95
N VAL A 28 3.17 -16.03 1.90
CA VAL A 28 3.58 -15.05 0.91
C VAL A 28 4.98 -14.54 1.25
N LYS A 29 5.78 -14.39 0.20
CA LYS A 29 7.15 -13.91 0.37
C LYS A 29 7.24 -12.46 -0.12
N LYS A 30 8.45 -11.93 -0.05
CA LYS A 30 8.68 -10.56 -0.47
C LYS A 30 8.67 -10.49 -2.00
N SER A 31 9.21 -11.54 -2.61
CA SER A 31 9.27 -11.61 -4.06
C SER A 31 7.86 -11.68 -4.63
N ASP A 32 6.93 -12.17 -3.82
CA ASP A 32 5.55 -12.28 -4.23
C ASP A 32 4.88 -10.91 -4.16
N VAL A 33 5.31 -10.13 -3.18
CA VAL A 33 4.76 -8.79 -2.99
C VAL A 33 5.60 -7.79 -3.79
N GLU A 34 6.75 -8.26 -4.23
CA GLU A 34 7.65 -7.42 -5.00
C GLU A 34 7.35 -7.54 -6.50
N ALA A 35 7.05 -8.76 -6.92
CA ALA A 35 6.74 -9.03 -8.31
C ALA A 35 5.30 -8.61 -8.59
N ILE A 36 4.41 -9.07 -7.72
CA ILE A 36 2.99 -8.75 -7.87
C ILE A 36 2.81 -7.23 -7.92
N PHE A 37 3.69 -6.54 -7.20
CA PHE A 37 3.65 -5.09 -7.16
C PHE A 37 4.57 -4.48 -8.20
N SER A 38 5.44 -5.32 -8.74
CA SER A 38 6.39 -4.87 -9.75
C SER A 38 5.63 -4.46 -11.02
N LYS A 39 4.36 -4.80 -11.04
CA LYS A 39 3.51 -4.47 -12.19
C LYS A 39 2.84 -3.12 -11.96
N TYR A 40 2.60 -2.83 -10.69
CA TYR A 40 1.96 -1.58 -10.32
C TYR A 40 2.98 -0.44 -10.26
N GLY A 41 4.21 -0.77 -10.61
CA GLY A 41 5.29 0.20 -10.61
C GLY A 41 6.58 -0.40 -10.03
N LYS A 42 7.69 0.25 -10.36
CA LYS A 42 8.98 -0.21 -9.89
C LYS A 42 9.10 0.07 -8.39
N ILE A 43 9.57 -0.93 -7.66
CA ILE A 43 9.73 -0.81 -6.22
C ILE A 43 11.16 -0.37 -5.90
N VAL A 44 11.27 0.59 -5.01
CA VAL A 44 12.57 1.11 -4.62
C VAL A 44 12.92 0.60 -3.22
N GLY A 45 11.88 0.33 -2.44
CA GLY A 45 12.07 -0.17 -1.09
C GLY A 45 10.80 -0.87 -0.59
N CYS A 46 10.95 -2.14 -0.26
CA CYS A 46 9.84 -2.93 0.23
C CYS A 46 10.31 -3.69 1.48
N SER A 47 9.35 -3.99 2.35
CA SER A 47 9.64 -4.71 3.57
C SER A 47 8.43 -5.55 3.99
N VAL A 48 8.73 -6.68 4.62
CA VAL A 48 7.67 -7.58 5.07
C VAL A 48 7.92 -7.94 6.54
N HIS A 49 6.95 -7.60 7.37
CA HIS A 49 7.04 -7.89 8.78
C HIS A 49 5.91 -8.83 9.20
N LYS A 50 6.28 -9.88 9.91
CA LYS A 50 5.31 -10.87 10.37
C LYS A 50 4.04 -10.14 10.84
N GLY A 51 3.06 -10.09 9.95
CA GLY A 51 1.80 -9.44 10.26
C GLY A 51 1.39 -8.48 9.14
N PHE A 52 2.40 -7.81 8.57
CA PHE A 52 2.16 -6.87 7.49
C PHE A 52 3.40 -6.71 6.63
N ALA A 53 3.33 -5.72 5.74
CA ALA A 53 4.44 -5.45 4.84
C ALA A 53 4.31 -4.04 4.27
N PHE A 54 5.39 -3.58 3.66
CA PHE A 54 5.40 -2.24 3.08
C PHE A 54 6.06 -2.25 1.69
N VAL A 55 5.63 -1.32 0.86
CA VAL A 55 6.17 -1.20 -0.49
C VAL A 55 6.38 0.27 -0.83
N GLN A 56 7.50 0.54 -1.46
CA GLN A 56 7.83 1.90 -1.86
C GLN A 56 8.10 1.98 -3.36
N TYR A 57 7.11 2.49 -4.08
CA TYR A 57 7.23 2.62 -5.52
C TYR A 57 8.09 3.82 -5.89
N VAL A 58 8.40 3.91 -7.18
CA VAL A 58 9.21 5.00 -7.68
C VAL A 58 8.40 6.31 -7.63
N ASN A 59 7.09 6.14 -7.64
CA ASN A 59 6.19 7.28 -7.59
C ASN A 59 4.88 6.88 -6.91
N GLU A 60 4.34 7.82 -6.15
CA GLU A 60 3.09 7.57 -5.44
C GLU A 60 2.02 7.03 -6.39
N ARG A 61 1.90 7.70 -7.52
CA ARG A 61 0.92 7.30 -8.52
C ARG A 61 0.86 5.78 -8.62
N ASN A 62 2.04 5.17 -8.68
CA ASN A 62 2.13 3.72 -8.77
C ASN A 62 1.62 3.10 -7.48
N ALA A 63 2.08 3.65 -6.36
CA ALA A 63 1.68 3.16 -5.06
C ALA A 63 0.16 3.04 -5.01
N ARG A 64 -0.50 4.18 -5.10
CA ARG A 64 -1.95 4.23 -5.06
C ARG A 64 -2.53 3.17 -6.01
N ALA A 65 -1.85 2.99 -7.13
CA ALA A 65 -2.29 2.02 -8.13
C ALA A 65 -2.51 0.68 -7.44
N ALA A 66 -1.43 0.15 -6.89
CA ALA A 66 -1.48 -1.14 -6.21
C ALA A 66 -2.48 -1.05 -5.05
N VAL A 67 -2.27 -0.06 -4.20
CA VAL A 67 -3.13 0.14 -3.06
C VAL A 67 -4.60 0.05 -3.51
N ALA A 68 -4.81 0.37 -4.77
CA ALA A 68 -6.15 0.33 -5.33
C ALA A 68 -6.37 -1.03 -6.00
N GLY A 69 -5.30 -1.58 -6.54
CA GLY A 69 -5.36 -2.87 -7.20
C GLY A 69 -5.10 -4.01 -6.22
N GLU A 70 -3.84 -4.14 -5.84
CA GLU A 70 -3.45 -5.19 -4.91
C GLU A 70 -4.53 -5.38 -3.84
N ASP A 71 -4.68 -4.36 -3.01
CA ASP A 71 -5.66 -4.40 -1.95
C ASP A 71 -6.94 -5.06 -2.47
N GLY A 72 -7.24 -6.23 -1.91
CA GLY A 72 -8.41 -6.98 -2.32
C GLY A 72 -8.03 -8.22 -3.11
N ARG A 73 -6.80 -8.67 -2.91
CA ARG A 73 -6.30 -9.83 -3.62
C ARG A 73 -6.27 -11.04 -2.68
N MET A 74 -6.71 -12.18 -3.21
CA MET A 74 -6.74 -13.40 -2.43
C MET A 74 -5.41 -14.14 -2.53
N ILE A 75 -4.54 -13.85 -1.58
CA ILE A 75 -3.23 -14.49 -1.54
C ILE A 75 -3.23 -15.57 -0.46
N ALA A 76 -2.99 -16.80 -0.90
CA ALA A 76 -2.95 -17.93 0.01
C ALA A 76 -4.39 -18.34 0.36
N GLY A 77 -5.33 -17.69 -0.29
CA GLY A 77 -6.74 -17.97 -0.05
C GLY A 77 -7.38 -16.90 0.83
N GLN A 78 -6.54 -15.96 1.27
CA GLN A 78 -7.00 -14.89 2.11
C GLN A 78 -6.80 -13.54 1.41
N VAL A 79 -7.67 -12.60 1.75
CA VAL A 79 -7.61 -11.27 1.17
C VAL A 79 -6.51 -10.46 1.86
N LEU A 80 -5.91 -9.55 1.11
CA LEU A 80 -4.85 -8.71 1.64
C LEU A 80 -5.39 -7.30 1.87
N ASP A 81 -5.17 -6.80 3.08
CA ASP A 81 -5.61 -5.47 3.44
C ASP A 81 -4.46 -4.48 3.27
N ILE A 82 -4.49 -3.77 2.16
CA ILE A 82 -3.45 -2.79 1.88
C ILE A 82 -4.07 -1.38 1.88
N ASN A 83 -3.23 -0.40 2.13
CA ASN A 83 -3.67 0.98 2.17
C ASN A 83 -2.47 1.91 1.96
N LEU A 84 -2.77 3.15 1.61
CA LEU A 84 -1.73 4.14 1.37
C LEU A 84 -1.23 4.67 2.72
N ALA A 85 0.08 4.80 2.82
CA ALA A 85 0.69 5.29 4.04
C ALA A 85 0.34 6.78 4.22
N ALA A 86 -0.90 7.01 4.58
CA ALA A 86 -1.38 8.37 4.78
C ALA A 86 -2.71 8.35 5.54
N GLU A 87 -3.62 7.51 5.04
CA GLU A 87 -4.92 7.38 5.66
C GLU A 87 -5.13 5.95 6.15
N PRO A 88 -4.90 5.75 7.48
CA PRO A 88 -5.07 4.44 8.07
C PRO A 88 -6.54 4.09 8.25
N LYS A 89 -6.89 2.87 7.85
CA LYS A 89 -8.26 2.40 7.95
C LYS A 89 -8.54 2.00 9.40
N VAL A 90 -8.36 2.95 10.30
CA VAL A 90 -8.59 2.69 11.71
C VAL A 90 -10.06 2.97 12.04
N ASN A 91 -10.55 2.26 13.04
CA ASN A 91 -11.94 2.43 13.47
C ASN A 91 -11.99 3.30 14.72
N ARG A 92 -12.25 4.58 14.50
CA ARG A 92 -12.34 5.53 15.59
C ARG A 92 -13.30 6.66 15.24
N SER A 93 -13.02 7.30 14.11
CA SER A 93 -13.85 8.40 13.65
C SER A 93 -13.27 8.99 12.36
N GLY A 94 -12.02 9.44 12.46
CA GLY A 94 -11.34 10.02 11.31
C GLY A 94 -10.28 11.02 11.75
N PRO A 95 -9.06 10.87 11.18
CA PRO A 95 -7.96 11.75 11.51
C PRO A 95 -8.14 13.12 10.84
N SER A 96 -7.95 14.16 11.65
CA SER A 96 -8.09 15.51 11.16
C SER A 96 -7.12 15.76 10.01
N SER A 97 -7.30 16.89 9.34
CA SER A 97 -6.45 17.24 8.22
C SER A 97 -5.34 18.18 8.69
N GLY A 98 -5.76 19.32 9.24
CA GLY A 98 -4.80 20.30 9.74
C GLY A 98 -4.93 21.62 8.97
N GLY A 1 -13.01 21.19 -19.01
CA GLY A 1 -11.91 22.16 -19.01
C GLY A 1 -12.05 23.16 -17.87
N SER A 2 -12.05 22.64 -16.66
CA SER A 2 -12.19 23.48 -15.48
C SER A 2 -10.86 23.52 -14.71
N SER A 3 -10.52 24.71 -14.26
CA SER A 3 -9.29 24.91 -13.52
C SER A 3 -8.09 24.53 -14.38
N GLY A 4 -6.91 24.94 -13.93
CA GLY A 4 -5.68 24.65 -14.65
C GLY A 4 -5.34 23.16 -14.57
N SER A 5 -5.13 22.70 -13.34
CA SER A 5 -4.79 21.31 -13.11
C SER A 5 -3.40 21.01 -13.68
N SER A 6 -3.33 20.98 -15.01
CA SER A 6 -2.08 20.70 -15.70
C SER A 6 -0.97 21.57 -15.10
N GLY A 7 0.12 20.90 -14.73
CA GLY A 7 1.26 21.59 -14.15
C GLY A 7 2.54 21.31 -14.95
N LYS A 8 3.66 21.66 -14.36
CA LYS A 8 4.95 21.45 -15.01
C LYS A 8 6.06 21.57 -13.95
N THR A 9 6.90 20.55 -13.92
CA THR A 9 8.01 20.52 -12.98
C THR A 9 7.48 20.58 -11.53
N ASP A 10 7.76 19.51 -10.80
CA ASP A 10 7.33 19.42 -9.41
C ASP A 10 8.49 19.81 -8.50
N PRO A 11 8.13 20.44 -7.36
CA PRO A 11 9.13 20.86 -6.39
C PRO A 11 9.66 19.66 -5.59
N ARG A 12 10.18 18.69 -6.32
CA ARG A 12 10.72 17.49 -5.70
C ARG A 12 9.70 16.89 -4.75
N SER A 13 9.03 15.85 -5.24
CA SER A 13 8.02 15.17 -4.43
C SER A 13 8.39 13.70 -4.28
N MET A 14 8.33 13.23 -3.04
CA MET A 14 8.64 11.85 -2.74
C MET A 14 7.77 11.31 -1.61
N ASN A 15 6.57 10.89 -1.99
CA ASN A 15 5.62 10.35 -1.02
C ASN A 15 4.94 9.11 -1.61
N SER A 16 5.67 8.02 -1.61
CA SER A 16 5.16 6.76 -2.14
C SER A 16 5.43 5.63 -1.15
N ARG A 17 4.38 5.27 -0.41
CA ARG A 17 4.49 4.20 0.58
C ARG A 17 3.17 3.46 0.70
N VAL A 18 3.25 2.15 0.57
CA VAL A 18 2.06 1.31 0.67
C VAL A 18 2.16 0.44 1.93
N PHE A 19 1.06 0.41 2.66
CA PHE A 19 1.00 -0.38 3.89
C PHE A 19 0.24 -1.69 3.67
N ILE A 20 0.99 -2.75 3.46
CA ILE A 20 0.40 -4.06 3.24
C ILE A 20 0.09 -4.71 4.59
N GLY A 21 -1.21 -4.91 4.82
CA GLY A 21 -1.66 -5.52 6.06
C GLY A 21 -2.37 -6.84 5.79
N ASN A 22 -2.40 -7.69 6.82
CA ASN A 22 -3.04 -8.98 6.70
C ASN A 22 -2.31 -9.82 5.65
N LEU A 23 -1.00 -9.65 5.60
CA LEU A 23 -0.18 -10.38 4.65
C LEU A 23 0.24 -11.72 5.26
N ASN A 24 -0.26 -12.79 4.65
CA ASN A 24 0.05 -14.12 5.12
C ASN A 24 1.52 -14.44 4.82
N THR A 25 2.39 -13.67 5.46
CA THR A 25 3.82 -13.85 5.26
C THR A 25 4.21 -15.31 5.54
N LEU A 26 3.34 -16.00 6.26
CA LEU A 26 3.58 -17.39 6.60
C LEU A 26 3.57 -18.23 5.31
N VAL A 27 3.10 -17.61 4.24
CA VAL A 27 3.04 -18.29 2.95
C VAL A 27 3.57 -17.36 1.87
N VAL A 28 3.09 -16.13 1.89
CA VAL A 28 3.50 -15.13 0.92
C VAL A 28 4.94 -14.69 1.23
N LYS A 29 5.72 -14.57 0.17
CA LYS A 29 7.11 -14.15 0.31
C LYS A 29 7.24 -12.69 -0.10
N LYS A 30 8.48 -12.21 -0.06
CA LYS A 30 8.76 -10.83 -0.42
C LYS A 30 8.67 -10.68 -1.94
N SER A 31 9.27 -11.63 -2.63
CA SER A 31 9.28 -11.62 -4.08
C SER A 31 7.84 -11.71 -4.60
N ASP A 32 6.97 -12.22 -3.75
CA ASP A 32 5.57 -12.37 -4.12
C ASP A 32 4.87 -11.00 -4.02
N VAL A 33 5.38 -10.19 -3.10
CA VAL A 33 4.82 -8.86 -2.89
C VAL A 33 5.60 -7.85 -3.73
N GLU A 34 6.78 -8.28 -4.18
CA GLU A 34 7.63 -7.42 -4.98
C GLU A 34 7.31 -7.59 -6.47
N ALA A 35 7.02 -8.83 -6.85
CA ALA A 35 6.69 -9.13 -8.22
C ALA A 35 5.24 -8.72 -8.50
N ILE A 36 4.36 -9.14 -7.60
CA ILE A 36 2.95 -8.83 -7.72
C ILE A 36 2.76 -7.31 -7.80
N PHE A 37 3.64 -6.61 -7.09
CA PHE A 37 3.59 -5.15 -7.07
C PHE A 37 4.50 -4.55 -8.14
N SER A 38 5.36 -5.41 -8.68
CA SER A 38 6.29 -4.97 -9.71
C SER A 38 5.53 -4.57 -10.97
N LYS A 39 4.24 -4.90 -10.98
CA LYS A 39 3.39 -4.58 -12.11
C LYS A 39 2.64 -3.28 -11.83
N TYR A 40 2.83 -2.78 -10.61
CA TYR A 40 2.18 -1.55 -10.21
C TYR A 40 3.20 -0.41 -10.05
N GLY A 41 4.37 -0.64 -10.63
CA GLY A 41 5.44 0.36 -10.56
C GLY A 41 6.72 -0.27 -9.99
N LYS A 42 7.83 0.41 -10.26
CA LYS A 42 9.13 -0.05 -9.79
C LYS A 42 9.22 0.18 -8.28
N ILE A 43 9.62 -0.87 -7.58
CA ILE A 43 9.77 -0.78 -6.13
C ILE A 43 11.21 -0.39 -5.78
N VAL A 44 11.31 0.55 -4.86
CA VAL A 44 12.62 1.03 -4.43
C VAL A 44 12.89 0.54 -3.00
N GLY A 45 11.81 0.36 -2.25
CA GLY A 45 11.92 -0.10 -0.88
C GLY A 45 10.70 -0.93 -0.49
N CYS A 46 10.97 -2.19 -0.13
CA CYS A 46 9.92 -3.10 0.27
C CYS A 46 10.35 -3.79 1.56
N SER A 47 9.37 -4.07 2.41
CA SER A 47 9.62 -4.72 3.68
C SER A 47 8.42 -5.57 4.09
N VAL A 48 8.70 -6.82 4.43
CA VAL A 48 7.65 -7.74 4.84
C VAL A 48 7.90 -8.18 6.29
N HIS A 49 6.95 -7.83 7.15
CA HIS A 49 7.06 -8.18 8.55
C HIS A 49 5.92 -9.13 8.92
N LYS A 50 6.28 -10.18 9.64
CA LYS A 50 5.30 -11.17 10.08
C LYS A 50 4.07 -10.45 10.64
N GLY A 51 3.07 -10.29 9.78
CA GLY A 51 1.85 -9.62 10.17
C GLY A 51 1.43 -8.58 9.14
N PHE A 52 2.43 -8.01 8.48
CA PHE A 52 2.19 -7.00 7.46
C PHE A 52 3.40 -6.82 6.56
N ALA A 53 3.38 -5.74 5.79
CA ALA A 53 4.48 -5.44 4.89
C ALA A 53 4.30 -4.03 4.33
N PHE A 54 5.41 -3.47 3.84
CA PHE A 54 5.38 -2.14 3.27
C PHE A 54 6.12 -2.10 1.93
N VAL A 55 5.56 -1.34 1.00
CA VAL A 55 6.16 -1.22 -0.31
C VAL A 55 6.38 0.27 -0.62
N GLN A 56 7.42 0.52 -1.41
CA GLN A 56 7.75 1.88 -1.79
C GLN A 56 8.04 1.97 -3.29
N TYR A 57 7.09 2.55 -4.00
CA TYR A 57 7.23 2.70 -5.44
C TYR A 57 8.07 3.93 -5.79
N VAL A 58 8.40 4.03 -7.07
CA VAL A 58 9.20 5.15 -7.54
C VAL A 58 8.35 6.43 -7.50
N ASN A 59 7.09 6.27 -7.83
CA ASN A 59 6.17 7.40 -7.85
C ASN A 59 4.92 7.04 -7.03
N GLU A 60 4.15 8.07 -6.71
CA GLU A 60 2.93 7.87 -5.93
C GLU A 60 1.84 7.26 -6.82
N ARG A 61 1.56 7.92 -7.92
CA ARG A 61 0.55 7.46 -8.84
C ARG A 61 0.65 5.95 -9.02
N ASN A 62 1.87 5.44 -8.87
CA ASN A 62 2.11 4.01 -9.01
C ASN A 62 1.67 3.30 -7.73
N ALA A 63 2.12 3.83 -6.60
CA ALA A 63 1.78 3.26 -5.32
C ALA A 63 0.26 3.13 -5.20
N ARG A 64 -0.40 4.29 -5.20
CA ARG A 64 -1.85 4.32 -5.10
C ARG A 64 -2.47 3.26 -6.01
N ALA A 65 -1.82 3.05 -7.15
CA ALA A 65 -2.30 2.07 -8.10
C ALA A 65 -2.50 0.73 -7.40
N ALA A 66 -1.39 0.18 -6.91
CA ALA A 66 -1.44 -1.09 -6.21
C ALA A 66 -2.43 -1.00 -5.05
N VAL A 67 -2.24 0.03 -4.24
CA VAL A 67 -3.10 0.25 -3.09
C VAL A 67 -4.56 0.11 -3.52
N ALA A 68 -4.80 0.40 -4.78
CA ALA A 68 -6.15 0.32 -5.33
C ALA A 68 -6.34 -1.06 -5.97
N GLY A 69 -5.27 -1.57 -6.54
CA GLY A 69 -5.30 -2.87 -7.19
C GLY A 69 -5.07 -4.00 -6.18
N GLU A 70 -3.82 -4.13 -5.77
CA GLU A 70 -3.45 -5.15 -4.81
C GLU A 70 -4.54 -5.30 -3.75
N ASP A 71 -4.64 -4.29 -2.89
CA ASP A 71 -5.62 -4.30 -1.83
C ASP A 71 -6.93 -4.92 -2.36
N GLY A 72 -7.31 -6.01 -1.73
CA GLY A 72 -8.52 -6.72 -2.13
C GLY A 72 -8.20 -7.96 -2.95
N ARG A 73 -7.02 -8.51 -2.70
CA ARG A 73 -6.58 -9.69 -3.41
C ARG A 73 -6.55 -10.90 -2.47
N MET A 74 -6.99 -12.03 -2.98
CA MET A 74 -7.02 -13.25 -2.19
C MET A 74 -5.71 -14.04 -2.36
N ILE A 75 -4.78 -13.75 -1.45
CA ILE A 75 -3.49 -14.42 -1.49
C ILE A 75 -3.43 -15.48 -0.38
N ALA A 76 -3.28 -16.72 -0.79
CA ALA A 76 -3.21 -17.83 0.15
C ALA A 76 -4.63 -18.23 0.54
N GLY A 77 -5.60 -17.50 0.02
CA GLY A 77 -7.00 -17.77 0.30
C GLY A 77 -7.60 -16.68 1.18
N GLN A 78 -6.75 -15.73 1.56
CA GLN A 78 -7.18 -14.62 2.39
C GLN A 78 -7.00 -13.29 1.64
N VAL A 79 -7.84 -12.33 2.00
CA VAL A 79 -7.77 -11.02 1.38
C VAL A 79 -6.67 -10.19 2.05
N LEU A 80 -5.94 -9.45 1.22
CA LEU A 80 -4.86 -8.62 1.71
C LEU A 80 -5.38 -7.20 1.94
N ASP A 81 -5.15 -6.71 3.15
CA ASP A 81 -5.60 -5.38 3.51
C ASP A 81 -4.43 -4.39 3.34
N ILE A 82 -4.46 -3.67 2.23
CA ILE A 82 -3.42 -2.71 1.92
C ILE A 82 -4.04 -1.31 1.87
N ASN A 83 -3.20 -0.31 2.10
CA ASN A 83 -3.64 1.07 2.07
C ASN A 83 -2.43 1.98 1.89
N LEU A 84 -2.71 3.22 1.49
CA LEU A 84 -1.66 4.20 1.28
C LEU A 84 -1.22 4.75 2.63
N ALA A 85 0.10 4.86 2.79
CA ALA A 85 0.66 5.37 4.03
C ALA A 85 0.34 6.86 4.15
N ALA A 86 -0.92 7.14 4.47
CA ALA A 86 -1.36 8.52 4.61
C ALA A 86 -2.65 8.54 5.42
N GLU A 87 -3.62 7.75 4.98
CA GLU A 87 -4.90 7.68 5.65
C GLU A 87 -5.11 6.28 6.24
N PRO A 88 -4.77 6.15 7.55
CA PRO A 88 -4.92 4.88 8.25
C PRO A 88 -6.39 4.60 8.57
N LYS A 89 -7.21 5.61 8.35
CA LYS A 89 -8.63 5.48 8.61
C LYS A 89 -8.85 4.76 9.94
N VAL A 90 -8.13 5.24 10.95
CA VAL A 90 -8.23 4.66 12.27
C VAL A 90 -9.31 5.40 13.07
N ASN A 91 -10.20 4.62 13.68
CA ASN A 91 -11.28 5.18 14.47
C ASN A 91 -11.94 4.07 15.28
N ARG A 92 -12.24 4.39 16.54
CA ARG A 92 -12.87 3.44 17.43
C ARG A 92 -14.05 2.76 16.73
N SER A 93 -15.01 3.59 16.32
CA SER A 93 -16.19 3.09 15.65
C SER A 93 -16.27 3.68 14.23
N GLY A 94 -16.25 5.00 14.17
CA GLY A 94 -16.33 5.69 12.90
C GLY A 94 -17.77 6.09 12.57
N PRO A 95 -18.04 6.21 11.24
CA PRO A 95 -19.37 6.59 10.78
C PRO A 95 -20.34 5.41 10.90
N SER A 96 -20.57 5.00 12.14
CA SER A 96 -21.47 3.90 12.40
C SER A 96 -22.67 4.38 13.22
N SER A 97 -23.85 4.23 12.64
CA SER A 97 -25.08 4.65 13.31
C SER A 97 -26.26 3.88 12.74
N GLY A 98 -26.54 2.73 13.35
CA GLY A 98 -27.65 1.90 12.91
C GLY A 98 -28.90 2.17 13.75
N GLY A 1 -3.17 30.60 14.40
CA GLY A 1 -1.88 30.96 13.84
C GLY A 1 -1.76 30.47 12.39
N SER A 2 -1.04 29.38 12.21
CA SER A 2 -0.84 28.81 10.89
C SER A 2 -1.33 27.36 10.87
N SER A 3 -2.62 27.21 10.59
CA SER A 3 -3.22 25.90 10.53
C SER A 3 -2.31 24.93 9.77
N GLY A 4 -2.56 23.65 9.98
CA GLY A 4 -1.77 22.62 9.32
C GLY A 4 -0.29 23.03 9.25
N SER A 5 0.13 23.41 8.06
CA SER A 5 1.51 23.81 7.85
C SER A 5 2.44 22.64 8.11
N SER A 6 3.58 22.67 7.43
CA SER A 6 4.57 21.61 7.58
C SER A 6 5.98 22.19 7.46
N GLY A 7 6.22 22.86 6.34
CA GLY A 7 7.51 23.47 6.09
C GLY A 7 7.66 23.86 4.61
N LYS A 8 7.79 22.83 3.78
CA LYS A 8 7.94 23.05 2.35
C LYS A 8 6.59 22.81 1.66
N THR A 9 6.04 23.90 1.13
CA THR A 9 4.76 23.83 0.45
C THR A 9 4.93 23.20 -0.94
N ASP A 10 4.77 21.89 -0.98
CA ASP A 10 4.90 21.16 -2.22
C ASP A 10 3.72 20.20 -2.38
N PRO A 11 3.29 20.02 -3.66
CA PRO A 11 2.17 19.14 -3.96
C PRO A 11 2.59 17.67 -3.86
N ARG A 12 3.75 17.38 -4.45
CA ARG A 12 4.27 16.03 -4.42
C ARG A 12 5.70 16.00 -4.98
N SER A 13 6.56 15.29 -4.26
CA SER A 13 7.95 15.18 -4.67
C SER A 13 8.46 13.76 -4.44
N MET A 14 8.30 13.31 -3.20
CA MET A 14 8.74 11.97 -2.83
C MET A 14 7.89 11.43 -1.67
N ASN A 15 6.72 10.92 -2.02
CA ASN A 15 5.82 10.37 -1.03
C ASN A 15 5.07 9.18 -1.63
N SER A 16 5.78 8.07 -1.73
CA SER A 16 5.20 6.85 -2.28
C SER A 16 5.41 5.68 -1.31
N ARG A 17 4.38 5.40 -0.53
CA ARG A 17 4.44 4.32 0.43
C ARG A 17 3.14 3.52 0.41
N VAL A 18 3.28 2.22 0.65
CA VAL A 18 2.12 1.33 0.66
C VAL A 18 2.20 0.43 1.89
N PHE A 19 1.12 0.42 2.64
CA PHE A 19 1.04 -0.40 3.85
C PHE A 19 0.28 -1.70 3.58
N ILE A 20 1.05 -2.76 3.36
CA ILE A 20 0.48 -4.07 3.09
C ILE A 20 0.14 -4.76 4.41
N GLY A 21 -1.15 -4.96 4.63
CA GLY A 21 -1.62 -5.61 5.85
C GLY A 21 -2.26 -6.96 5.54
N ASN A 22 -2.44 -7.75 6.59
CA ASN A 22 -3.05 -9.06 6.44
C ASN A 22 -2.23 -9.89 5.45
N LEU A 23 -0.92 -9.66 5.48
CA LEU A 23 -0.02 -10.39 4.59
C LEU A 23 0.33 -11.74 5.22
N ASN A 24 -0.12 -12.79 4.56
CA ASN A 24 0.14 -14.14 5.05
C ASN A 24 1.61 -14.49 4.80
N THR A 25 2.49 -13.73 5.44
CA THR A 25 3.92 -13.95 5.30
C THR A 25 4.26 -15.43 5.52
N LEU A 26 3.36 -16.11 6.21
CA LEU A 26 3.55 -17.52 6.50
C LEU A 26 3.50 -18.31 5.18
N VAL A 27 3.05 -17.63 4.14
CA VAL A 27 2.94 -18.26 2.83
C VAL A 27 3.49 -17.30 1.77
N VAL A 28 3.04 -16.06 1.85
CA VAL A 28 3.47 -15.03 0.91
C VAL A 28 4.90 -14.58 1.27
N LYS A 29 5.69 -14.37 0.24
CA LYS A 29 7.07 -13.95 0.42
C LYS A 29 7.21 -12.50 -0.07
N LYS A 30 8.44 -12.01 0.01
CA LYS A 30 8.73 -10.65 -0.42
C LYS A 30 8.71 -10.58 -1.94
N SER A 31 9.25 -11.63 -2.56
CA SER A 31 9.29 -11.70 -4.01
C SER A 31 7.88 -11.78 -4.57
N ASP A 32 6.97 -12.26 -3.74
CA ASP A 32 5.58 -12.40 -4.14
C ASP A 32 4.90 -11.02 -4.09
N VAL A 33 5.32 -10.24 -3.11
CA VAL A 33 4.77 -8.90 -2.94
C VAL A 33 5.60 -7.91 -3.75
N GLU A 34 6.76 -8.37 -4.18
CA GLU A 34 7.65 -7.53 -4.97
C GLU A 34 7.35 -7.68 -6.47
N ALA A 35 7.03 -8.92 -6.85
CA ALA A 35 6.73 -9.21 -8.23
C ALA A 35 5.28 -8.81 -8.53
N ILE A 36 4.42 -9.05 -7.54
CA ILE A 36 3.01 -8.71 -7.68
C ILE A 36 2.86 -7.20 -7.76
N PHE A 37 3.72 -6.49 -7.04
CA PHE A 37 3.70 -5.05 -7.02
C PHE A 37 4.65 -4.47 -8.06
N SER A 38 5.49 -5.33 -8.59
CA SER A 38 6.45 -4.93 -9.60
C SER A 38 5.73 -4.46 -10.86
N LYS A 39 4.53 -5.00 -11.05
CA LYS A 39 3.73 -4.65 -12.21
C LYS A 39 3.09 -3.28 -11.99
N TYR A 40 2.59 -3.08 -10.78
CA TYR A 40 1.95 -1.83 -10.42
C TYR A 40 2.95 -0.68 -10.48
N GLY A 41 4.22 -1.03 -10.60
CA GLY A 41 5.28 -0.04 -10.68
C GLY A 41 6.58 -0.59 -10.09
N LYS A 42 7.65 0.18 -10.29
CA LYS A 42 8.95 -0.22 -9.78
C LYS A 42 9.02 0.04 -8.28
N ILE A 43 9.61 -0.91 -7.57
CA ILE A 43 9.74 -0.79 -6.13
C ILE A 43 11.17 -0.36 -5.78
N VAL A 44 11.26 0.61 -4.89
CA VAL A 44 12.55 1.12 -4.47
C VAL A 44 12.84 0.64 -3.04
N GLY A 45 11.77 0.43 -2.29
CA GLY A 45 11.90 -0.02 -0.92
C GLY A 45 10.67 -0.85 -0.49
N CYS A 46 10.92 -2.10 -0.17
CA CYS A 46 9.85 -2.98 0.26
C CYS A 46 10.30 -3.71 1.53
N SER A 47 9.32 -4.00 2.38
CA SER A 47 9.61 -4.69 3.63
C SER A 47 8.41 -5.55 4.04
N VAL A 48 8.71 -6.72 4.57
CA VAL A 48 7.67 -7.63 5.01
C VAL A 48 7.93 -8.05 6.46
N HIS A 49 6.96 -7.73 7.31
CA HIS A 49 7.08 -8.05 8.72
C HIS A 49 5.95 -9.00 9.11
N LYS A 50 6.32 -10.08 9.79
CA LYS A 50 5.34 -11.06 10.24
C LYS A 50 4.09 -10.34 10.74
N GLY A 51 3.11 -10.26 9.86
CA GLY A 51 1.85 -9.62 10.20
C GLY A 51 1.44 -8.62 9.11
N PHE A 52 2.43 -7.95 8.55
CA PHE A 52 2.19 -6.98 7.50
C PHE A 52 3.43 -6.76 6.64
N ALA A 53 3.35 -5.78 5.78
CA ALA A 53 4.47 -5.45 4.90
C ALA A 53 4.29 -4.04 4.34
N PHE A 54 5.35 -3.53 3.75
CA PHE A 54 5.33 -2.19 3.18
C PHE A 54 6.10 -2.15 1.86
N VAL A 55 5.54 -1.41 0.91
CA VAL A 55 6.16 -1.27 -0.40
C VAL A 55 6.35 0.21 -0.72
N GLN A 56 7.42 0.50 -1.45
CA GLN A 56 7.72 1.86 -1.84
C GLN A 56 8.01 1.94 -3.34
N TYR A 57 7.04 2.47 -4.07
CA TYR A 57 7.18 2.61 -5.51
C TYR A 57 8.02 3.84 -5.86
N VAL A 58 8.42 3.89 -7.12
CA VAL A 58 9.24 5.00 -7.60
C VAL A 58 8.43 6.30 -7.48
N ASN A 59 7.14 6.18 -7.75
CA ASN A 59 6.26 7.33 -7.68
C ASN A 59 5.05 6.99 -6.81
N GLU A 60 4.22 8.00 -6.58
CA GLU A 60 3.03 7.82 -5.77
C GLU A 60 1.90 7.21 -6.59
N ARG A 61 1.65 7.83 -7.73
CA ARG A 61 0.60 7.36 -8.62
C ARG A 61 0.71 5.84 -8.82
N ASN A 62 1.95 5.38 -8.87
CA ASN A 62 2.22 3.96 -9.06
C ASN A 62 1.78 3.20 -7.81
N ALA A 63 2.19 3.71 -6.65
CA ALA A 63 1.85 3.10 -5.40
C ALA A 63 0.33 3.02 -5.26
N ARG A 64 -0.28 4.20 -5.20
CA ARG A 64 -1.73 4.29 -5.07
C ARG A 64 -2.41 3.27 -5.99
N ALA A 65 -1.74 3.00 -7.12
CA ALA A 65 -2.27 2.06 -8.08
C ALA A 65 -2.55 0.72 -7.38
N ALA A 66 -1.50 0.14 -6.83
CA ALA A 66 -1.62 -1.13 -6.12
C ALA A 66 -2.56 -0.95 -4.93
N VAL A 67 -2.26 0.06 -4.12
CA VAL A 67 -3.07 0.34 -2.95
C VAL A 67 -4.55 0.27 -3.33
N ALA A 68 -4.82 0.56 -4.59
CA ALA A 68 -6.19 0.54 -5.09
C ALA A 68 -6.48 -0.83 -5.71
N GLY A 69 -5.44 -1.41 -6.30
CA GLY A 69 -5.56 -2.70 -6.93
C GLY A 69 -5.33 -3.83 -5.93
N GLU A 70 -4.07 -4.00 -5.56
CA GLU A 70 -3.70 -5.04 -4.61
C GLU A 70 -4.77 -5.18 -3.54
N ASP A 71 -4.87 -4.17 -2.69
CA ASP A 71 -5.85 -4.17 -1.62
C ASP A 71 -7.16 -4.78 -2.14
N GLY A 72 -7.45 -5.97 -1.64
CA GLY A 72 -8.67 -6.67 -2.04
C GLY A 72 -8.34 -7.91 -2.87
N ARG A 73 -7.10 -8.36 -2.72
CA ARG A 73 -6.65 -9.55 -3.44
C ARG A 73 -6.57 -10.75 -2.50
N MET A 74 -7.07 -11.87 -2.99
CA MET A 74 -7.06 -13.10 -2.21
C MET A 74 -5.76 -13.87 -2.40
N ILE A 75 -4.86 -13.70 -1.43
CA ILE A 75 -3.57 -14.37 -1.49
C ILE A 75 -3.50 -15.41 -0.37
N ALA A 76 -3.38 -16.67 -0.78
CA ALA A 76 -3.30 -17.76 0.17
C ALA A 76 -4.71 -18.17 0.59
N GLY A 77 -5.68 -17.38 0.14
CA GLY A 77 -7.08 -17.65 0.47
C GLY A 77 -7.67 -16.50 1.28
N GLN A 78 -6.80 -15.58 1.69
CA GLN A 78 -7.23 -14.44 2.46
C GLN A 78 -7.02 -13.15 1.67
N VAL A 79 -7.81 -12.14 2.02
CA VAL A 79 -7.73 -10.86 1.34
C VAL A 79 -6.68 -9.99 2.04
N LEU A 80 -5.81 -9.41 1.22
CA LEU A 80 -4.75 -8.55 1.74
C LEU A 80 -5.30 -7.14 1.95
N ASP A 81 -5.14 -6.65 3.18
CA ASP A 81 -5.61 -5.33 3.52
C ASP A 81 -4.47 -4.32 3.32
N ILE A 82 -4.53 -3.61 2.20
CA ILE A 82 -3.52 -2.63 1.88
C ILE A 82 -4.17 -1.24 1.84
N ASN A 83 -3.35 -0.23 2.14
CA ASN A 83 -3.83 1.14 2.15
C ASN A 83 -2.63 2.09 2.09
N LEU A 84 -2.82 3.17 1.34
CA LEU A 84 -1.76 4.16 1.19
C LEU A 84 -1.44 4.77 2.56
N ALA A 85 -0.16 4.72 2.90
CA ALA A 85 0.29 5.25 4.18
C ALA A 85 0.08 6.76 4.19
N ALA A 86 -1.16 7.15 4.50
CA ALA A 86 -1.51 8.56 4.56
C ALA A 86 -2.91 8.70 5.15
N GLU A 87 -3.88 8.17 4.41
CA GLU A 87 -5.27 8.24 4.84
C GLU A 87 -5.72 6.88 5.39
N PRO A 88 -5.84 6.82 6.75
CA PRO A 88 -6.26 5.59 7.40
C PRO A 88 -7.77 5.37 7.22
N LYS A 89 -8.42 6.36 6.65
CA LYS A 89 -9.85 6.28 6.42
C LYS A 89 -10.53 5.67 7.65
N VAL A 90 -10.17 6.20 8.81
CA VAL A 90 -10.74 5.72 10.05
C VAL A 90 -11.78 6.73 10.56
N ASN A 91 -13.00 6.24 10.70
CA ASN A 91 -14.09 7.08 11.17
C ASN A 91 -14.10 8.39 10.37
N ARG A 92 -14.92 8.39 9.32
CA ARG A 92 -15.03 9.57 8.47
C ARG A 92 -16.11 9.35 7.41
N SER A 93 -16.82 10.42 7.10
CA SER A 93 -17.88 10.36 6.10
C SER A 93 -18.05 11.72 5.44
N GLY A 94 -17.43 11.86 4.27
CA GLY A 94 -17.50 13.10 3.53
C GLY A 94 -18.70 13.10 2.57
N PRO A 95 -19.22 14.33 2.29
CA PRO A 95 -20.35 14.48 1.41
C PRO A 95 -19.95 14.28 -0.05
N SER A 96 -20.81 13.60 -0.79
CA SER A 96 -20.55 13.34 -2.20
C SER A 96 -20.43 14.66 -2.97
N SER A 97 -19.51 14.66 -3.93
CA SER A 97 -19.28 15.85 -4.74
C SER A 97 -19.14 17.08 -3.84
N GLY A 98 -17.91 17.39 -3.49
CA GLY A 98 -17.63 18.53 -2.64
C GLY A 98 -17.42 19.80 -3.47
N GLY A 1 -18.34 13.04 -4.80
CA GLY A 1 -18.37 14.35 -4.17
C GLY A 1 -19.13 15.36 -5.02
N SER A 2 -19.12 16.60 -4.58
CA SER A 2 -19.79 17.67 -5.29
C SER A 2 -18.88 18.89 -5.40
N SER A 3 -19.16 19.70 -6.42
CA SER A 3 -18.36 20.90 -6.64
C SER A 3 -16.97 20.51 -7.14
N GLY A 4 -16.85 20.41 -8.45
CA GLY A 4 -15.57 20.05 -9.06
C GLY A 4 -14.44 20.89 -8.47
N SER A 5 -13.64 20.23 -7.64
CA SER A 5 -12.50 20.90 -7.01
C SER A 5 -11.22 20.61 -7.79
N SER A 6 -10.24 21.47 -7.60
CA SER A 6 -8.96 21.32 -8.28
C SER A 6 -7.82 21.48 -7.28
N GLY A 7 -7.15 20.37 -7.00
CA GLY A 7 -6.04 20.37 -6.06
C GLY A 7 -4.81 21.03 -6.68
N LYS A 8 -3.66 20.73 -6.10
CA LYS A 8 -2.41 21.28 -6.57
C LYS A 8 -1.35 20.17 -6.62
N THR A 9 -0.34 20.40 -7.45
CA THR A 9 0.73 19.44 -7.60
C THR A 9 2.07 20.06 -7.20
N ASP A 10 2.98 19.20 -6.79
CA ASP A 10 4.30 19.66 -6.38
C ASP A 10 5.35 19.14 -7.37
N PRO A 11 6.45 19.94 -7.51
CA PRO A 11 7.52 19.57 -8.42
C PRO A 11 8.37 18.44 -7.84
N ARG A 12 7.73 17.28 -7.68
CA ARG A 12 8.41 16.12 -7.16
C ARG A 12 7.39 15.08 -6.68
N SER A 13 6.78 15.38 -5.54
CA SER A 13 5.79 14.48 -4.97
C SER A 13 6.47 13.28 -4.33
N MET A 14 6.72 13.40 -3.02
CA MET A 14 7.37 12.34 -2.28
C MET A 14 6.45 11.80 -1.19
N ASN A 15 5.72 10.75 -1.54
CA ASN A 15 4.80 10.13 -0.59
C ASN A 15 4.39 8.76 -1.12
N SER A 16 5.35 8.08 -1.74
CA SER A 16 5.10 6.76 -2.28
C SER A 16 5.37 5.69 -1.22
N ARG A 17 4.29 5.25 -0.58
CA ARG A 17 4.40 4.24 0.45
C ARG A 17 3.09 3.45 0.54
N VAL A 18 3.24 2.13 0.49
CA VAL A 18 2.09 1.25 0.57
C VAL A 18 2.23 0.36 1.81
N PHE A 19 1.17 0.34 2.60
CA PHE A 19 1.15 -0.47 3.81
C PHE A 19 0.32 -1.73 3.61
N ILE A 20 1.03 -2.83 3.36
CA ILE A 20 0.38 -4.11 3.14
C ILE A 20 0.10 -4.76 4.49
N GLY A 21 -1.18 -5.04 4.74
CA GLY A 21 -1.59 -5.67 5.98
C GLY A 21 -2.18 -7.05 5.72
N ASN A 22 -2.49 -7.73 6.82
CA ASN A 22 -3.07 -9.07 6.74
C ASN A 22 -2.37 -9.85 5.62
N LEU A 23 -1.04 -9.78 5.64
CA LEU A 23 -0.24 -10.47 4.64
C LEU A 23 0.22 -11.81 5.21
N ASN A 24 -0.25 -12.89 4.59
CA ASN A 24 0.10 -14.23 5.02
C ASN A 24 1.58 -14.48 4.70
N THR A 25 2.43 -13.71 5.37
CA THR A 25 3.87 -13.85 5.16
C THR A 25 4.32 -15.29 5.41
N LEU A 26 3.45 -16.03 6.10
CA LEU A 26 3.74 -17.42 6.40
C LEU A 26 3.82 -18.21 5.10
N VAL A 27 3.33 -17.60 4.04
CA VAL A 27 3.35 -18.25 2.73
C VAL A 27 3.84 -17.23 1.69
N VAL A 28 3.26 -16.05 1.74
CA VAL A 28 3.62 -14.99 0.80
C VAL A 28 5.01 -14.45 1.18
N LYS A 29 5.85 -14.32 0.16
CA LYS A 29 7.19 -13.82 0.37
C LYS A 29 7.28 -12.38 -0.14
N LYS A 30 8.47 -11.81 -0.06
CA LYS A 30 8.70 -10.45 -0.50
C LYS A 30 8.63 -10.40 -2.03
N SER A 31 9.30 -11.36 -2.65
CA SER A 31 9.33 -11.44 -4.11
C SER A 31 7.90 -11.60 -4.64
N ASP A 32 7.02 -12.05 -3.76
CA ASP A 32 5.63 -12.26 -4.14
C ASP A 32 4.88 -10.93 -4.05
N VAL A 33 5.34 -10.09 -3.13
CA VAL A 33 4.73 -8.78 -2.95
C VAL A 33 5.50 -7.74 -3.77
N GLU A 34 6.67 -8.14 -4.23
CA GLU A 34 7.51 -7.26 -5.01
C GLU A 34 7.19 -7.41 -6.50
N ALA A 35 6.98 -8.67 -6.90
CA ALA A 35 6.66 -8.96 -8.28
C ALA A 35 5.21 -8.59 -8.57
N ILE A 36 4.33 -9.08 -7.71
CA ILE A 36 2.91 -8.80 -7.86
C ILE A 36 2.69 -7.29 -7.92
N PHE A 37 3.55 -6.57 -7.21
CA PHE A 37 3.46 -5.13 -7.17
C PHE A 37 4.35 -4.50 -8.25
N SER A 38 5.41 -5.20 -8.58
CA SER A 38 6.35 -4.72 -9.59
C SER A 38 5.58 -4.31 -10.85
N LYS A 39 4.43 -4.93 -11.03
CA LYS A 39 3.60 -4.64 -12.19
C LYS A 39 2.93 -3.27 -11.99
N TYR A 40 2.52 -3.02 -10.77
CA TYR A 40 1.87 -1.76 -10.44
C TYR A 40 2.87 -0.61 -10.43
N GLY A 41 4.13 -0.96 -10.65
CA GLY A 41 5.19 0.04 -10.68
C GLY A 41 6.51 -0.56 -10.17
N LYS A 42 7.53 0.28 -10.17
CA LYS A 42 8.84 -0.15 -9.72
C LYS A 42 8.96 0.11 -8.22
N ILE A 43 9.47 -0.88 -7.51
CA ILE A 43 9.64 -0.79 -6.07
C ILE A 43 11.08 -0.39 -5.75
N VAL A 44 11.22 0.55 -4.82
CA VAL A 44 12.53 1.02 -4.42
C VAL A 44 12.82 0.55 -3.00
N GLY A 45 11.76 0.36 -2.24
CA GLY A 45 11.89 -0.09 -0.87
C GLY A 45 10.67 -0.92 -0.44
N CYS A 46 10.94 -2.16 -0.09
CA CYS A 46 9.88 -3.07 0.35
C CYS A 46 10.33 -3.75 1.64
N SER A 47 9.35 -4.02 2.49
CA SER A 47 9.63 -4.66 3.77
C SER A 47 8.43 -5.52 4.19
N VAL A 48 8.73 -6.74 4.60
CA VAL A 48 7.69 -7.66 5.04
C VAL A 48 7.94 -8.05 6.49
N HIS A 49 6.95 -7.74 7.32
CA HIS A 49 7.05 -8.05 8.75
C HIS A 49 5.93 -9.01 9.14
N LYS A 50 6.32 -10.09 9.82
CA LYS A 50 5.36 -11.09 10.26
C LYS A 50 4.09 -10.39 10.75
N GLY A 51 3.10 -10.34 9.86
CA GLY A 51 1.83 -9.70 10.19
C GLY A 51 1.42 -8.72 9.09
N PHE A 52 2.42 -8.05 8.54
CA PHE A 52 2.17 -7.08 7.49
C PHE A 52 3.42 -6.85 6.64
N ALA A 53 3.34 -5.85 5.77
CA ALA A 53 4.45 -5.52 4.90
C ALA A 53 4.25 -4.12 4.32
N PHE A 54 5.31 -3.60 3.72
CA PHE A 54 5.26 -2.27 3.13
C PHE A 54 5.99 -2.25 1.78
N VAL A 55 5.47 -1.44 0.88
CA VAL A 55 6.05 -1.31 -0.44
C VAL A 55 6.29 0.17 -0.76
N GLN A 56 7.39 0.43 -1.44
CA GLN A 56 7.73 1.79 -1.81
C GLN A 56 7.99 1.89 -3.32
N TYR A 57 7.03 2.51 -4.00
CA TYR A 57 7.15 2.67 -5.45
C TYR A 57 7.99 3.89 -5.80
N VAL A 58 8.33 3.99 -7.08
CA VAL A 58 9.13 5.11 -7.55
C VAL A 58 8.29 6.39 -7.51
N ASN A 59 6.98 6.20 -7.48
CA ASN A 59 6.07 7.33 -7.42
C ASN A 59 4.81 6.93 -6.65
N GLU A 60 3.98 7.93 -6.38
CA GLU A 60 2.75 7.68 -5.65
C GLU A 60 1.67 7.15 -6.58
N ARG A 61 1.61 7.73 -7.76
CA ARG A 61 0.63 7.32 -8.76
C ARG A 61 0.75 5.82 -9.05
N ASN A 62 1.99 5.35 -9.01
CA ASN A 62 2.26 3.94 -9.25
C ASN A 62 1.95 3.14 -8.00
N ALA A 63 2.28 3.71 -6.85
CA ALA A 63 2.04 3.07 -5.58
C ALA A 63 0.53 2.97 -5.35
N ARG A 64 -0.11 4.13 -5.29
CA ARG A 64 -1.54 4.19 -5.07
C ARG A 64 -2.25 3.14 -5.94
N ALA A 65 -1.72 2.96 -7.13
CA ALA A 65 -2.30 1.99 -8.05
C ALA A 65 -2.53 0.66 -7.32
N ALA A 66 -1.42 0.06 -6.91
CA ALA A 66 -1.48 -1.21 -6.20
C ALA A 66 -2.42 -1.07 -5.00
N VAL A 67 -2.28 0.05 -4.30
CA VAL A 67 -3.10 0.32 -3.13
C VAL A 67 -4.57 0.20 -3.51
N ALA A 68 -4.86 0.51 -4.77
CA ALA A 68 -6.22 0.43 -5.27
C ALA A 68 -6.45 -0.94 -5.91
N GLY A 69 -5.40 -1.46 -6.53
CA GLY A 69 -5.47 -2.75 -7.18
C GLY A 69 -5.25 -3.89 -6.17
N GLU A 70 -3.99 -4.06 -5.79
CA GLU A 70 -3.63 -5.10 -4.84
C GLU A 70 -4.69 -5.21 -3.74
N ASP A 71 -4.79 -4.15 -2.96
CA ASP A 71 -5.76 -4.12 -1.87
C ASP A 71 -7.07 -4.76 -2.34
N GLY A 72 -7.31 -5.95 -1.83
CA GLY A 72 -8.52 -6.69 -2.18
C GLY A 72 -8.18 -7.96 -2.97
N ARG A 73 -6.93 -8.37 -2.85
CA ARG A 73 -6.46 -9.56 -3.54
C ARG A 73 -6.42 -10.75 -2.58
N MET A 74 -6.91 -11.88 -3.08
CA MET A 74 -6.93 -13.09 -2.28
C MET A 74 -5.62 -13.86 -2.42
N ILE A 75 -4.71 -13.57 -1.50
CA ILE A 75 -3.41 -14.23 -1.51
C ILE A 75 -3.39 -15.33 -0.46
N ALA A 76 -3.19 -16.56 -0.93
CA ALA A 76 -3.15 -17.71 -0.04
C ALA A 76 -4.57 -18.08 0.36
N GLY A 77 -5.53 -17.41 -0.28
CA GLY A 77 -6.93 -17.66 0.01
C GLY A 77 -7.50 -16.62 0.97
N GLN A 78 -6.67 -15.64 1.28
CA GLN A 78 -7.07 -14.57 2.18
C GLN A 78 -6.87 -13.20 1.52
N VAL A 79 -7.72 -12.27 1.88
CA VAL A 79 -7.66 -10.93 1.34
C VAL A 79 -6.52 -10.16 2.03
N LEU A 80 -5.92 -9.25 1.29
CA LEU A 80 -4.84 -8.44 1.82
C LEU A 80 -5.34 -7.02 2.08
N ASP A 81 -5.10 -6.55 3.29
CA ASP A 81 -5.51 -5.21 3.66
C ASP A 81 -4.37 -4.22 3.41
N ILE A 82 -4.47 -3.51 2.31
CA ILE A 82 -3.45 -2.55 1.94
C ILE A 82 -4.07 -1.14 1.94
N ASN A 83 -3.21 -0.16 2.18
CA ASN A 83 -3.64 1.22 2.22
C ASN A 83 -2.43 2.14 2.13
N LEU A 84 -2.60 3.24 1.40
CA LEU A 84 -1.53 4.20 1.24
C LEU A 84 -1.20 4.83 2.60
N ALA A 85 0.05 4.67 2.99
CA ALA A 85 0.52 5.21 4.26
C ALA A 85 0.33 6.73 4.25
N ALA A 86 -0.87 7.16 4.62
CA ALA A 86 -1.18 8.57 4.66
C ALA A 86 -2.61 8.75 5.18
N GLU A 87 -3.55 8.12 4.49
CA GLU A 87 -4.94 8.20 4.86
C GLU A 87 -5.43 6.86 5.41
N PRO A 88 -5.66 6.84 6.76
CA PRO A 88 -6.12 5.64 7.43
C PRO A 88 -7.60 5.39 7.15
N LYS A 89 -8.22 6.37 6.51
CA LYS A 89 -9.63 6.27 6.18
C LYS A 89 -10.39 5.69 7.37
N VAL A 90 -10.13 6.25 8.53
CA VAL A 90 -10.78 5.81 9.75
C VAL A 90 -11.89 6.79 10.13
N ASN A 91 -13.09 6.24 10.29
CA ASN A 91 -14.24 7.06 10.65
C ASN A 91 -14.33 8.25 9.69
N ARG A 92 -15.17 8.09 8.69
CA ARG A 92 -15.36 9.14 7.70
C ARG A 92 -16.69 9.86 7.94
N SER A 93 -16.68 11.15 7.67
CA SER A 93 -17.88 11.96 7.85
C SER A 93 -17.96 13.02 6.76
N GLY A 94 -18.81 12.76 5.77
CA GLY A 94 -18.99 13.68 4.67
C GLY A 94 -19.51 15.03 5.15
N PRO A 95 -18.86 16.12 4.66
CA PRO A 95 -19.24 17.47 5.05
C PRO A 95 -20.53 17.88 4.34
N SER A 96 -21.65 17.57 4.99
CA SER A 96 -22.95 17.90 4.45
C SER A 96 -23.90 18.31 5.57
N SER A 97 -24.25 19.59 5.55
CA SER A 97 -25.15 20.12 6.57
C SER A 97 -25.87 21.38 6.04
N GLY A 98 -25.05 22.36 5.67
CA GLY A 98 -25.58 23.61 5.14
C GLY A 98 -25.89 23.48 3.66
N GLY A 1 15.66 7.28 -23.66
CA GLY A 1 16.90 7.87 -24.14
C GLY A 1 17.91 8.02 -23.00
N SER A 2 17.67 9.01 -22.17
CA SER A 2 18.54 9.27 -21.04
C SER A 2 17.73 9.64 -19.80
N SER A 3 16.93 10.69 -19.95
CA SER A 3 16.09 11.15 -18.86
C SER A 3 16.96 11.65 -17.70
N GLY A 4 16.88 12.95 -17.47
CA GLY A 4 17.66 13.56 -16.40
C GLY A 4 17.02 13.30 -15.04
N SER A 5 15.92 14.02 -14.78
CA SER A 5 15.21 13.87 -13.52
C SER A 5 16.11 14.28 -12.36
N SER A 6 15.48 14.47 -11.21
CA SER A 6 16.22 14.86 -10.01
C SER A 6 17.17 13.74 -9.60
N GLY A 7 18.38 14.15 -9.25
CA GLY A 7 19.40 13.19 -8.84
C GLY A 7 19.30 12.90 -7.33
N LYS A 8 19.37 11.62 -7.01
CA LYS A 8 19.29 11.20 -5.63
C LYS A 8 17.90 11.54 -5.07
N THR A 9 17.68 11.15 -3.83
CA THR A 9 16.42 11.42 -3.16
C THR A 9 16.64 11.91 -1.74
N ASP A 10 15.66 12.63 -1.23
CA ASP A 10 15.74 13.17 0.12
C ASP A 10 14.69 12.49 1.00
N PRO A 11 15.03 12.38 2.31
CA PRO A 11 14.12 11.75 3.27
C PRO A 11 12.95 12.69 3.60
N ARG A 12 12.21 13.05 2.56
CA ARG A 12 11.07 13.93 2.74
C ARG A 12 10.20 13.91 1.48
N SER A 13 10.86 13.96 0.33
CA SER A 13 10.17 13.97 -0.94
C SER A 13 9.69 12.55 -1.27
N MET A 14 9.28 12.37 -2.53
CA MET A 14 8.80 11.08 -2.98
C MET A 14 7.89 10.43 -1.94
N ASN A 15 6.64 10.87 -1.95
CA ASN A 15 5.65 10.35 -1.02
C ASN A 15 5.01 9.10 -1.62
N SER A 16 5.76 8.01 -1.60
CA SER A 16 5.27 6.75 -2.14
C SER A 16 5.52 5.63 -1.13
N ARG A 17 4.47 5.31 -0.39
CA ARG A 17 4.55 4.25 0.61
C ARG A 17 3.21 3.52 0.72
N VAL A 18 3.29 2.20 0.59
CA VAL A 18 2.09 1.37 0.67
C VAL A 18 2.19 0.48 1.91
N PHE A 19 1.09 0.42 2.65
CA PHE A 19 1.03 -0.39 3.85
C PHE A 19 0.25 -1.68 3.61
N ILE A 20 0.99 -2.75 3.37
CA ILE A 20 0.38 -4.05 3.12
C ILE A 20 0.07 -4.73 4.46
N GLY A 21 -1.21 -4.91 4.71
CA GLY A 21 -1.64 -5.55 5.95
C GLY A 21 -2.27 -6.92 5.67
N ASN A 22 -2.46 -7.68 6.74
CA ASN A 22 -3.04 -9.00 6.62
C ASN A 22 -2.29 -9.80 5.55
N LEU A 23 -0.97 -9.66 5.58
CA LEU A 23 -0.13 -10.36 4.62
C LEU A 23 0.29 -11.71 5.20
N ASN A 24 -0.18 -12.76 4.56
CA ASN A 24 0.14 -14.11 5.00
C ASN A 24 1.61 -14.40 4.73
N THR A 25 2.46 -13.66 5.45
CA THR A 25 3.89 -13.83 5.31
C THR A 25 4.29 -15.28 5.54
N LEU A 26 3.39 -16.01 6.18
CA LEU A 26 3.63 -17.41 6.48
C LEU A 26 3.75 -18.20 5.17
N VAL A 27 3.36 -17.54 4.09
CA VAL A 27 3.41 -18.15 2.77
C VAL A 27 3.91 -17.13 1.75
N VAL A 28 3.31 -15.94 1.81
CA VAL A 28 3.67 -14.87 0.90
C VAL A 28 5.11 -14.42 1.19
N LYS A 29 5.89 -14.33 0.14
CA LYS A 29 7.29 -13.92 0.27
C LYS A 29 7.42 -12.47 -0.19
N LYS A 30 8.63 -11.94 -0.03
CA LYS A 30 8.91 -10.57 -0.42
C LYS A 30 8.89 -10.47 -1.95
N SER A 31 9.40 -11.50 -2.59
CA SER A 31 9.45 -11.53 -4.04
C SER A 31 8.04 -11.68 -4.61
N ASP A 32 7.11 -11.99 -3.72
CA ASP A 32 5.72 -12.16 -4.12
C ASP A 32 5.00 -10.81 -4.03
N VAL A 33 5.47 -9.99 -3.10
CA VAL A 33 4.89 -8.68 -2.90
C VAL A 33 5.68 -7.64 -3.72
N GLU A 34 6.89 -8.03 -4.09
CA GLU A 34 7.75 -7.16 -4.87
C GLU A 34 7.52 -7.37 -6.37
N ALA A 35 7.02 -8.55 -6.69
CA ALA A 35 6.76 -8.89 -8.09
C ALA A 35 5.30 -8.57 -8.41
N ILE A 36 4.42 -9.02 -7.53
CA ILE A 36 3.00 -8.78 -7.70
C ILE A 36 2.74 -7.28 -7.79
N PHE A 37 3.56 -6.53 -7.07
CA PHE A 37 3.43 -5.08 -7.04
C PHE A 37 4.32 -4.44 -8.11
N SER A 38 5.23 -5.24 -8.64
CA SER A 38 6.14 -4.76 -9.65
C SER A 38 5.37 -4.42 -10.93
N LYS A 39 4.18 -4.99 -11.04
CA LYS A 39 3.33 -4.76 -12.20
C LYS A 39 2.61 -3.43 -12.04
N TYR A 40 2.68 -2.89 -10.83
CA TYR A 40 2.05 -1.62 -10.52
C TYR A 40 3.08 -0.49 -10.44
N GLY A 41 4.27 -0.78 -10.93
CA GLY A 41 5.35 0.19 -10.92
C GLY A 41 6.66 -0.45 -10.43
N LYS A 42 7.68 0.39 -10.33
CA LYS A 42 8.97 -0.08 -9.88
C LYS A 42 9.10 0.13 -8.37
N ILE A 43 9.55 -0.91 -7.69
CA ILE A 43 9.71 -0.85 -6.25
C ILE A 43 11.16 -0.48 -5.91
N VAL A 44 11.30 0.39 -4.93
CA VAL A 44 12.62 0.83 -4.51
C VAL A 44 12.92 0.25 -3.13
N GLY A 45 11.86 -0.02 -2.39
CA GLY A 45 12.01 -0.57 -1.05
C GLY A 45 10.73 -1.30 -0.62
N CYS A 46 10.89 -2.59 -0.37
CA CYS A 46 9.77 -3.42 0.05
C CYS A 46 10.20 -4.25 1.26
N SER A 47 9.38 -4.23 2.28
CA SER A 47 9.66 -4.97 3.50
C SER A 47 8.41 -5.70 3.97
N VAL A 48 8.62 -6.90 4.50
CA VAL A 48 7.52 -7.72 4.99
C VAL A 48 7.78 -8.09 6.44
N HIS A 49 6.90 -7.62 7.31
CA HIS A 49 7.03 -7.90 8.73
C HIS A 49 5.88 -8.82 9.18
N LYS A 50 6.25 -9.86 9.90
CA LYS A 50 5.26 -10.81 10.40
C LYS A 50 4.01 -10.06 10.84
N GLY A 51 3.03 -10.03 9.94
CA GLY A 51 1.78 -9.35 10.21
C GLY A 51 1.39 -8.41 9.07
N PHE A 52 2.39 -7.69 8.59
CA PHE A 52 2.17 -6.75 7.50
C PHE A 52 3.48 -6.47 6.74
N ALA A 53 3.33 -5.77 5.63
CA ALA A 53 4.49 -5.43 4.81
C ALA A 53 4.33 -4.01 4.28
N PHE A 54 5.41 -3.49 3.71
CA PHE A 54 5.41 -2.15 3.16
C PHE A 54 6.12 -2.10 1.81
N VAL A 55 5.45 -1.48 0.84
CA VAL A 55 6.00 -1.37 -0.50
C VAL A 55 6.27 0.10 -0.80
N GLN A 56 7.42 0.35 -1.44
CA GLN A 56 7.80 1.69 -1.79
C GLN A 56 8.06 1.79 -3.30
N TYR A 57 7.15 2.46 -3.99
CA TYR A 57 7.28 2.63 -5.43
C TYR A 57 8.12 3.87 -5.76
N VAL A 58 8.45 3.98 -7.04
CA VAL A 58 9.25 5.10 -7.51
C VAL A 58 8.42 6.38 -7.42
N ASN A 59 7.13 6.25 -7.70
CA ASN A 59 6.23 7.38 -7.66
C ASN A 59 5.04 7.05 -6.74
N GLU A 60 4.20 8.05 -6.53
CA GLU A 60 3.03 7.88 -5.68
C GLU A 60 1.87 7.30 -6.49
N ARG A 61 1.72 7.81 -7.70
CA ARG A 61 0.66 7.34 -8.58
C ARG A 61 0.74 5.83 -8.77
N ASN A 62 1.96 5.32 -8.70
CA ASN A 62 2.19 3.89 -8.85
C ASN A 62 1.80 3.18 -7.56
N ALA A 63 2.08 3.83 -6.45
CA ALA A 63 1.76 3.27 -5.14
C ALA A 63 0.25 3.09 -5.03
N ARG A 64 -0.46 4.20 -5.08
CA ARG A 64 -1.91 4.18 -4.98
C ARG A 64 -2.49 3.11 -5.91
N ALA A 65 -1.97 3.09 -7.13
CA ALA A 65 -2.41 2.13 -8.13
C ALA A 65 -2.62 0.77 -7.47
N ALA A 66 -1.53 0.23 -6.95
CA ALA A 66 -1.58 -1.06 -6.28
C ALA A 66 -2.61 -1.01 -5.15
N VAL A 67 -2.44 -0.02 -4.29
CA VAL A 67 -3.34 0.16 -3.16
C VAL A 67 -4.79 0.07 -3.66
N ALA A 68 -4.96 0.38 -4.93
CA ALA A 68 -6.28 0.33 -5.54
C ALA A 68 -6.50 -1.03 -6.20
N GLY A 69 -5.41 -1.60 -6.67
CA GLY A 69 -5.46 -2.90 -7.32
C GLY A 69 -5.16 -4.02 -6.32
N GLU A 70 -3.89 -4.14 -5.98
CA GLU A 70 -3.46 -5.16 -5.03
C GLU A 70 -4.51 -5.36 -3.95
N ASP A 71 -4.65 -4.34 -3.11
CA ASP A 71 -5.61 -4.39 -2.02
C ASP A 71 -6.89 -5.08 -2.52
N GLY A 72 -7.20 -6.21 -1.88
CA GLY A 72 -8.38 -6.96 -2.23
C GLY A 72 -8.01 -8.21 -3.05
N ARG A 73 -6.79 -8.67 -2.84
CA ARG A 73 -6.30 -9.84 -3.55
C ARG A 73 -6.23 -11.05 -2.60
N MET A 74 -6.69 -12.18 -3.11
CA MET A 74 -6.70 -13.41 -2.33
C MET A 74 -5.37 -14.15 -2.47
N ILE A 75 -4.43 -13.80 -1.60
CA ILE A 75 -3.12 -14.42 -1.62
C ILE A 75 -3.07 -15.54 -0.59
N ALA A 76 -2.83 -16.75 -1.07
CA ALA A 76 -2.76 -17.91 -0.20
C ALA A 76 -4.17 -18.31 0.23
N GLY A 77 -5.15 -17.59 -0.33
CA GLY A 77 -6.55 -17.85 -0.01
C GLY A 77 -7.10 -16.79 0.93
N GLN A 78 -6.23 -15.88 1.33
CA GLN A 78 -6.62 -14.80 2.22
C GLN A 78 -6.49 -13.44 1.53
N VAL A 79 -7.39 -12.55 1.88
CA VAL A 79 -7.39 -11.21 1.29
C VAL A 79 -6.32 -10.37 1.98
N LEU A 80 -5.67 -9.53 1.17
CA LEU A 80 -4.63 -8.66 1.69
C LEU A 80 -5.20 -7.26 1.89
N ASP A 81 -5.06 -6.76 3.12
CA ASP A 81 -5.56 -5.44 3.44
C ASP A 81 -4.42 -4.42 3.30
N ILE A 82 -4.44 -3.71 2.18
CA ILE A 82 -3.42 -2.72 1.91
C ILE A 82 -4.05 -1.33 1.98
N ASN A 83 -3.19 -0.33 2.14
CA ASN A 83 -3.65 1.05 2.22
C ASN A 83 -2.46 1.99 2.01
N LEU A 84 -2.79 3.23 1.67
CA LEU A 84 -1.75 4.23 1.43
C LEU A 84 -1.29 4.80 2.79
N ALA A 85 0.02 4.90 2.93
CA ALA A 85 0.60 5.42 4.16
C ALA A 85 0.23 6.90 4.30
N ALA A 86 -1.03 7.12 4.69
CA ALA A 86 -1.52 8.47 4.88
C ALA A 86 -2.87 8.43 5.58
N GLU A 87 -3.75 7.56 5.08
CA GLU A 87 -5.07 7.42 5.65
C GLU A 87 -5.27 5.98 6.15
N PRO A 88 -5.14 5.82 7.50
CA PRO A 88 -5.30 4.51 8.11
C PRO A 88 -6.77 4.12 8.19
N LYS A 89 -7.62 5.07 7.84
CA LYS A 89 -9.06 4.84 7.85
C LYS A 89 -9.42 4.03 9.10
N VAL A 90 -9.00 4.54 10.24
CA VAL A 90 -9.28 3.88 11.51
C VAL A 90 -10.56 4.44 12.11
N ASN A 91 -11.46 3.54 12.47
CA ASN A 91 -12.74 3.94 13.05
C ASN A 91 -13.26 2.81 13.94
N ARG A 92 -13.30 3.08 15.24
CA ARG A 92 -13.77 2.09 16.19
C ARG A 92 -14.60 2.77 17.29
N SER A 93 -13.97 3.74 17.95
CA SER A 93 -14.62 4.47 19.01
C SER A 93 -15.26 5.74 18.45
N GLY A 94 -16.55 5.91 18.76
CA GLY A 94 -17.28 7.08 18.30
C GLY A 94 -18.79 6.82 18.34
N PRO A 95 -19.41 7.20 19.49
CA PRO A 95 -20.84 7.01 19.67
C PRO A 95 -21.63 8.05 18.87
N SER A 96 -21.13 9.27 18.90
CA SER A 96 -21.78 10.36 18.19
C SER A 96 -21.13 10.54 16.80
N SER A 97 -21.90 11.13 15.91
CA SER A 97 -21.42 11.36 14.55
C SER A 97 -20.88 12.78 14.42
N GLY A 98 -21.75 13.75 14.70
CA GLY A 98 -21.37 15.14 14.62
C GLY A 98 -22.55 16.05 14.96
N GLY A 1 2.75 4.70 15.71
CA GLY A 1 2.54 6.13 15.74
C GLY A 1 3.33 6.83 14.64
N SER A 2 2.65 7.70 13.92
CA SER A 2 3.28 8.44 12.84
C SER A 2 2.82 9.91 12.87
N SER A 3 3.80 10.79 12.84
CA SER A 3 3.52 12.22 12.85
C SER A 3 3.41 12.75 11.42
N GLY A 4 2.82 13.94 11.32
CA GLY A 4 2.66 14.57 10.01
C GLY A 4 1.18 14.63 9.62
N SER A 5 0.64 15.84 9.64
CA SER A 5 -0.75 16.05 9.30
C SER A 5 -0.85 16.90 8.04
N SER A 6 -0.61 16.27 6.90
CA SER A 6 -0.66 16.95 5.62
C SER A 6 -2.02 16.70 4.95
N GLY A 7 -2.47 17.69 4.21
CA GLY A 7 -3.74 17.60 3.51
C GLY A 7 -3.54 17.62 1.99
N LYS A 8 -3.27 18.81 1.48
CA LYS A 8 -3.05 18.98 0.05
C LYS A 8 -1.72 18.34 -0.34
N THR A 9 -1.81 17.33 -1.19
CA THR A 9 -0.63 16.63 -1.65
C THR A 9 -0.68 16.42 -3.17
N ASP A 10 0.48 16.59 -3.79
CA ASP A 10 0.58 16.42 -5.24
C ASP A 10 1.81 15.57 -5.57
N PRO A 11 1.72 14.87 -6.73
CA PRO A 11 2.81 14.01 -7.16
C PRO A 11 3.97 14.84 -7.71
N ARG A 12 5.00 14.98 -6.89
CA ARG A 12 6.18 15.74 -7.28
C ARG A 12 7.37 15.36 -6.40
N SER A 13 7.18 15.53 -5.10
CA SER A 13 8.23 15.21 -4.14
C SER A 13 8.08 13.76 -3.67
N MET A 14 9.09 13.31 -2.95
CA MET A 14 9.09 11.94 -2.43
C MET A 14 7.93 11.73 -1.46
N ASN A 15 7.12 10.73 -1.77
CA ASN A 15 5.97 10.41 -0.94
C ASN A 15 5.19 9.24 -1.57
N SER A 16 5.84 8.08 -1.58
CA SER A 16 5.23 6.89 -2.14
C SER A 16 5.43 5.70 -1.21
N ARG A 17 4.40 5.43 -0.41
CA ARG A 17 4.46 4.32 0.53
C ARG A 17 3.16 3.52 0.49
N VAL A 18 3.29 2.23 0.72
CA VAL A 18 2.13 1.34 0.71
C VAL A 18 2.22 0.38 1.90
N PHE A 19 1.16 0.38 2.70
CA PHE A 19 1.11 -0.49 3.87
C PHE A 19 0.33 -1.76 3.56
N ILE A 20 1.08 -2.84 3.35
CA ILE A 20 0.48 -4.12 3.05
C ILE A 20 0.18 -4.86 4.36
N GLY A 21 -1.09 -4.83 4.74
CA GLY A 21 -1.52 -5.49 5.96
C GLY A 21 -2.27 -6.78 5.65
N ASN A 22 -2.64 -7.49 6.72
CA ASN A 22 -3.37 -8.73 6.58
C ASN A 22 -2.72 -9.57 5.48
N LEU A 23 -1.43 -9.83 5.66
CA LEU A 23 -0.69 -10.62 4.69
C LEU A 23 -0.10 -11.84 5.39
N ASN A 24 -0.53 -13.01 4.94
CA ASN A 24 -0.06 -14.26 5.51
C ASN A 24 1.41 -14.45 5.15
N THR A 25 2.24 -13.56 5.67
CA THR A 25 3.67 -13.62 5.42
C THR A 25 4.21 -15.01 5.78
N LEU A 26 3.44 -15.72 6.58
CA LEU A 26 3.84 -17.05 7.00
C LEU A 26 3.98 -17.95 5.77
N VAL A 27 3.43 -17.47 4.66
CA VAL A 27 3.48 -18.21 3.42
C VAL A 27 4.02 -17.30 2.31
N VAL A 28 3.40 -16.12 2.22
CA VAL A 28 3.81 -15.15 1.21
C VAL A 28 5.24 -14.71 1.48
N LYS A 29 5.95 -14.42 0.39
CA LYS A 29 7.33 -13.97 0.49
C LYS A 29 7.43 -12.51 0.06
N LYS A 30 8.66 -12.01 0.05
CA LYS A 30 8.89 -10.63 -0.34
C LYS A 30 8.81 -10.52 -1.87
N SER A 31 9.44 -11.48 -2.53
CA SER A 31 9.43 -11.51 -3.99
C SER A 31 8.00 -11.64 -4.51
N ASP A 32 7.14 -12.18 -3.66
CA ASP A 32 5.75 -12.36 -4.02
C ASP A 32 5.03 -11.02 -3.98
N VAL A 33 5.47 -10.18 -3.05
CA VAL A 33 4.88 -8.86 -2.89
C VAL A 33 5.70 -7.85 -3.69
N GLU A 34 6.91 -8.25 -4.05
CA GLU A 34 7.78 -7.38 -4.81
C GLU A 34 7.57 -7.60 -6.31
N ALA A 35 7.10 -8.80 -6.64
CA ALA A 35 6.86 -9.15 -8.03
C ALA A 35 5.40 -8.81 -8.39
N ILE A 36 4.51 -9.10 -7.44
CA ILE A 36 3.11 -8.83 -7.64
C ILE A 36 2.88 -7.32 -7.75
N PHE A 37 3.70 -6.58 -7.01
CA PHE A 37 3.61 -5.13 -7.00
C PHE A 37 4.54 -4.52 -8.05
N SER A 38 5.42 -5.36 -8.58
CA SER A 38 6.36 -4.92 -9.59
C SER A 38 5.62 -4.52 -10.86
N LYS A 39 4.34 -4.86 -10.89
CA LYS A 39 3.51 -4.55 -12.04
C LYS A 39 2.76 -3.24 -11.78
N TYR A 40 2.94 -2.71 -10.58
CA TYR A 40 2.29 -1.48 -10.19
C TYR A 40 3.32 -0.35 -10.02
N GLY A 41 4.45 -0.53 -10.69
CA GLY A 41 5.52 0.46 -10.62
C GLY A 41 6.81 -0.16 -10.08
N LYS A 42 7.91 0.50 -10.39
CA LYS A 42 9.22 0.02 -9.95
C LYS A 42 9.35 0.23 -8.44
N ILE A 43 9.53 -0.87 -7.74
CA ILE A 43 9.68 -0.82 -6.29
C ILE A 43 11.10 -0.38 -5.95
N VAL A 44 11.18 0.60 -5.06
CA VAL A 44 12.46 1.13 -4.64
C VAL A 44 12.84 0.52 -3.28
N GLY A 45 11.80 0.21 -2.50
CA GLY A 45 12.00 -0.38 -1.19
C GLY A 45 10.75 -1.14 -0.73
N CYS A 46 10.96 -2.41 -0.40
CA CYS A 46 9.87 -3.24 0.06
C CYS A 46 10.33 -3.98 1.32
N SER A 47 9.39 -4.14 2.24
CA SER A 47 9.67 -4.82 3.50
C SER A 47 8.46 -5.64 3.93
N VAL A 48 8.75 -6.81 4.47
CA VAL A 48 7.69 -7.70 4.94
C VAL A 48 7.97 -8.09 6.39
N HIS A 49 7.03 -7.71 7.26
CA HIS A 49 7.16 -8.02 8.67
C HIS A 49 5.99 -8.91 9.11
N LYS A 50 6.35 -10.01 9.76
CA LYS A 50 5.35 -10.95 10.23
C LYS A 50 4.16 -10.18 10.79
N GLY A 51 3.11 -10.09 9.97
CA GLY A 51 1.91 -9.39 10.38
C GLY A 51 1.52 -8.34 9.33
N PHE A 52 2.45 -8.07 8.43
CA PHE A 52 2.21 -7.09 7.37
C PHE A 52 3.48 -6.86 6.55
N ALA A 53 3.41 -5.85 5.69
CA ALA A 53 4.55 -5.51 4.85
C ALA A 53 4.36 -4.09 4.32
N PHE A 54 5.44 -3.58 3.73
CA PHE A 54 5.42 -2.23 3.18
C PHE A 54 6.15 -2.17 1.84
N VAL A 55 5.55 -1.46 0.90
CA VAL A 55 6.13 -1.31 -0.42
C VAL A 55 6.36 0.17 -0.72
N GLN A 56 7.44 0.44 -1.44
CA GLN A 56 7.78 1.81 -1.79
C GLN A 56 8.06 1.91 -3.29
N TYR A 57 7.13 2.53 -4.00
CA TYR A 57 7.26 2.70 -5.43
C TYR A 57 8.12 3.93 -5.77
N VAL A 58 8.45 4.05 -7.04
CA VAL A 58 9.27 5.17 -7.50
C VAL A 58 8.46 6.46 -7.39
N ASN A 59 7.15 6.32 -7.55
CA ASN A 59 6.27 7.47 -7.47
C ASN A 59 5.03 7.10 -6.65
N GLU A 60 4.20 8.10 -6.39
CA GLU A 60 2.99 7.89 -5.61
C GLU A 60 1.90 7.27 -6.49
N ARG A 61 1.59 7.98 -7.57
CA ARG A 61 0.56 7.51 -8.50
C ARG A 61 0.67 6.00 -8.68
N ASN A 62 1.91 5.51 -8.69
CA ASN A 62 2.16 4.09 -8.85
C ASN A 62 1.65 3.34 -7.62
N ALA A 63 2.08 3.81 -6.46
CA ALA A 63 1.68 3.19 -5.20
C ALA A 63 0.15 3.08 -5.16
N ARG A 64 -0.49 4.23 -5.10
CA ARG A 64 -1.94 4.28 -5.05
C ARG A 64 -2.53 3.24 -6.00
N ALA A 65 -1.83 3.01 -7.10
CA ALA A 65 -2.27 2.05 -8.09
C ALA A 65 -2.52 0.70 -7.41
N ALA A 66 -1.45 0.13 -6.88
CA ALA A 66 -1.54 -1.15 -6.20
C ALA A 66 -2.51 -1.03 -5.02
N VAL A 67 -2.30 0.01 -4.22
CA VAL A 67 -3.15 0.25 -3.07
C VAL A 67 -4.62 0.04 -3.46
N ALA A 68 -4.91 0.35 -4.71
CA ALA A 68 -6.26 0.20 -5.22
C ALA A 68 -6.40 -1.17 -5.88
N GLY A 69 -5.34 -1.58 -6.55
CA GLY A 69 -5.33 -2.88 -7.22
C GLY A 69 -5.11 -4.01 -6.23
N GLU A 70 -3.86 -4.15 -5.80
CA GLU A 70 -3.51 -5.18 -4.85
C GLU A 70 -4.60 -5.33 -3.79
N ASP A 71 -4.76 -4.30 -2.99
CA ASP A 71 -5.76 -4.30 -1.94
C ASP A 71 -7.03 -4.98 -2.45
N GLY A 72 -7.30 -6.14 -1.86
CA GLY A 72 -8.48 -6.91 -2.25
C GLY A 72 -8.08 -8.17 -3.01
N ARG A 73 -6.84 -8.59 -2.81
CA ARG A 73 -6.32 -9.78 -3.46
C ARG A 73 -6.25 -10.94 -2.47
N MET A 74 -6.74 -12.09 -2.93
CA MET A 74 -6.74 -13.28 -2.10
C MET A 74 -5.42 -14.04 -2.24
N ILE A 75 -4.55 -13.84 -1.25
CA ILE A 75 -3.25 -14.50 -1.25
C ILE A 75 -3.17 -15.47 -0.06
N ALA A 76 -2.94 -16.73 -0.39
CA ALA A 76 -2.85 -17.75 0.64
C ALA A 76 -4.25 -18.18 1.07
N GLY A 77 -5.24 -17.52 0.47
CA GLY A 77 -6.62 -17.82 0.79
C GLY A 77 -7.28 -16.66 1.55
N GLN A 78 -6.44 -15.72 1.96
CA GLN A 78 -6.92 -14.56 2.68
C GLN A 78 -6.78 -13.30 1.84
N VAL A 79 -7.58 -12.30 2.19
CA VAL A 79 -7.55 -11.03 1.47
C VAL A 79 -6.48 -10.12 2.07
N LEU A 80 -5.76 -9.44 1.20
CA LEU A 80 -4.71 -8.54 1.64
C LEU A 80 -5.28 -7.13 1.78
N ASP A 81 -5.17 -6.59 2.98
CA ASP A 81 -5.68 -5.26 3.27
C ASP A 81 -4.54 -4.24 3.11
N ILE A 82 -4.53 -3.59 1.97
CA ILE A 82 -3.51 -2.59 1.68
C ILE A 82 -4.14 -1.20 1.67
N ASN A 83 -3.33 -0.21 2.01
CA ASN A 83 -3.80 1.16 2.05
C ASN A 83 -2.59 2.10 2.08
N LEU A 84 -2.75 3.24 1.40
CA LEU A 84 -1.68 4.23 1.35
C LEU A 84 -1.39 4.72 2.77
N ALA A 85 -0.11 4.67 3.12
CA ALA A 85 0.31 5.10 4.44
C ALA A 85 0.13 6.62 4.55
N ALA A 86 -1.12 7.03 4.64
CA ALA A 86 -1.46 8.44 4.76
C ALA A 86 -2.86 8.59 5.34
N GLU A 87 -3.82 8.00 4.64
CA GLU A 87 -5.21 8.06 5.07
C GLU A 87 -5.69 6.68 5.52
N PRO A 88 -5.70 6.49 6.87
CA PRO A 88 -6.13 5.22 7.44
C PRO A 88 -7.66 5.07 7.35
N LYS A 89 -8.31 6.16 6.96
CA LYS A 89 -9.75 6.17 6.83
C LYS A 89 -10.35 5.27 7.91
N VAL A 90 -9.97 5.53 9.15
CA VAL A 90 -10.46 4.75 10.28
C VAL A 90 -11.46 5.59 11.08
N ASN A 91 -12.56 4.95 11.44
CA ASN A 91 -13.60 5.63 12.21
C ASN A 91 -13.11 5.81 13.65
N ARG A 92 -13.82 6.68 14.37
CA ARG A 92 -13.48 6.95 15.75
C ARG A 92 -12.11 7.63 15.83
N SER A 93 -12.12 8.85 16.39
CA SER A 93 -10.90 9.61 16.53
C SER A 93 -11.02 10.60 17.68
N GLY A 94 -12.00 11.49 17.55
CA GLY A 94 -12.23 12.49 18.57
C GLY A 94 -13.04 13.66 18.02
N PRO A 95 -12.54 14.89 18.30
CA PRO A 95 -13.21 16.10 17.84
C PRO A 95 -12.97 16.32 16.34
N SER A 96 -13.76 17.21 15.77
CA SER A 96 -13.63 17.52 14.36
C SER A 96 -13.73 19.03 14.14
N SER A 97 -12.77 19.56 13.40
CA SER A 97 -12.73 20.98 13.12
C SER A 97 -13.14 21.77 14.35
N GLY A 98 -12.14 22.11 15.15
CA GLY A 98 -12.39 22.87 16.37
C GLY A 98 -12.01 22.06 17.61
N GLY A 1 15.37 -6.60 13.74
CA GLY A 1 14.85 -6.23 12.43
C GLY A 1 15.98 -5.84 11.48
N SER A 2 15.60 -5.40 10.30
CA SER A 2 16.56 -4.99 9.29
C SER A 2 16.00 -3.84 8.45
N SER A 3 16.57 -2.67 8.65
CA SER A 3 16.14 -1.49 7.93
C SER A 3 17.35 -0.58 7.63
N GLY A 4 17.80 -0.65 6.39
CA GLY A 4 18.94 0.16 5.96
C GLY A 4 18.73 0.69 4.54
N SER A 5 18.78 2.01 4.43
CA SER A 5 18.61 2.65 3.13
C SER A 5 17.32 2.16 2.48
N SER A 6 16.21 2.76 2.90
CA SER A 6 14.92 2.40 2.36
C SER A 6 14.30 3.59 1.62
N GLY A 7 14.42 3.56 0.30
CA GLY A 7 13.89 4.62 -0.53
C GLY A 7 14.48 5.98 -0.12
N LYS A 8 13.87 7.03 -0.64
CA LYS A 8 14.31 8.39 -0.35
C LYS A 8 13.21 9.12 0.43
N THR A 9 13.65 10.07 1.24
CA THR A 9 12.72 10.86 2.04
C THR A 9 13.01 12.35 1.88
N ASP A 10 12.68 12.86 0.71
CA ASP A 10 12.90 14.26 0.42
C ASP A 10 11.63 15.05 0.72
N PRO A 11 11.78 16.40 0.82
CA PRO A 11 10.65 17.27 1.12
C PRO A 11 9.76 17.44 -0.11
N ARG A 12 8.55 16.91 0.00
CA ARG A 12 7.60 17.00 -1.10
C ARG A 12 8.26 16.59 -2.41
N SER A 13 8.28 15.29 -2.65
CA SER A 13 8.87 14.77 -3.87
C SER A 13 8.74 13.25 -3.91
N MET A 14 9.37 12.60 -2.92
CA MET A 14 9.33 11.16 -2.83
C MET A 14 8.39 10.71 -1.70
N ASN A 15 7.10 10.74 -2.02
CA ASN A 15 6.09 10.34 -1.06
C ASN A 15 5.30 9.16 -1.62
N SER A 16 5.92 7.99 -1.60
CA SER A 16 5.29 6.79 -2.10
C SER A 16 5.55 5.62 -1.15
N ARG A 17 4.57 5.36 -0.29
CA ARG A 17 4.68 4.28 0.68
C ARG A 17 3.35 3.54 0.79
N VAL A 18 3.42 2.23 0.61
CA VAL A 18 2.24 1.39 0.70
C VAL A 18 2.33 0.52 1.95
N PHE A 19 1.20 0.40 2.63
CA PHE A 19 1.13 -0.40 3.83
C PHE A 19 0.33 -1.69 3.60
N ILE A 20 1.07 -2.77 3.38
CA ILE A 20 0.46 -4.06 3.14
C ILE A 20 0.08 -4.70 4.48
N GLY A 21 -1.19 -5.03 4.60
CA GLY A 21 -1.70 -5.64 5.81
C GLY A 21 -2.28 -7.02 5.53
N ASN A 22 -2.56 -7.75 6.61
CA ASN A 22 -3.13 -9.08 6.49
C ASN A 22 -2.28 -9.90 5.50
N LEU A 23 -0.99 -9.61 5.49
CA LEU A 23 -0.07 -10.30 4.62
C LEU A 23 0.29 -11.66 5.23
N ASN A 24 -0.14 -12.71 4.56
CA ASN A 24 0.13 -14.06 5.02
C ASN A 24 1.60 -14.40 4.76
N THR A 25 2.47 -13.66 5.44
CA THR A 25 3.90 -13.88 5.30
C THR A 25 4.25 -15.34 5.53
N LEU A 26 3.34 -16.04 6.19
CA LEU A 26 3.54 -17.45 6.49
C LEU A 26 3.40 -18.25 5.19
N VAL A 27 2.93 -17.58 4.15
CA VAL A 27 2.75 -18.21 2.86
C VAL A 27 3.33 -17.30 1.77
N VAL A 28 2.97 -16.03 1.85
CA VAL A 28 3.44 -15.05 0.89
C VAL A 28 4.92 -14.73 1.16
N LYS A 29 5.62 -14.40 0.08
CA LYS A 29 7.03 -14.08 0.19
C LYS A 29 7.27 -12.67 -0.37
N LYS A 30 8.18 -11.97 0.29
CA LYS A 30 8.51 -10.61 -0.13
C LYS A 30 8.52 -10.54 -1.66
N SER A 31 9.34 -11.39 -2.25
CA SER A 31 9.47 -11.44 -3.69
C SER A 31 8.08 -11.43 -4.33
N ASP A 32 7.20 -12.23 -3.77
CA ASP A 32 5.83 -12.32 -4.27
C ASP A 32 5.16 -10.96 -4.16
N VAL A 33 5.53 -10.23 -3.13
CA VAL A 33 4.97 -8.91 -2.89
C VAL A 33 5.77 -7.87 -3.70
N GLU A 34 6.98 -8.27 -4.08
CA GLU A 34 7.84 -7.40 -4.86
C GLU A 34 7.60 -7.61 -6.35
N ALA A 35 7.09 -8.78 -6.68
CA ALA A 35 6.81 -9.13 -8.06
C ALA A 35 5.35 -8.78 -8.39
N ILE A 36 4.48 -9.13 -7.47
CA ILE A 36 3.06 -8.86 -7.64
C ILE A 36 2.84 -7.35 -7.72
N PHE A 37 3.68 -6.63 -7.01
CA PHE A 37 3.59 -5.17 -6.99
C PHE A 37 4.49 -4.55 -8.06
N SER A 38 5.35 -5.39 -8.61
CA SER A 38 6.27 -4.93 -9.64
C SER A 38 5.50 -4.56 -10.91
N LYS A 39 4.23 -4.94 -10.91
CA LYS A 39 3.37 -4.66 -12.05
C LYS A 39 2.66 -3.33 -11.83
N TYR A 40 2.74 -2.85 -10.60
CA TYR A 40 2.12 -1.58 -10.24
C TYR A 40 3.15 -0.46 -10.15
N GLY A 41 4.25 -0.64 -10.86
CA GLY A 41 5.32 0.34 -10.87
C GLY A 41 6.63 -0.28 -10.41
N LYS A 42 7.68 0.54 -10.44
CA LYS A 42 9.00 0.07 -10.03
C LYS A 42 9.16 0.27 -8.52
N ILE A 43 9.45 -0.83 -7.84
CA ILE A 43 9.63 -0.79 -6.39
C ILE A 43 11.07 -0.40 -6.07
N VAL A 44 11.21 0.50 -5.11
CA VAL A 44 12.52 0.97 -4.70
C VAL A 44 12.87 0.37 -3.34
N GLY A 45 11.82 0.08 -2.57
CA GLY A 45 12.00 -0.51 -1.25
C GLY A 45 10.71 -1.18 -0.77
N CYS A 46 10.84 -2.47 -0.49
CA CYS A 46 9.70 -3.25 -0.02
C CYS A 46 10.13 -4.03 1.21
N SER A 47 9.27 -4.01 2.22
CA SER A 47 9.55 -4.72 3.46
C SER A 47 8.32 -5.52 3.89
N VAL A 48 8.58 -6.64 4.55
CA VAL A 48 7.52 -7.51 5.02
C VAL A 48 7.81 -7.93 6.47
N HIS A 49 6.86 -7.62 7.34
CA HIS A 49 7.00 -7.97 8.75
C HIS A 49 5.88 -8.92 9.15
N LYS A 50 6.26 -9.96 9.86
CA LYS A 50 5.29 -10.95 10.33
C LYS A 50 4.03 -10.25 10.79
N GLY A 51 3.05 -10.21 9.90
CA GLY A 51 1.78 -9.56 10.20
C GLY A 51 1.36 -8.61 9.09
N PHE A 52 2.34 -7.84 8.62
CA PHE A 52 2.09 -6.89 7.54
C PHE A 52 3.33 -6.70 6.68
N ALA A 53 3.24 -5.73 5.78
CA ALA A 53 4.36 -5.44 4.89
C ALA A 53 4.21 -4.01 4.34
N PHE A 54 5.24 -3.57 3.64
CA PHE A 54 5.23 -2.24 3.05
C PHE A 54 6.02 -2.20 1.75
N VAL A 55 5.47 -1.49 0.79
CA VAL A 55 6.11 -1.36 -0.52
C VAL A 55 6.36 0.12 -0.82
N GLN A 56 7.48 0.37 -1.47
CA GLN A 56 7.84 1.74 -1.82
C GLN A 56 8.09 1.84 -3.33
N TYR A 57 7.17 2.52 -4.00
CA TYR A 57 7.27 2.70 -5.44
C TYR A 57 8.10 3.94 -5.78
N VAL A 58 8.43 4.06 -7.06
CA VAL A 58 9.21 5.19 -7.52
C VAL A 58 8.39 6.48 -7.39
N ASN A 59 7.09 6.33 -7.57
CA ASN A 59 6.18 7.46 -7.47
C ASN A 59 4.95 7.05 -6.67
N GLU A 60 4.15 8.06 -6.32
CA GLU A 60 2.94 7.82 -5.55
C GLU A 60 1.84 7.26 -6.46
N ARG A 61 1.59 7.99 -7.53
CA ARG A 61 0.56 7.58 -8.48
C ARG A 61 0.60 6.06 -8.68
N ASN A 62 1.80 5.54 -8.76
CA ASN A 62 1.98 4.11 -8.95
C ASN A 62 1.60 3.38 -7.66
N ALA A 63 2.18 3.82 -6.57
CA ALA A 63 1.90 3.22 -5.27
C ALA A 63 0.39 3.08 -5.09
N ARG A 64 -0.29 4.23 -5.10
CA ARG A 64 -1.72 4.24 -4.94
C ARG A 64 -2.38 3.20 -5.84
N ALA A 65 -1.82 3.07 -7.04
CA ALA A 65 -2.33 2.11 -8.00
C ALA A 65 -2.56 0.76 -7.31
N ALA A 66 -1.45 0.18 -6.87
CA ALA A 66 -1.51 -1.10 -6.20
C ALA A 66 -2.50 -1.03 -5.05
N VAL A 67 -2.31 -0.03 -4.20
CA VAL A 67 -3.18 0.17 -3.06
C VAL A 67 -4.64 0.07 -3.52
N ALA A 68 -4.85 0.39 -4.79
CA ALA A 68 -6.19 0.34 -5.36
C ALA A 68 -6.41 -1.02 -6.01
N GLY A 69 -5.33 -1.59 -6.52
CA GLY A 69 -5.40 -2.89 -7.16
C GLY A 69 -5.16 -4.01 -6.15
N GLU A 70 -3.90 -4.15 -5.76
CA GLU A 70 -3.52 -5.18 -4.80
C GLU A 70 -4.61 -5.33 -3.73
N ASP A 71 -4.72 -4.31 -2.90
CA ASP A 71 -5.71 -4.31 -1.83
C ASP A 71 -7.00 -4.96 -2.34
N GLY A 72 -7.34 -6.08 -1.73
CA GLY A 72 -8.55 -6.80 -2.11
C GLY A 72 -8.20 -8.06 -2.91
N ARG A 73 -6.99 -8.55 -2.68
CA ARG A 73 -6.52 -9.75 -3.37
C ARG A 73 -6.50 -10.94 -2.41
N MET A 74 -7.00 -12.06 -2.90
CA MET A 74 -7.04 -13.28 -2.11
C MET A 74 -5.74 -14.06 -2.23
N ILE A 75 -4.81 -13.75 -1.34
CA ILE A 75 -3.52 -14.42 -1.35
C ILE A 75 -3.46 -15.41 -0.19
N ALA A 76 -3.25 -16.68 -0.54
CA ALA A 76 -3.16 -17.72 0.47
C ALA A 76 -4.58 -18.13 0.88
N GLY A 77 -5.56 -17.50 0.25
CA GLY A 77 -6.94 -17.78 0.55
C GLY A 77 -7.57 -16.65 1.37
N GLN A 78 -6.71 -15.74 1.82
CA GLN A 78 -7.17 -14.62 2.61
C GLN A 78 -6.95 -13.31 1.86
N VAL A 79 -7.82 -12.34 2.13
CA VAL A 79 -7.73 -11.05 1.48
C VAL A 79 -6.62 -10.22 2.15
N LEU A 80 -5.92 -9.46 1.32
CA LEU A 80 -4.85 -8.62 1.83
C LEU A 80 -5.37 -7.19 2.03
N ASP A 81 -5.15 -6.69 3.24
CA ASP A 81 -5.59 -5.35 3.57
C ASP A 81 -4.43 -4.37 3.36
N ILE A 82 -4.48 -3.68 2.24
CA ILE A 82 -3.44 -2.72 1.90
C ILE A 82 -4.06 -1.32 1.85
N ASN A 83 -3.20 -0.32 2.06
CA ASN A 83 -3.64 1.06 2.04
C ASN A 83 -2.43 1.98 1.90
N LEU A 84 -2.70 3.22 1.53
CA LEU A 84 -1.64 4.20 1.35
C LEU A 84 -1.24 4.76 2.72
N ALA A 85 0.06 4.86 2.92
CA ALA A 85 0.59 5.37 4.17
C ALA A 85 0.24 6.86 4.30
N ALA A 86 -1.03 7.11 4.60
CA ALA A 86 -1.51 8.47 4.76
C ALA A 86 -2.87 8.45 5.47
N GLU A 87 -3.75 7.63 4.95
CA GLU A 87 -5.09 7.51 5.52
C GLU A 87 -5.35 6.07 5.96
N PRO A 88 -5.25 5.84 7.29
CA PRO A 88 -5.47 4.52 7.85
C PRO A 88 -6.96 4.18 7.87
N LYS A 89 -7.77 5.18 7.56
CA LYS A 89 -9.21 5.00 7.53
C LYS A 89 -9.63 4.14 8.73
N VAL A 90 -9.22 4.59 9.92
CA VAL A 90 -9.54 3.89 11.14
C VAL A 90 -10.80 4.50 11.75
N ASN A 91 -11.63 3.64 12.31
CA ASN A 91 -12.87 4.08 12.94
C ASN A 91 -13.31 3.04 13.97
N ARG A 92 -13.25 3.43 15.23
CA ARG A 92 -13.64 2.54 16.31
C ARG A 92 -14.51 3.30 17.32
N SER A 93 -15.38 2.53 17.98
CA SER A 93 -16.28 3.12 18.97
C SER A 93 -17.07 4.27 18.35
N GLY A 94 -18.06 4.72 19.10
CA GLY A 94 -18.91 5.82 18.63
C GLY A 94 -20.28 5.31 18.19
N PRO A 95 -21.23 5.30 19.17
CA PRO A 95 -22.57 4.84 18.90
C PRO A 95 -23.36 5.88 18.10
N SER A 96 -22.94 6.07 16.86
CA SER A 96 -23.59 7.02 15.98
C SER A 96 -23.50 8.43 16.58
N SER A 97 -22.65 9.24 15.98
CA SER A 97 -22.47 10.60 16.44
C SER A 97 -23.55 11.51 15.85
N GLY A 98 -24.44 11.96 16.72
CA GLY A 98 -25.52 12.84 16.30
C GLY A 98 -25.41 14.20 16.97
N GLY A 1 -4.86 6.24 14.37
CA GLY A 1 -4.27 7.54 14.63
C GLY A 1 -5.19 8.66 14.18
N SER A 2 -4.61 9.64 13.50
CA SER A 2 -5.37 10.77 13.00
C SER A 2 -4.54 11.56 11.98
N SER A 3 -4.70 11.18 10.72
CA SER A 3 -3.98 11.84 9.65
C SER A 3 -4.78 11.73 8.35
N GLY A 4 -4.66 12.78 7.53
CA GLY A 4 -5.36 12.81 6.26
C GLY A 4 -5.16 14.16 5.57
N SER A 5 -4.97 14.09 4.25
CA SER A 5 -4.76 15.29 3.46
C SER A 5 -5.12 15.03 2.00
N SER A 6 -5.89 15.94 1.43
CA SER A 6 -6.31 15.82 0.05
C SER A 6 -5.40 16.67 -0.85
N GLY A 7 -5.15 16.16 -2.04
CA GLY A 7 -4.31 16.87 -3.00
C GLY A 7 -3.47 15.89 -3.82
N LYS A 8 -3.87 15.71 -5.07
CA LYS A 8 -3.17 14.80 -5.95
C LYS A 8 -1.66 15.04 -5.83
N THR A 9 -1.27 16.27 -6.14
CA THR A 9 0.13 16.65 -6.08
C THR A 9 0.54 16.97 -4.64
N ASP A 10 1.57 16.30 -4.18
CA ASP A 10 2.06 16.50 -2.83
C ASP A 10 3.25 17.46 -2.86
N PRO A 11 3.36 18.28 -1.78
CA PRO A 11 4.45 19.24 -1.67
C PRO A 11 5.76 18.55 -1.33
N ARG A 12 5.69 17.69 -0.32
CA ARG A 12 6.87 16.95 0.12
C ARG A 12 7.31 15.97 -0.96
N SER A 13 8.60 16.05 -1.30
CA SER A 13 9.16 15.18 -2.31
C SER A 13 9.22 13.73 -1.78
N MET A 14 9.43 12.81 -2.71
CA MET A 14 9.51 11.40 -2.35
C MET A 14 8.44 11.03 -1.33
N ASN A 15 7.25 10.75 -1.84
CA ASN A 15 6.13 10.38 -0.99
C ASN A 15 5.37 9.22 -1.63
N SER A 16 5.94 8.03 -1.49
CA SER A 16 5.32 6.84 -2.05
C SER A 16 5.57 5.65 -1.14
N ARG A 17 4.58 5.35 -0.31
CA ARG A 17 4.69 4.24 0.62
C ARG A 17 3.34 3.51 0.72
N VAL A 18 3.42 2.18 0.61
CA VAL A 18 2.22 1.36 0.68
C VAL A 18 2.30 0.48 1.94
N PHE A 19 1.17 0.39 2.62
CA PHE A 19 1.10 -0.41 3.83
C PHE A 19 0.31 -1.70 3.59
N ILE A 20 1.06 -2.77 3.36
CA ILE A 20 0.46 -4.07 3.10
C ILE A 20 0.10 -4.72 4.45
N GLY A 21 -1.20 -4.94 4.63
CA GLY A 21 -1.69 -5.56 5.85
C GLY A 21 -2.25 -6.96 5.57
N ASN A 22 -2.61 -7.64 6.65
CA ASN A 22 -3.15 -8.98 6.54
C ASN A 22 -2.36 -9.75 5.49
N LEU A 23 -1.05 -9.62 5.55
CA LEU A 23 -0.16 -10.30 4.63
C LEU A 23 0.26 -11.63 5.22
N ASN A 24 -0.18 -12.70 4.58
CA ASN A 24 0.16 -14.04 5.04
C ASN A 24 1.64 -14.30 4.78
N THR A 25 2.47 -13.50 5.41
CA THR A 25 3.91 -13.63 5.26
C THR A 25 4.34 -15.08 5.53
N LEU A 26 3.48 -15.79 6.24
CA LEU A 26 3.76 -17.18 6.56
C LEU A 26 3.71 -18.02 5.29
N VAL A 27 3.20 -17.40 4.23
CA VAL A 27 3.09 -18.08 2.95
C VAL A 27 3.64 -17.16 1.85
N VAL A 28 3.19 -15.91 1.88
CA VAL A 28 3.62 -14.93 0.90
C VAL A 28 5.09 -14.56 1.17
N LYS A 29 5.80 -14.29 0.08
CA LYS A 29 7.20 -13.91 0.19
C LYS A 29 7.39 -12.51 -0.38
N LYS A 30 8.32 -11.78 0.23
CA LYS A 30 8.61 -10.42 -0.20
C LYS A 30 8.60 -10.37 -1.73
N SER A 31 9.32 -11.31 -2.34
CA SER A 31 9.40 -11.38 -3.77
C SER A 31 8.00 -11.41 -4.38
N ASP A 32 7.14 -12.23 -3.77
CA ASP A 32 5.77 -12.36 -4.23
C ASP A 32 5.06 -11.02 -4.11
N VAL A 33 5.56 -10.20 -3.19
CA VAL A 33 4.98 -8.88 -2.97
C VAL A 33 5.75 -7.85 -3.80
N GLU A 34 6.95 -8.23 -4.20
CA GLU A 34 7.78 -7.35 -4.99
C GLU A 34 7.53 -7.58 -6.49
N ALA A 35 7.16 -8.81 -6.81
CA ALA A 35 6.88 -9.16 -8.20
C ALA A 35 5.43 -8.80 -8.52
N ILE A 36 4.55 -9.10 -7.58
CA ILE A 36 3.14 -8.82 -7.75
C ILE A 36 2.93 -7.31 -7.85
N PHE A 37 3.77 -6.58 -7.12
CA PHE A 37 3.69 -5.13 -7.12
C PHE A 37 4.61 -4.53 -8.18
N SER A 38 5.48 -5.38 -8.71
CA SER A 38 6.42 -4.94 -9.73
C SER A 38 5.67 -4.54 -11.00
N LYS A 39 4.39 -4.92 -11.04
CA LYS A 39 3.56 -4.61 -12.18
C LYS A 39 2.92 -3.24 -11.99
N TYR A 40 2.43 -3.00 -10.78
CA TYR A 40 1.80 -1.74 -10.45
C TYR A 40 2.81 -0.59 -10.51
N GLY A 41 4.07 -0.95 -10.64
CA GLY A 41 5.14 0.03 -10.73
C GLY A 41 6.46 -0.54 -10.24
N LYS A 42 7.51 0.25 -10.39
CA LYS A 42 8.83 -0.17 -9.96
C LYS A 42 8.99 0.07 -8.46
N ILE A 43 9.48 -0.95 -7.77
CA ILE A 43 9.67 -0.85 -6.33
C ILE A 43 11.12 -0.45 -6.05
N VAL A 44 11.28 0.47 -5.10
CA VAL A 44 12.59 0.94 -4.73
C VAL A 44 12.94 0.39 -3.34
N GLY A 45 11.91 0.12 -2.56
CA GLY A 45 12.10 -0.40 -1.22
C GLY A 45 10.82 -1.07 -0.71
N CYS A 46 10.93 -2.37 -0.44
CA CYS A 46 9.79 -3.12 0.05
C CYS A 46 10.24 -3.88 1.31
N SER A 47 9.29 -4.07 2.21
CA SER A 47 9.56 -4.77 3.46
C SER A 47 8.33 -5.56 3.89
N VAL A 48 8.59 -6.65 4.59
CA VAL A 48 7.51 -7.50 5.08
C VAL A 48 7.78 -7.88 6.53
N HIS A 49 6.80 -7.55 7.38
CA HIS A 49 6.92 -7.85 8.80
C HIS A 49 5.82 -8.82 9.21
N LYS A 50 6.22 -9.84 9.95
CA LYS A 50 5.28 -10.85 10.42
C LYS A 50 3.97 -10.17 10.82
N GLY A 51 3.02 -10.19 9.90
CA GLY A 51 1.72 -9.58 10.15
C GLY A 51 1.34 -8.63 9.00
N PHE A 52 2.30 -7.82 8.59
CA PHE A 52 2.07 -6.87 7.52
C PHE A 52 3.34 -6.70 6.67
N ALA A 53 3.30 -5.70 5.80
CA ALA A 53 4.41 -5.42 4.93
C ALA A 53 4.26 -4.02 4.33
N PHE A 54 5.28 -3.60 3.61
CA PHE A 54 5.27 -2.29 2.98
C PHE A 54 5.96 -2.32 1.62
N VAL A 55 5.55 -1.41 0.76
CA VAL A 55 6.13 -1.32 -0.58
C VAL A 55 6.34 0.15 -0.94
N GLN A 56 7.52 0.43 -1.49
CA GLN A 56 7.85 1.78 -1.89
C GLN A 56 8.07 1.84 -3.41
N TYR A 57 7.09 2.45 -4.08
CA TYR A 57 7.16 2.58 -5.53
C TYR A 57 8.01 3.80 -5.92
N VAL A 58 8.29 3.89 -7.22
CA VAL A 58 9.09 4.98 -7.74
C VAL A 58 8.33 6.30 -7.52
N ASN A 59 7.00 6.20 -7.57
CA ASN A 59 6.16 7.37 -7.38
C ASN A 59 4.91 6.97 -6.61
N GLU A 60 4.17 7.97 -6.16
CA GLU A 60 2.95 7.75 -5.41
C GLU A 60 1.87 7.17 -6.33
N ARG A 61 1.66 7.84 -7.44
CA ARG A 61 0.66 7.41 -8.40
C ARG A 61 0.74 5.90 -8.61
N ASN A 62 1.97 5.41 -8.69
CA ASN A 62 2.20 3.99 -8.89
C ASN A 62 1.78 3.23 -7.63
N ALA A 63 2.14 3.80 -6.48
CA ALA A 63 1.81 3.19 -5.21
C ALA A 63 0.29 3.06 -5.09
N ARG A 64 -0.37 4.21 -5.06
CA ARG A 64 -1.82 4.24 -4.95
C ARG A 64 -2.44 3.18 -5.86
N ALA A 65 -1.87 3.05 -7.05
CA ALA A 65 -2.35 2.08 -8.02
C ALA A 65 -2.58 0.74 -7.32
N ALA A 66 -1.49 0.16 -6.86
CA ALA A 66 -1.55 -1.12 -6.17
C ALA A 66 -2.50 -1.00 -4.97
N VAL A 67 -2.27 0.03 -4.18
CA VAL A 67 -3.09 0.27 -2.99
C VAL A 67 -4.56 0.08 -3.37
N ALA A 68 -4.88 0.41 -4.60
CA ALA A 68 -6.24 0.29 -5.09
C ALA A 68 -6.41 -1.07 -5.77
N GLY A 69 -5.36 -1.48 -6.46
CA GLY A 69 -5.38 -2.76 -7.16
C GLY A 69 -5.14 -3.92 -6.20
N GLU A 70 -3.90 -4.07 -5.78
CA GLU A 70 -3.54 -5.13 -4.86
C GLU A 70 -4.62 -5.30 -3.79
N ASP A 71 -4.73 -4.29 -2.94
CA ASP A 71 -5.71 -4.32 -1.87
C ASP A 71 -7.00 -4.96 -2.39
N GLY A 72 -7.34 -6.10 -1.81
CA GLY A 72 -8.54 -6.82 -2.20
C GLY A 72 -8.19 -8.04 -3.04
N ARG A 73 -6.99 -8.56 -2.83
CA ARG A 73 -6.53 -9.72 -3.56
C ARG A 73 -6.47 -10.94 -2.63
N MET A 74 -6.86 -12.08 -3.18
CA MET A 74 -6.86 -13.31 -2.41
C MET A 74 -5.54 -14.06 -2.59
N ILE A 75 -4.62 -13.79 -1.68
CA ILE A 75 -3.31 -14.42 -1.72
C ILE A 75 -3.22 -15.47 -0.60
N ALA A 76 -3.06 -16.71 -1.03
CA ALA A 76 -2.95 -17.82 -0.07
C ALA A 76 -4.36 -18.27 0.32
N GLY A 77 -5.35 -17.58 -0.23
CA GLY A 77 -6.74 -17.90 0.05
C GLY A 77 -7.37 -16.85 0.97
N GLN A 78 -6.59 -15.82 1.27
CA GLN A 78 -7.06 -14.76 2.12
C GLN A 78 -6.89 -13.41 1.43
N VAL A 79 -7.76 -12.47 1.80
CA VAL A 79 -7.72 -11.14 1.23
C VAL A 79 -6.58 -10.34 1.87
N LEU A 80 -6.01 -9.46 1.07
CA LEU A 80 -4.91 -8.62 1.54
C LEU A 80 -5.42 -7.22 1.81
N ASP A 81 -5.18 -6.75 3.02
CA ASP A 81 -5.62 -5.42 3.42
C ASP A 81 -4.45 -4.43 3.24
N ILE A 82 -4.50 -3.70 2.14
CA ILE A 82 -3.46 -2.73 1.84
C ILE A 82 -4.07 -1.33 1.82
N ASN A 83 -3.22 -0.34 2.07
CA ASN A 83 -3.67 1.04 2.09
C ASN A 83 -2.45 1.96 1.93
N LEU A 84 -2.73 3.19 1.53
CA LEU A 84 -1.67 4.18 1.34
C LEU A 84 -1.23 4.71 2.69
N ALA A 85 0.08 4.80 2.86
CA ALA A 85 0.65 5.30 4.10
C ALA A 85 0.28 6.77 4.27
N ALA A 86 -0.97 7.00 4.67
CA ALA A 86 -1.45 8.35 4.88
C ALA A 86 -2.80 8.30 5.58
N GLU A 87 -3.71 7.53 4.99
CA GLU A 87 -5.05 7.38 5.55
C GLU A 87 -5.28 5.95 6.00
N PRO A 88 -5.19 5.74 7.34
CA PRO A 88 -5.38 4.42 7.92
C PRO A 88 -6.87 4.04 7.92
N LYS A 89 -7.13 2.79 7.60
CA LYS A 89 -8.49 2.29 7.57
C LYS A 89 -8.88 1.76 8.94
N VAL A 90 -8.54 2.55 9.96
CA VAL A 90 -8.84 2.17 11.33
C VAL A 90 -10.03 3.00 11.83
N ASN A 91 -11.19 2.37 11.82
CA ASN A 91 -12.41 3.04 12.26
C ASN A 91 -13.21 2.08 13.13
N ARG A 92 -13.91 2.66 14.11
CA ARG A 92 -14.72 1.87 15.02
C ARG A 92 -15.76 1.05 14.23
N SER A 93 -16.58 1.77 13.48
CA SER A 93 -17.61 1.14 12.69
C SER A 93 -17.27 1.25 11.19
N GLY A 94 -18.00 0.48 10.40
CA GLY A 94 -17.78 0.49 8.96
C GLY A 94 -18.83 1.36 8.25
N PRO A 95 -18.31 2.37 7.50
CA PRO A 95 -19.19 3.27 6.77
C PRO A 95 -19.76 2.60 5.53
N SER A 96 -20.98 2.99 5.19
CA SER A 96 -21.65 2.43 4.02
C SER A 96 -20.76 2.60 2.78
N SER A 97 -20.53 1.48 2.10
CA SER A 97 -19.71 1.49 0.90
C SER A 97 -20.59 1.71 -0.34
N GLY A 98 -21.55 0.81 -0.50
CA GLY A 98 -22.46 0.90 -1.63
C GLY A 98 -21.73 0.61 -2.94
N GLY A 1 -10.76 29.66 -14.80
CA GLY A 1 -9.93 28.54 -14.40
C GLY A 1 -9.44 28.72 -12.96
N SER A 2 -8.12 28.77 -12.82
CA SER A 2 -7.51 28.93 -11.50
C SER A 2 -7.78 27.70 -10.65
N SER A 3 -6.93 27.51 -9.64
CA SER A 3 -7.08 26.38 -8.74
C SER A 3 -6.81 25.08 -9.50
N GLY A 4 -6.31 24.10 -8.75
CA GLY A 4 -6.00 22.80 -9.34
C GLY A 4 -4.49 22.60 -9.45
N SER A 5 -4.11 21.38 -9.79
CA SER A 5 -2.71 21.03 -9.94
C SER A 5 -2.51 20.14 -11.16
N SER A 6 -2.51 20.77 -12.32
CA SER A 6 -2.34 20.04 -13.57
C SER A 6 -0.90 19.52 -13.67
N GLY A 7 -0.68 18.40 -13.00
CA GLY A 7 0.65 17.79 -13.01
C GLY A 7 1.38 18.03 -11.68
N LYS A 8 2.69 18.05 -11.76
CA LYS A 8 3.51 18.27 -10.58
C LYS A 8 4.79 19.00 -10.98
N THR A 9 4.70 20.32 -11.04
CA THR A 9 5.85 21.14 -11.41
C THR A 9 6.70 21.44 -10.18
N ASP A 10 7.27 20.38 -9.62
CA ASP A 10 8.11 20.52 -8.44
C ASP A 10 9.39 19.70 -8.64
N PRO A 11 10.50 20.20 -8.03
CA PRO A 11 11.78 19.53 -8.13
C PRO A 11 11.82 18.29 -7.24
N ARG A 12 11.89 17.13 -7.88
CA ARG A 12 11.93 15.87 -7.16
C ARG A 12 10.66 15.70 -6.32
N SER A 13 10.39 14.46 -5.96
CA SER A 13 9.22 14.14 -5.16
C SER A 13 9.26 12.68 -4.72
N MET A 14 9.55 12.48 -3.44
CA MET A 14 9.63 11.14 -2.89
C MET A 14 8.56 10.93 -1.81
N ASN A 15 7.35 10.62 -2.26
CA ASN A 15 6.25 10.40 -1.35
C ASN A 15 5.39 9.24 -1.88
N SER A 16 5.89 8.03 -1.66
CA SER A 16 5.18 6.84 -2.10
C SER A 16 5.43 5.69 -1.13
N ARG A 17 4.39 5.35 -0.38
CA ARG A 17 4.47 4.27 0.59
C ARG A 17 3.16 3.50 0.66
N VAL A 18 3.26 2.19 0.55
CA VAL A 18 2.08 1.34 0.60
C VAL A 18 2.15 0.47 1.86
N PHE A 19 1.06 0.50 2.61
CA PHE A 19 0.97 -0.29 3.83
C PHE A 19 0.24 -1.60 3.59
N ILE A 20 1.03 -2.66 3.42
CA ILE A 20 0.47 -3.98 3.19
C ILE A 20 0.15 -4.64 4.52
N GLY A 21 -1.14 -4.90 4.73
CA GLY A 21 -1.59 -5.51 5.96
C GLY A 21 -2.24 -6.87 5.68
N ASN A 22 -2.43 -7.64 6.75
CA ASN A 22 -3.04 -8.95 6.63
C ASN A 22 -2.32 -9.74 5.53
N LEU A 23 -1.00 -9.65 5.54
CA LEU A 23 -0.19 -10.34 4.56
C LEU A 23 0.23 -11.69 5.13
N ASN A 24 -0.27 -12.75 4.51
CA ASN A 24 0.04 -14.11 4.94
C ASN A 24 1.52 -14.40 4.65
N THR A 25 2.37 -13.70 5.36
CA THR A 25 3.81 -13.87 5.20
C THR A 25 4.20 -15.33 5.45
N LEU A 26 3.30 -16.05 6.09
CA LEU A 26 3.54 -17.45 6.40
C LEU A 26 3.55 -18.26 5.09
N VAL A 27 3.10 -17.61 4.03
CA VAL A 27 3.06 -18.24 2.72
C VAL A 27 3.61 -17.28 1.66
N VAL A 28 3.06 -16.07 1.68
CA VAL A 28 3.48 -15.05 0.73
C VAL A 28 4.95 -14.74 0.96
N LYS A 29 5.63 -14.42 -0.14
CA LYS A 29 7.05 -14.09 -0.09
C LYS A 29 7.25 -12.65 -0.57
N LYS A 30 8.26 -12.01 0.01
CA LYS A 30 8.57 -10.64 -0.35
C LYS A 30 8.52 -10.50 -1.88
N SER A 31 9.20 -11.42 -2.55
CA SER A 31 9.25 -11.41 -4.00
C SER A 31 7.82 -11.45 -4.57
N ASP A 32 6.96 -12.14 -3.85
CA ASP A 32 5.57 -12.25 -4.27
C ASP A 32 4.88 -10.90 -4.12
N VAL A 33 5.28 -10.17 -3.09
CA VAL A 33 4.71 -8.86 -2.84
C VAL A 33 5.50 -7.80 -3.62
N GLU A 34 6.70 -8.20 -4.03
CA GLU A 34 7.57 -7.30 -4.77
C GLU A 34 7.31 -7.44 -6.28
N ALA A 35 7.05 -8.67 -6.68
CA ALA A 35 6.79 -8.96 -8.08
C ALA A 35 5.35 -8.56 -8.42
N ILE A 36 4.43 -8.96 -7.55
CA ILE A 36 3.03 -8.64 -7.75
C ILE A 36 2.85 -7.13 -7.78
N PHE A 37 3.71 -6.45 -7.03
CA PHE A 37 3.66 -5.00 -6.96
C PHE A 37 4.57 -4.36 -8.02
N SER A 38 5.74 -4.96 -8.16
CA SER A 38 6.72 -4.46 -9.12
C SER A 38 6.04 -4.16 -10.45
N LYS A 39 4.93 -4.85 -10.68
CA LYS A 39 4.17 -4.67 -11.91
C LYS A 39 3.42 -3.33 -11.85
N TYR A 40 2.83 -3.07 -10.69
CA TYR A 40 2.09 -1.85 -10.50
C TYR A 40 3.02 -0.63 -10.54
N GLY A 41 4.30 -0.91 -10.54
CA GLY A 41 5.30 0.15 -10.59
C GLY A 41 6.65 -0.35 -10.05
N LYS A 42 7.69 0.41 -10.35
CA LYS A 42 9.03 0.07 -9.91
C LYS A 42 9.14 0.31 -8.40
N ILE A 43 9.60 -0.72 -7.70
CA ILE A 43 9.76 -0.64 -6.27
C ILE A 43 11.20 -0.24 -5.93
N VAL A 44 11.33 0.63 -4.94
CA VAL A 44 12.63 1.10 -4.53
C VAL A 44 12.96 0.53 -3.13
N GLY A 45 11.90 0.20 -2.41
CA GLY A 45 12.06 -0.36 -1.07
C GLY A 45 10.78 -1.07 -0.63
N CYS A 46 10.93 -2.36 -0.37
CA CYS A 46 9.80 -3.17 0.06
C CYS A 46 10.23 -3.99 1.28
N SER A 47 9.35 -4.03 2.27
CA SER A 47 9.64 -4.77 3.50
C SER A 47 8.41 -5.58 3.91
N VAL A 48 8.68 -6.75 4.47
CA VAL A 48 7.61 -7.63 4.92
C VAL A 48 7.87 -8.06 6.36
N HIS A 49 6.93 -7.72 7.22
CA HIS A 49 7.04 -8.07 8.63
C HIS A 49 5.88 -8.98 9.03
N LYS A 50 6.24 -10.07 9.70
CA LYS A 50 5.26 -11.03 10.15
C LYS A 50 4.02 -10.28 10.67
N GLY A 51 3.03 -10.16 9.80
CA GLY A 51 1.81 -9.48 10.16
C GLY A 51 1.41 -8.45 9.08
N PHE A 52 2.42 -7.81 8.53
CA PHE A 52 2.20 -6.80 7.51
C PHE A 52 3.50 -6.51 6.74
N ALA A 53 3.33 -5.83 5.61
CA ALA A 53 4.47 -5.48 4.78
C ALA A 53 4.30 -4.05 4.25
N PHE A 54 5.37 -3.54 3.65
CA PHE A 54 5.34 -2.20 3.11
C PHE A 54 6.17 -2.12 1.83
N VAL A 55 5.55 -1.56 0.79
CA VAL A 55 6.21 -1.42 -0.49
C VAL A 55 6.40 0.07 -0.80
N GLN A 56 7.50 0.36 -1.48
CA GLN A 56 7.81 1.73 -1.84
C GLN A 56 8.09 1.84 -3.34
N TYR A 57 7.16 2.52 -4.02
CA TYR A 57 7.29 2.70 -5.45
C TYR A 57 8.09 3.96 -5.78
N VAL A 58 8.55 4.03 -7.02
CA VAL A 58 9.32 5.17 -7.47
C VAL A 58 8.50 6.45 -7.30
N ASN A 59 7.21 6.32 -7.56
CA ASN A 59 6.31 7.44 -7.44
C ASN A 59 5.07 7.02 -6.63
N GLU A 60 4.29 8.01 -6.24
CA GLU A 60 3.08 7.76 -5.47
C GLU A 60 2.00 7.15 -6.35
N ARG A 61 1.73 7.82 -7.46
CA ARG A 61 0.72 7.36 -8.40
C ARG A 61 0.76 5.83 -8.50
N ASN A 62 1.98 5.31 -8.64
CA ASN A 62 2.17 3.88 -8.75
C ASN A 62 1.63 3.20 -7.49
N ALA A 63 2.09 3.69 -6.35
CA ALA A 63 1.67 3.14 -5.08
C ALA A 63 0.14 3.03 -5.05
N ARG A 64 -0.50 4.17 -5.20
CA ARG A 64 -1.96 4.22 -5.21
C ARG A 64 -2.52 3.14 -6.13
N ALA A 65 -1.80 2.90 -7.21
CA ALA A 65 -2.21 1.91 -8.20
C ALA A 65 -2.45 0.58 -7.47
N ALA A 66 -1.38 0.04 -6.92
CA ALA A 66 -1.45 -1.22 -6.21
C ALA A 66 -2.41 -1.08 -5.02
N VAL A 67 -2.18 -0.04 -4.23
CA VAL A 67 -3.01 0.22 -3.07
C VAL A 67 -4.48 0.03 -3.45
N ALA A 68 -4.77 0.31 -4.71
CA ALA A 68 -6.13 0.18 -5.21
C ALA A 68 -6.31 -1.20 -5.84
N GLY A 69 -5.23 -1.67 -6.46
CA GLY A 69 -5.26 -2.96 -7.11
C GLY A 69 -5.05 -4.09 -6.09
N GLU A 70 -3.82 -4.21 -5.64
CA GLU A 70 -3.47 -5.23 -4.67
C GLU A 70 -4.59 -5.38 -3.63
N ASP A 71 -4.70 -4.36 -2.78
CA ASP A 71 -5.71 -4.37 -1.74
C ASP A 71 -6.99 -5.02 -2.28
N GLY A 72 -7.31 -6.18 -1.72
CA GLY A 72 -8.50 -6.91 -2.13
C GLY A 72 -8.12 -8.13 -2.96
N ARG A 73 -6.89 -8.59 -2.76
CA ARG A 73 -6.39 -9.76 -3.47
C ARG A 73 -6.34 -10.97 -2.53
N MET A 74 -6.82 -12.09 -3.05
CA MET A 74 -6.84 -13.32 -2.28
C MET A 74 -5.53 -14.08 -2.42
N ILE A 75 -4.58 -13.74 -1.56
CA ILE A 75 -3.27 -14.38 -1.58
C ILE A 75 -3.23 -15.49 -0.51
N ALA A 76 -2.94 -16.70 -0.98
CA ALA A 76 -2.87 -17.84 -0.08
C ALA A 76 -4.28 -18.23 0.37
N GLY A 77 -5.26 -17.55 -0.22
CA GLY A 77 -6.65 -17.81 0.12
C GLY A 77 -7.19 -16.76 1.09
N GLN A 78 -6.32 -15.80 1.41
CA GLN A 78 -6.70 -14.74 2.32
C GLN A 78 -6.55 -13.37 1.64
N VAL A 79 -7.48 -12.48 1.95
CA VAL A 79 -7.46 -11.15 1.38
C VAL A 79 -6.35 -10.33 2.03
N LEU A 80 -5.76 -9.45 1.24
CA LEU A 80 -4.68 -8.60 1.74
C LEU A 80 -5.22 -7.18 1.96
N ASP A 81 -5.08 -6.72 3.19
CA ASP A 81 -5.54 -5.39 3.54
C ASP A 81 -4.40 -4.39 3.34
N ILE A 82 -4.47 -3.69 2.22
CA ILE A 82 -3.45 -2.71 1.89
C ILE A 82 -4.10 -1.32 1.83
N ASN A 83 -3.28 -0.31 2.08
CA ASN A 83 -3.75 1.07 2.04
C ASN A 83 -2.57 2.01 1.85
N LEU A 84 -2.88 3.20 1.36
CA LEU A 84 -1.84 4.20 1.12
C LEU A 84 -1.43 4.83 2.45
N ALA A 85 -0.12 4.91 2.65
CA ALA A 85 0.43 5.48 3.87
C ALA A 85 0.01 6.95 3.96
N ALA A 86 -1.20 7.16 4.42
CA ALA A 86 -1.73 8.52 4.57
C ALA A 86 -3.06 8.47 5.32
N GLU A 87 -3.96 7.63 4.82
CA GLU A 87 -5.27 7.48 5.43
C GLU A 87 -5.42 6.07 6.02
N PRO A 88 -5.35 6.02 7.38
CA PRO A 88 -5.48 4.75 8.08
C PRO A 88 -6.94 4.28 8.09
N LYS A 89 -7.12 2.98 7.85
CA LYS A 89 -8.44 2.41 7.84
C LYS A 89 -9.19 2.80 9.11
N VAL A 90 -8.41 3.14 10.13
CA VAL A 90 -8.97 3.55 11.41
C VAL A 90 -9.68 4.89 11.25
N ASN A 91 -11.00 4.83 11.21
CA ASN A 91 -11.80 6.03 11.06
C ASN A 91 -11.47 6.69 9.72
N ARG A 92 -12.31 6.41 8.73
CA ARG A 92 -12.12 6.97 7.41
C ARG A 92 -13.00 8.20 7.22
N SER A 93 -12.38 9.36 7.34
CA SER A 93 -13.09 10.63 7.19
C SER A 93 -12.91 11.15 5.77
N GLY A 94 -13.85 11.99 5.35
CA GLY A 94 -13.80 12.58 4.03
C GLY A 94 -14.23 11.57 2.96
N PRO A 95 -15.54 11.63 2.59
CA PRO A 95 -16.08 10.73 1.60
C PRO A 95 -15.64 11.13 0.19
N SER A 96 -15.81 12.42 -0.11
CA SER A 96 -15.44 12.94 -1.40
C SER A 96 -15.11 14.44 -1.28
N SER A 97 -13.83 14.72 -1.10
CA SER A 97 -13.38 16.09 -0.96
C SER A 97 -13.90 16.93 -2.14
N GLY A 98 -14.66 17.95 -1.80
CA GLY A 98 -15.23 18.84 -2.81
C GLY A 98 -15.94 18.03 -3.90
N GLY A 1 -20.88 16.82 8.61
CA GLY A 1 -20.02 17.84 8.04
C GLY A 1 -19.28 18.61 9.14
N SER A 2 -17.97 18.40 9.18
CA SER A 2 -17.14 19.05 10.18
C SER A 2 -15.66 18.79 9.88
N SER A 3 -14.88 19.86 9.95
CA SER A 3 -13.45 19.75 9.69
C SER A 3 -12.72 20.95 10.30
N GLY A 4 -11.51 20.68 10.77
CA GLY A 4 -10.70 21.72 11.39
C GLY A 4 -9.55 22.14 10.48
N SER A 5 -8.35 21.73 10.86
CA SER A 5 -7.17 22.06 10.09
C SER A 5 -5.94 21.38 10.70
N SER A 6 -5.71 20.14 10.28
CA SER A 6 -4.59 19.38 10.78
C SER A 6 -3.61 19.08 9.64
N GLY A 7 -2.34 18.90 10.01
CA GLY A 7 -1.31 18.62 9.03
C GLY A 7 -1.20 17.12 8.78
N LYS A 8 -0.29 16.77 7.87
CA LYS A 8 -0.08 15.38 7.52
C LYS A 8 1.42 15.07 7.55
N THR A 9 1.90 14.76 8.74
CA THR A 9 3.31 14.45 8.92
C THR A 9 3.71 13.29 8.02
N ASP A 10 4.85 13.46 7.36
CA ASP A 10 5.36 12.44 6.46
C ASP A 10 6.15 11.41 7.27
N PRO A 11 6.11 10.14 6.79
CA PRO A 11 6.82 9.06 7.45
C PRO A 11 8.32 9.14 7.18
N ARG A 12 8.91 10.26 7.61
CA ARG A 12 10.33 10.46 7.42
C ARG A 12 10.63 10.75 5.95
N SER A 13 10.36 11.99 5.55
CA SER A 13 10.59 12.40 4.18
C SER A 13 10.16 11.29 3.21
N MET A 14 8.88 10.98 3.25
CA MET A 14 8.33 9.95 2.39
C MET A 14 7.11 10.46 1.62
N ASN A 15 6.73 9.68 0.62
CA ASN A 15 5.59 10.05 -0.21
C ASN A 15 4.93 8.78 -0.74
N SER A 16 5.69 8.05 -1.54
CA SER A 16 5.19 6.81 -2.12
C SER A 16 5.43 5.65 -1.16
N ARG A 17 4.37 5.27 -0.46
CA ARG A 17 4.45 4.19 0.50
C ARG A 17 3.13 3.40 0.52
N VAL A 18 3.26 2.10 0.65
CA VAL A 18 2.08 1.23 0.69
C VAL A 18 2.19 0.30 1.90
N PHE A 19 1.10 0.24 2.66
CA PHE A 19 1.06 -0.61 3.84
C PHE A 19 0.27 -1.89 3.56
N ILE A 20 1.01 -2.96 3.33
CA ILE A 20 0.39 -4.25 3.06
C ILE A 20 0.11 -4.96 4.37
N GLY A 21 -1.17 -5.02 4.73
CA GLY A 21 -1.59 -5.66 5.95
C GLY A 21 -2.26 -7.00 5.66
N ASN A 22 -2.62 -7.69 6.74
CA ASN A 22 -3.26 -8.99 6.61
C ASN A 22 -2.56 -9.81 5.52
N LEU A 23 -1.24 -9.67 5.47
CA LEU A 23 -0.46 -10.37 4.49
C LEU A 23 0.10 -11.65 5.11
N ASN A 24 -0.36 -12.78 4.58
CA ASN A 24 0.09 -14.07 5.08
C ASN A 24 1.59 -14.22 4.84
N THR A 25 2.36 -13.60 5.71
CA THR A 25 3.81 -13.65 5.60
C THR A 25 4.32 -15.03 6.01
N LEU A 26 3.38 -15.91 6.33
CA LEU A 26 3.72 -17.27 6.73
C LEU A 26 3.78 -18.16 5.49
N VAL A 27 3.19 -17.66 4.42
CA VAL A 27 3.17 -18.40 3.16
C VAL A 27 3.74 -17.53 2.04
N VAL A 28 3.19 -16.32 1.94
CA VAL A 28 3.63 -15.39 0.93
C VAL A 28 5.07 -14.96 1.22
N LYS A 29 5.78 -14.65 0.14
CA LYS A 29 7.17 -14.24 0.26
C LYS A 29 7.28 -12.75 -0.09
N LYS A 30 8.52 -12.27 -0.06
CA LYS A 30 8.77 -10.87 -0.37
C LYS A 30 8.67 -10.66 -1.89
N SER A 31 9.32 -11.54 -2.62
CA SER A 31 9.31 -11.46 -4.07
C SER A 31 7.87 -11.54 -4.58
N ASP A 32 7.02 -12.18 -3.79
CA ASP A 32 5.63 -12.34 -4.14
C ASP A 32 4.92 -10.99 -4.02
N VAL A 33 5.41 -10.18 -3.09
CA VAL A 33 4.83 -8.87 -2.87
C VAL A 33 5.61 -7.83 -3.68
N GLU A 34 6.83 -8.21 -4.05
CA GLU A 34 7.68 -7.32 -4.82
C GLU A 34 7.46 -7.54 -6.33
N ALA A 35 6.92 -8.70 -6.64
CA ALA A 35 6.66 -9.04 -8.03
C ALA A 35 5.21 -8.67 -8.38
N ILE A 36 4.31 -9.06 -7.49
CA ILE A 36 2.89 -8.77 -7.69
C ILE A 36 2.70 -7.25 -7.76
N PHE A 37 3.56 -6.55 -7.03
CA PHE A 37 3.48 -5.09 -6.99
C PHE A 37 4.39 -4.48 -8.06
N SER A 38 5.28 -5.30 -8.59
CA SER A 38 6.21 -4.85 -9.62
C SER A 38 5.43 -4.47 -10.88
N LYS A 39 4.22 -5.00 -10.99
CA LYS A 39 3.38 -4.72 -12.14
C LYS A 39 2.62 -3.41 -11.90
N TYR A 40 2.80 -2.86 -10.71
CA TYR A 40 2.15 -1.62 -10.35
C TYR A 40 3.16 -0.47 -10.25
N GLY A 41 4.34 -0.72 -10.81
CA GLY A 41 5.40 0.27 -10.80
C GLY A 41 6.73 -0.36 -10.40
N LYS A 42 7.73 0.50 -10.23
CA LYS A 42 9.05 0.05 -9.85
C LYS A 42 9.25 0.25 -8.34
N ILE A 43 9.41 -0.86 -7.64
CA ILE A 43 9.61 -0.83 -6.20
C ILE A 43 11.05 -0.42 -5.90
N VAL A 44 11.20 0.53 -5.00
CA VAL A 44 12.50 1.01 -4.60
C VAL A 44 12.83 0.51 -3.20
N GLY A 45 11.78 0.35 -2.40
CA GLY A 45 11.94 -0.12 -1.03
C GLY A 45 10.71 -0.91 -0.58
N CYS A 46 10.92 -2.19 -0.33
CA CYS A 46 9.85 -3.07 0.11
C CYS A 46 10.34 -3.86 1.32
N SER A 47 9.41 -4.14 2.22
CA SER A 47 9.72 -4.88 3.43
C SER A 47 8.52 -5.72 3.86
N VAL A 48 8.82 -6.82 4.53
CA VAL A 48 7.77 -7.72 5.00
C VAL A 48 8.01 -8.03 6.48
N HIS A 49 7.08 -7.57 7.30
CA HIS A 49 7.17 -7.80 8.74
C HIS A 49 6.02 -8.69 9.19
N LYS A 50 6.38 -9.74 9.91
CA LYS A 50 5.39 -10.68 10.40
C LYS A 50 4.15 -9.92 10.87
N GLY A 51 3.13 -9.92 10.02
CA GLY A 51 1.90 -9.22 10.33
C GLY A 51 1.48 -8.31 9.18
N PHE A 52 2.48 -7.79 8.49
CA PHE A 52 2.24 -6.90 7.37
C PHE A 52 3.51 -6.68 6.55
N ALA A 53 3.43 -5.75 5.61
CA ALA A 53 4.56 -5.44 4.76
C ALA A 53 4.41 -4.01 4.23
N PHE A 54 5.53 -3.46 3.76
CA PHE A 54 5.54 -2.12 3.23
C PHE A 54 6.25 -2.08 1.87
N VAL A 55 5.67 -1.30 0.96
CA VAL A 55 6.24 -1.18 -0.38
C VAL A 55 6.44 0.31 -0.69
N GLN A 56 7.47 0.58 -1.48
CA GLN A 56 7.79 1.94 -1.86
C GLN A 56 8.08 2.02 -3.36
N TYR A 57 7.14 2.61 -4.09
CA TYR A 57 7.29 2.75 -5.53
C TYR A 57 8.12 3.99 -5.87
N VAL A 58 8.46 4.10 -7.14
CA VAL A 58 9.25 5.23 -7.62
C VAL A 58 8.42 6.50 -7.51
N ASN A 59 7.10 6.33 -7.58
CA ASN A 59 6.19 7.45 -7.49
C ASN A 59 4.90 7.00 -6.79
N GLU A 60 4.26 7.97 -6.16
CA GLU A 60 3.01 7.69 -5.44
C GLU A 60 1.98 7.11 -6.40
N ARG A 61 1.75 7.84 -7.49
CA ARG A 61 0.78 7.41 -8.49
C ARG A 61 0.85 5.89 -8.67
N ASN A 62 2.07 5.39 -8.76
CA ASN A 62 2.28 3.96 -8.94
C ASN A 62 1.74 3.21 -7.72
N ALA A 63 2.21 3.64 -6.55
CA ALA A 63 1.80 3.02 -5.31
C ALA A 63 0.26 2.99 -5.25
N ARG A 64 -0.32 4.17 -5.20
CA ARG A 64 -1.77 4.29 -5.15
C ARG A 64 -2.42 3.24 -6.05
N ALA A 65 -1.79 3.00 -7.18
CA ALA A 65 -2.29 2.02 -8.13
C ALA A 65 -2.54 0.70 -7.41
N ALA A 66 -1.46 0.12 -6.90
CA ALA A 66 -1.55 -1.14 -6.19
C ALA A 66 -2.51 -0.98 -5.01
N VAL A 67 -2.24 0.03 -4.20
CA VAL A 67 -3.08 0.29 -3.04
C VAL A 67 -4.55 0.15 -3.42
N ALA A 68 -4.82 0.45 -4.68
CA ALA A 68 -6.18 0.37 -5.19
C ALA A 68 -6.40 -1.01 -5.83
N GLY A 69 -5.35 -1.50 -6.46
CA GLY A 69 -5.41 -2.80 -7.12
C GLY A 69 -5.17 -3.93 -6.11
N GLU A 70 -3.92 -4.08 -5.71
CA GLU A 70 -3.55 -5.11 -4.75
C GLU A 70 -4.64 -5.26 -3.69
N ASP A 71 -4.82 -4.18 -2.93
CA ASP A 71 -5.82 -4.18 -1.87
C ASP A 71 -7.07 -4.91 -2.36
N GLY A 72 -7.26 -6.12 -1.83
CA GLY A 72 -8.40 -6.92 -2.20
C GLY A 72 -7.97 -8.23 -2.86
N ARG A 73 -6.68 -8.31 -3.14
CA ARG A 73 -6.12 -9.50 -3.77
C ARG A 73 -6.13 -10.68 -2.79
N MET A 74 -6.58 -11.82 -3.30
CA MET A 74 -6.64 -13.02 -2.48
C MET A 74 -5.34 -13.82 -2.57
N ILE A 75 -4.52 -13.67 -1.55
CA ILE A 75 -3.24 -14.37 -1.50
C ILE A 75 -3.30 -15.46 -0.42
N ALA A 76 -3.01 -16.68 -0.84
CA ALA A 76 -3.03 -17.80 0.07
C ALA A 76 -4.47 -18.15 0.43
N GLY A 77 -5.40 -17.47 -0.24
CA GLY A 77 -6.81 -17.69 -0.01
C GLY A 77 -7.36 -16.68 1.00
N GLN A 78 -6.61 -15.61 1.19
CA GLN A 78 -7.01 -14.56 2.12
C GLN A 78 -6.91 -13.19 1.45
N VAL A 79 -7.80 -12.30 1.86
CA VAL A 79 -7.82 -10.96 1.31
C VAL A 79 -6.75 -10.12 2.01
N LEU A 80 -5.97 -9.42 1.19
CA LEU A 80 -4.90 -8.58 1.72
C LEU A 80 -5.43 -7.16 1.89
N ASP A 81 -5.34 -6.67 3.12
CA ASP A 81 -5.79 -5.33 3.44
C ASP A 81 -4.64 -4.34 3.25
N ILE A 82 -4.68 -3.66 2.11
CA ILE A 82 -3.65 -2.68 1.79
C ILE A 82 -4.27 -1.28 1.75
N ASN A 83 -3.46 -0.30 2.10
CA ASN A 83 -3.92 1.08 2.10
C ASN A 83 -2.71 2.01 2.13
N LEU A 84 -2.84 3.12 1.42
CA LEU A 84 -1.76 4.11 1.36
C LEU A 84 -1.49 4.64 2.76
N ALA A 85 -0.22 4.60 3.13
CA ALA A 85 0.20 5.08 4.44
C ALA A 85 -0.08 6.58 4.55
N ALA A 86 -1.35 6.90 4.77
CA ALA A 86 -1.76 8.29 4.89
C ALA A 86 -3.20 8.35 5.40
N GLU A 87 -4.12 8.07 4.50
CA GLU A 87 -5.54 8.09 4.83
C GLU A 87 -6.04 6.66 5.11
N PRO A 88 -6.54 6.46 6.35
CA PRO A 88 -7.05 5.16 6.76
C PRO A 88 -8.41 4.89 6.13
N LYS A 89 -8.54 3.69 5.59
CA LYS A 89 -9.79 3.29 4.95
C LYS A 89 -10.72 2.67 6.00
N VAL A 90 -10.85 3.36 7.12
CA VAL A 90 -11.70 2.89 8.20
C VAL A 90 -12.94 3.78 8.28
N ASN A 91 -14.09 3.12 8.36
CA ASN A 91 -15.35 3.84 8.45
C ASN A 91 -15.21 5.00 9.43
N ARG A 92 -14.79 4.66 10.64
CA ARG A 92 -14.61 5.66 11.68
C ARG A 92 -15.98 6.18 12.15
N SER A 93 -16.67 6.83 11.24
CA SER A 93 -17.98 7.39 11.54
C SER A 93 -17.83 8.62 12.44
N GLY A 94 -17.44 8.36 13.68
CA GLY A 94 -17.27 9.44 14.65
C GLY A 94 -16.98 8.88 16.04
N PRO A 95 -16.40 9.76 16.90
CA PRO A 95 -16.07 9.36 18.26
C PRO A 95 -17.33 9.30 19.13
N SER A 96 -17.81 8.09 19.33
CA SER A 96 -19.00 7.88 20.14
C SER A 96 -18.66 7.00 21.35
N SER A 97 -19.32 7.31 22.46
CA SER A 97 -19.11 6.56 23.68
C SER A 97 -20.45 6.20 24.33
N GLY A 98 -20.52 4.98 24.85
CA GLY A 98 -21.73 4.51 25.49
C GLY A 98 -21.86 2.99 25.34
N GLY A 1 -21.42 27.09 -3.21
CA GLY A 1 -22.19 26.89 -4.43
C GLY A 1 -21.63 25.72 -5.24
N SER A 2 -21.45 25.96 -6.52
CA SER A 2 -20.93 24.93 -7.42
C SER A 2 -19.40 24.96 -7.40
N SER A 3 -18.83 24.32 -6.40
CA SER A 3 -17.38 24.27 -6.26
C SER A 3 -16.75 23.86 -7.59
N GLY A 4 -17.14 22.68 -8.06
CA GLY A 4 -16.62 22.17 -9.31
C GLY A 4 -15.11 21.92 -9.22
N SER A 5 -14.41 22.42 -10.23
CA SER A 5 -12.96 22.27 -10.27
C SER A 5 -12.60 20.79 -10.36
N SER A 6 -11.91 20.45 -11.44
CA SER A 6 -11.50 19.07 -11.65
C SER A 6 -10.08 19.04 -12.25
N GLY A 7 -9.95 19.67 -13.40
CA GLY A 7 -8.67 19.72 -14.08
C GLY A 7 -7.98 18.36 -14.05
N LYS A 8 -6.65 18.40 -14.09
CA LYS A 8 -5.86 17.18 -14.06
C LYS A 8 -4.68 17.37 -13.11
N THR A 9 -4.75 16.70 -11.97
CA THR A 9 -3.70 16.79 -10.98
C THR A 9 -2.56 15.83 -11.33
N ASP A 10 -1.35 16.27 -10.99
CA ASP A 10 -0.17 15.46 -11.26
C ASP A 10 0.74 15.46 -10.03
N PRO A 11 1.44 14.32 -9.84
CA PRO A 11 2.34 14.17 -8.71
C PRO A 11 3.63 14.97 -8.93
N ARG A 12 4.53 14.85 -7.96
CA ARG A 12 5.80 15.55 -8.03
C ARG A 12 6.64 15.28 -6.78
N SER A 13 6.00 15.48 -5.64
CA SER A 13 6.67 15.25 -4.37
C SER A 13 7.02 13.78 -4.21
N MET A 14 7.88 13.51 -3.24
CA MET A 14 8.32 12.15 -2.98
C MET A 14 7.55 11.55 -1.79
N ASN A 15 6.39 10.99 -2.11
CA ASN A 15 5.56 10.37 -1.08
C ASN A 15 4.86 9.15 -1.66
N SER A 16 5.63 8.07 -1.78
CA SER A 16 5.09 6.83 -2.31
C SER A 16 5.37 5.68 -1.34
N ARG A 17 4.33 5.33 -0.59
CA ARG A 17 4.44 4.25 0.38
C ARG A 17 3.13 3.46 0.45
N VAL A 18 3.27 2.15 0.60
CA VAL A 18 2.11 1.27 0.67
C VAL A 18 2.24 0.38 1.90
N PHE A 19 1.17 0.33 2.68
CA PHE A 19 1.15 -0.48 3.88
C PHE A 19 0.33 -1.75 3.67
N ILE A 20 1.04 -2.84 3.41
CA ILE A 20 0.41 -4.12 3.18
C ILE A 20 0.10 -4.78 4.53
N GLY A 21 -1.18 -5.05 4.75
CA GLY A 21 -1.62 -5.68 5.98
C GLY A 21 -2.22 -7.06 5.71
N ASN A 22 -2.54 -7.76 6.80
CA ASN A 22 -3.12 -9.08 6.70
C ASN A 22 -2.45 -9.84 5.56
N LEU A 23 -1.13 -9.86 5.59
CA LEU A 23 -0.35 -10.54 4.58
C LEU A 23 0.25 -11.81 5.18
N ASN A 24 -0.17 -12.94 4.63
CA ASN A 24 0.33 -14.23 5.10
C ASN A 24 1.82 -14.33 4.81
N THR A 25 2.61 -13.65 5.64
CA THR A 25 4.05 -13.66 5.49
C THR A 25 4.62 -15.03 5.86
N LEU A 26 3.72 -15.94 6.19
CA LEU A 26 4.12 -17.29 6.58
C LEU A 26 4.16 -18.18 5.33
N VAL A 27 3.54 -17.68 4.27
CA VAL A 27 3.50 -18.40 3.02
C VAL A 27 3.99 -17.50 1.88
N VAL A 28 3.42 -16.31 1.83
CA VAL A 28 3.80 -15.34 0.81
C VAL A 28 5.26 -14.94 1.01
N LYS A 29 5.90 -14.61 -0.09
CA LYS A 29 7.30 -14.21 -0.06
C LYS A 29 7.43 -12.76 -0.55
N LYS A 30 8.34 -12.03 0.07
CA LYS A 30 8.56 -10.65 -0.29
C LYS A 30 8.53 -10.51 -1.81
N SER A 31 9.38 -11.30 -2.46
CA SER A 31 9.46 -11.27 -3.90
C SER A 31 8.06 -11.32 -4.51
N ASP A 32 7.19 -12.08 -3.87
CA ASP A 32 5.82 -12.23 -4.32
C ASP A 32 5.10 -10.88 -4.18
N VAL A 33 5.46 -10.17 -3.12
CA VAL A 33 4.86 -8.87 -2.86
C VAL A 33 5.63 -7.79 -3.63
N GLU A 34 6.85 -8.14 -4.01
CA GLU A 34 7.68 -7.22 -4.76
C GLU A 34 7.46 -7.39 -6.26
N ALA A 35 7.01 -8.58 -6.63
CA ALA A 35 6.77 -8.89 -8.03
C ALA A 35 5.31 -8.54 -8.37
N ILE A 36 4.42 -8.98 -7.50
CA ILE A 36 3.00 -8.72 -7.69
C ILE A 36 2.76 -7.21 -7.73
N PHE A 37 3.60 -6.49 -6.99
CA PHE A 37 3.49 -5.04 -6.93
C PHE A 37 4.38 -4.38 -7.99
N SER A 38 5.28 -5.18 -8.54
CA SER A 38 6.19 -4.69 -9.57
C SER A 38 5.41 -4.35 -10.84
N LYS A 39 4.16 -4.76 -10.85
CA LYS A 39 3.30 -4.51 -12.00
C LYS A 39 2.64 -3.14 -11.84
N TYR A 40 2.48 -2.74 -10.59
CA TYR A 40 1.87 -1.46 -10.30
C TYR A 40 2.93 -0.35 -10.20
N GLY A 41 4.08 -0.63 -10.81
CA GLY A 41 5.17 0.33 -10.79
C GLY A 41 6.46 -0.33 -10.32
N LYS A 42 7.52 0.47 -10.32
CA LYS A 42 8.83 -0.02 -9.89
C LYS A 42 8.97 0.20 -8.38
N ILE A 43 9.44 -0.84 -7.71
CA ILE A 43 9.64 -0.78 -6.27
C ILE A 43 11.07 -0.32 -5.98
N VAL A 44 11.18 0.57 -4.99
CA VAL A 44 12.47 1.09 -4.59
C VAL A 44 12.85 0.54 -3.22
N GLY A 45 11.82 0.21 -2.45
CA GLY A 45 12.02 -0.33 -1.11
C GLY A 45 10.77 -1.05 -0.62
N CYS A 46 10.91 -2.35 -0.40
CA CYS A 46 9.81 -3.16 0.08
C CYS A 46 10.25 -3.88 1.35
N SER A 47 9.29 -4.13 2.23
CA SER A 47 9.57 -4.80 3.48
C SER A 47 8.37 -5.65 3.89
N VAL A 48 8.66 -6.79 4.51
CA VAL A 48 7.63 -7.70 4.96
C VAL A 48 7.86 -8.05 6.43
N HIS A 49 6.84 -7.81 7.23
CA HIS A 49 6.92 -8.09 8.65
C HIS A 49 5.86 -9.13 9.03
N LYS A 50 6.18 -9.90 10.05
CA LYS A 50 5.28 -10.94 10.52
C LYS A 50 3.97 -10.29 11.00
N GLY A 51 3.11 -10.00 10.03
CA GLY A 51 1.83 -9.38 10.34
C GLY A 51 1.42 -8.41 9.24
N PHE A 52 2.41 -7.93 8.51
CA PHE A 52 2.16 -6.99 7.42
C PHE A 52 3.42 -6.78 6.58
N ALA A 53 3.34 -5.81 5.69
CA ALA A 53 4.46 -5.50 4.82
C ALA A 53 4.31 -4.08 4.28
N PHE A 54 5.39 -3.58 3.70
CA PHE A 54 5.39 -2.24 3.15
C PHE A 54 6.14 -2.19 1.82
N VAL A 55 5.52 -1.51 0.86
CA VAL A 55 6.11 -1.38 -0.46
C VAL A 55 6.33 0.10 -0.78
N GLN A 56 7.46 0.38 -1.43
CA GLN A 56 7.80 1.74 -1.80
C GLN A 56 8.08 1.83 -3.30
N TYR A 57 7.16 2.47 -4.00
CA TYR A 57 7.30 2.63 -5.44
C TYR A 57 8.14 3.86 -5.78
N VAL A 58 8.50 3.96 -7.05
CA VAL A 58 9.30 5.09 -7.50
C VAL A 58 8.46 6.37 -7.44
N ASN A 59 7.17 6.20 -7.69
CA ASN A 59 6.25 7.33 -7.66
C ASN A 59 4.98 6.93 -6.91
N GLU A 60 4.25 7.94 -6.46
CA GLU A 60 3.03 7.71 -5.73
C GLU A 60 1.94 7.16 -6.67
N ARG A 61 1.76 7.85 -7.79
CA ARG A 61 0.77 7.45 -8.76
C ARG A 61 0.72 5.92 -8.86
N ASN A 62 1.90 5.32 -8.97
CA ASN A 62 2.01 3.87 -9.07
C ASN A 62 1.59 3.24 -7.75
N ALA A 63 2.11 3.79 -6.66
CA ALA A 63 1.79 3.29 -5.34
C ALA A 63 0.28 3.16 -5.20
N ARG A 64 -0.39 4.31 -5.24
CA ARG A 64 -1.84 4.33 -5.11
C ARG A 64 -2.47 3.28 -6.02
N ALA A 65 -1.86 3.10 -7.19
CA ALA A 65 -2.35 2.12 -8.14
C ALA A 65 -2.49 0.77 -7.46
N ALA A 66 -1.37 0.27 -6.96
CA ALA A 66 -1.37 -1.02 -6.28
C ALA A 66 -2.38 -0.99 -5.13
N VAL A 67 -2.27 0.04 -4.32
CA VAL A 67 -3.17 0.19 -3.18
C VAL A 67 -4.62 0.12 -3.66
N ALA A 68 -4.79 0.39 -4.95
CA ALA A 68 -6.11 0.36 -5.56
C ALA A 68 -6.34 -1.02 -6.17
N GLY A 69 -5.26 -1.64 -6.60
CA GLY A 69 -5.33 -2.96 -7.21
C GLY A 69 -5.09 -4.05 -6.16
N GLU A 70 -3.84 -4.18 -5.77
CA GLU A 70 -3.46 -5.17 -4.79
C GLU A 70 -4.54 -5.27 -3.70
N ASP A 71 -4.66 -4.20 -2.93
CA ASP A 71 -5.65 -4.16 -1.86
C ASP A 71 -6.93 -4.84 -2.33
N GLY A 72 -7.14 -6.05 -1.82
CA GLY A 72 -8.33 -6.81 -2.18
C GLY A 72 -7.95 -8.08 -2.96
N ARG A 73 -6.68 -8.45 -2.84
CA ARG A 73 -6.18 -9.63 -3.53
C ARG A 73 -6.14 -10.82 -2.57
N MET A 74 -6.61 -11.96 -3.07
CA MET A 74 -6.63 -13.17 -2.26
C MET A 74 -5.30 -13.92 -2.36
N ILE A 75 -4.42 -13.63 -1.41
CA ILE A 75 -3.12 -14.26 -1.39
C ILE A 75 -3.11 -15.38 -0.34
N ALA A 76 -2.87 -16.59 -0.81
CA ALA A 76 -2.84 -17.74 0.07
C ALA A 76 -4.27 -18.17 0.40
N GLY A 77 -5.21 -17.49 -0.23
CA GLY A 77 -6.62 -17.78 -0.02
C GLY A 77 -7.25 -16.78 0.93
N GLN A 78 -6.48 -15.75 1.27
CA GLN A 78 -6.95 -14.71 2.16
C GLN A 78 -6.76 -13.33 1.53
N VAL A 79 -7.67 -12.43 1.86
CA VAL A 79 -7.60 -11.08 1.33
C VAL A 79 -6.46 -10.32 2.02
N LEU A 80 -5.95 -9.32 1.32
CA LEU A 80 -4.86 -8.52 1.85
C LEU A 80 -5.37 -7.10 2.14
N ASP A 81 -5.13 -6.65 3.36
CA ASP A 81 -5.56 -5.34 3.78
C ASP A 81 -4.41 -4.34 3.54
N ILE A 82 -4.52 -3.61 2.44
CA ILE A 82 -3.52 -2.63 2.09
C ILE A 82 -4.14 -1.23 2.12
N ASN A 83 -3.29 -0.23 2.35
CA ASN A 83 -3.74 1.14 2.40
C ASN A 83 -2.53 2.07 2.29
N LEU A 84 -2.73 3.15 1.53
CA LEU A 84 -1.67 4.12 1.34
C LEU A 84 -1.29 4.74 2.69
N ALA A 85 0.00 4.69 2.98
CA ALA A 85 0.50 5.23 4.24
C ALA A 85 0.33 6.75 4.24
N ALA A 86 -0.92 7.17 4.41
CA ALA A 86 -1.24 8.59 4.42
C ALA A 86 -2.58 8.80 5.13
N GLU A 87 -3.62 8.27 4.51
CA GLU A 87 -4.96 8.39 5.07
C GLU A 87 -5.43 7.04 5.60
N PRO A 88 -5.59 6.99 6.96
CA PRO A 88 -6.04 5.76 7.60
C PRO A 88 -7.54 5.54 7.39
N LYS A 89 -8.17 6.55 6.79
CA LYS A 89 -9.60 6.47 6.52
C LYS A 89 -10.31 5.88 7.74
N VAL A 90 -9.97 6.43 8.90
CA VAL A 90 -10.58 5.96 10.14
C VAL A 90 -11.69 6.92 10.54
N ASN A 91 -12.76 6.35 11.08
CA ASN A 91 -13.90 7.14 11.51
C ASN A 91 -14.12 6.94 13.01
N ARG A 92 -13.78 7.98 13.77
CA ARG A 92 -13.93 7.94 15.22
C ARG A 92 -15.22 8.61 15.64
N SER A 93 -16.22 7.79 15.94
CA SER A 93 -17.51 8.29 16.36
C SER A 93 -17.85 7.80 17.77
N GLY A 94 -17.81 8.73 18.70
CA GLY A 94 -18.10 8.41 20.09
C GLY A 94 -19.26 9.26 20.63
N PRO A 95 -19.30 9.39 21.98
CA PRO A 95 -20.35 10.17 22.62
C PRO A 95 -20.10 11.66 22.44
N SER A 96 -20.62 12.19 21.34
CA SER A 96 -20.46 13.60 21.05
C SER A 96 -18.98 13.96 20.97
N SER A 97 -18.44 13.89 19.77
CA SER A 97 -17.04 14.20 19.55
C SER A 97 -16.91 15.52 18.77
N GLY A 98 -16.83 16.60 19.53
CA GLY A 98 -16.70 17.92 18.94
C GLY A 98 -15.51 18.68 19.52
N GLY A 1 19.72 1.82 -26.90
CA GLY A 1 18.70 0.99 -26.26
C GLY A 1 19.12 -0.48 -26.26
N SER A 2 19.60 -0.92 -25.11
CA SER A 2 20.03 -2.31 -24.97
C SER A 2 18.99 -3.10 -24.17
N SER A 3 18.74 -2.63 -22.96
CA SER A 3 17.77 -3.28 -22.09
C SER A 3 17.66 -2.53 -20.77
N GLY A 4 16.75 -1.57 -20.75
CA GLY A 4 16.54 -0.77 -19.56
C GLY A 4 17.84 -0.14 -19.08
N SER A 5 17.78 0.48 -17.91
CA SER A 5 18.94 1.14 -17.33
C SER A 5 18.84 1.11 -15.80
N SER A 6 17.78 1.72 -15.30
CA SER A 6 17.56 1.78 -13.86
C SER A 6 18.89 2.07 -13.15
N GLY A 7 19.18 3.36 -13.01
CA GLY A 7 20.40 3.77 -12.36
C GLY A 7 20.22 5.13 -11.68
N LYS A 8 19.51 5.10 -10.55
CA LYS A 8 19.26 6.31 -9.80
C LYS A 8 18.61 5.95 -8.47
N THR A 9 19.43 5.91 -7.43
CA THR A 9 18.95 5.57 -6.10
C THR A 9 19.10 6.78 -5.16
N ASP A 10 17.96 7.32 -4.74
CA ASP A 10 17.95 8.46 -3.86
C ASP A 10 17.12 8.13 -2.61
N PRO A 11 17.49 8.79 -1.48
CA PRO A 11 16.78 8.56 -0.23
C PRO A 11 15.43 9.27 -0.23
N ARG A 12 14.43 8.55 0.25
CA ARG A 12 13.08 9.10 0.30
C ARG A 12 12.57 9.40 -1.10
N SER A 13 12.19 8.34 -1.80
CA SER A 13 11.68 8.48 -3.16
C SER A 13 10.22 8.88 -3.13
N MET A 14 9.99 10.18 -2.98
CA MET A 14 8.64 10.70 -2.93
C MET A 14 7.81 10.02 -1.84
N ASN A 15 6.65 10.58 -1.59
CA ASN A 15 5.76 10.03 -0.57
C ASN A 15 5.02 8.82 -1.14
N SER A 16 5.81 7.84 -1.56
CA SER A 16 5.26 6.62 -2.13
C SER A 16 5.48 5.45 -1.17
N ARG A 17 4.44 5.15 -0.40
CA ARG A 17 4.51 4.06 0.55
C ARG A 17 3.18 3.31 0.61
N VAL A 18 3.28 2.00 0.56
CA VAL A 18 2.09 1.15 0.60
C VAL A 18 2.18 0.21 1.80
N PHE A 19 1.15 0.26 2.63
CA PHE A 19 1.11 -0.59 3.81
C PHE A 19 0.31 -1.87 3.54
N ILE A 20 1.04 -2.95 3.28
CA ILE A 20 0.40 -4.23 3.01
C ILE A 20 0.13 -4.95 4.34
N GLY A 21 -1.14 -4.89 4.74
CA GLY A 21 -1.56 -5.52 5.98
C GLY A 21 -2.21 -6.87 5.70
N ASN A 22 -2.62 -7.53 6.78
CA ASN A 22 -3.26 -8.82 6.67
C ASN A 22 -2.55 -9.65 5.60
N LEU A 23 -1.24 -9.46 5.52
CA LEU A 23 -0.44 -10.17 4.55
C LEU A 23 0.07 -11.47 5.18
N ASN A 24 -0.40 -12.58 4.64
CA ASN A 24 0.00 -13.89 5.13
C ASN A 24 1.50 -14.09 4.89
N THR A 25 2.29 -13.48 5.76
CA THR A 25 3.74 -13.59 5.65
C THR A 25 4.22 -14.96 6.10
N LEU A 26 3.25 -15.80 6.46
CA LEU A 26 3.55 -17.15 6.92
C LEU A 26 3.62 -18.09 5.71
N VAL A 27 3.23 -17.55 4.56
CA VAL A 27 3.24 -18.33 3.33
C VAL A 27 3.79 -17.48 2.19
N VAL A 28 3.24 -16.28 2.08
CA VAL A 28 3.67 -15.36 1.05
C VAL A 28 5.10 -14.91 1.32
N LYS A 29 5.81 -14.60 0.25
CA LYS A 29 7.19 -14.16 0.37
C LYS A 29 7.29 -12.70 -0.09
N LYS A 30 8.51 -12.17 -0.02
CA LYS A 30 8.76 -10.80 -0.43
C LYS A 30 8.69 -10.70 -1.95
N SER A 31 9.35 -11.65 -2.60
CA SER A 31 9.38 -11.68 -4.05
C SER A 31 7.96 -11.85 -4.60
N ASP A 32 7.07 -12.31 -3.72
CA ASP A 32 5.69 -12.52 -4.10
C ASP A 32 4.94 -11.18 -4.04
N VAL A 33 5.41 -10.32 -3.15
CA VAL A 33 4.79 -9.02 -2.97
C VAL A 33 5.55 -7.99 -3.82
N GLU A 34 6.72 -8.40 -4.27
CA GLU A 34 7.56 -7.53 -5.09
C GLU A 34 7.23 -7.72 -6.57
N ALA A 35 7.01 -8.97 -6.94
CA ALA A 35 6.68 -9.31 -8.31
C ALA A 35 5.21 -8.99 -8.59
N ILE A 36 4.41 -9.18 -7.55
CA ILE A 36 2.98 -8.91 -7.67
C ILE A 36 2.76 -7.40 -7.75
N PHE A 37 3.61 -6.66 -7.04
CA PHE A 37 3.51 -5.21 -7.03
C PHE A 37 4.39 -4.59 -8.11
N SER A 38 5.25 -5.43 -8.67
CA SER A 38 6.15 -4.97 -9.71
C SER A 38 5.37 -4.61 -10.97
N LYS A 39 4.09 -4.94 -10.94
CA LYS A 39 3.21 -4.65 -12.07
C LYS A 39 2.46 -3.35 -11.81
N TYR A 40 2.74 -2.76 -10.64
CA TYR A 40 2.10 -1.52 -10.26
C TYR A 40 3.13 -0.39 -10.12
N GLY A 41 4.28 -0.60 -10.74
CA GLY A 41 5.34 0.38 -10.68
C GLY A 41 6.64 -0.25 -10.17
N LYS A 42 7.71 0.52 -10.27
CA LYS A 42 9.02 0.06 -9.83
C LYS A 42 9.14 0.25 -8.32
N ILE A 43 9.55 -0.82 -7.66
CA ILE A 43 9.72 -0.78 -6.22
C ILE A 43 11.15 -0.36 -5.87
N VAL A 44 11.26 0.57 -4.94
CA VAL A 44 12.56 1.06 -4.51
C VAL A 44 12.85 0.56 -3.10
N GLY A 45 11.78 0.39 -2.34
CA GLY A 45 11.90 -0.08 -0.97
C GLY A 45 10.70 -0.93 -0.56
N CYS A 46 10.99 -2.18 -0.22
CA CYS A 46 9.94 -3.09 0.19
C CYS A 46 10.39 -3.79 1.48
N SER A 47 9.41 -4.05 2.34
CA SER A 47 9.68 -4.70 3.61
C SER A 47 8.47 -5.56 4.03
N VAL A 48 8.78 -6.73 4.54
CA VAL A 48 7.73 -7.64 4.99
C VAL A 48 7.96 -7.99 6.46
N HIS A 49 7.04 -7.51 7.29
CA HIS A 49 7.13 -7.75 8.72
C HIS A 49 5.99 -8.68 9.16
N LYS A 50 6.36 -9.72 9.87
CA LYS A 50 5.39 -10.70 10.35
C LYS A 50 4.13 -9.96 10.80
N GLY A 51 3.14 -9.93 9.93
CA GLY A 51 1.89 -9.26 10.21
C GLY A 51 1.48 -8.33 9.07
N PHE A 52 2.49 -7.75 8.44
CA PHE A 52 2.24 -6.83 7.34
C PHE A 52 3.51 -6.61 6.52
N ALA A 53 3.43 -5.68 5.59
CA ALA A 53 4.56 -5.37 4.73
C ALA A 53 4.43 -3.92 4.22
N PHE A 54 5.56 -3.35 3.85
CA PHE A 54 5.58 -1.99 3.35
C PHE A 54 6.30 -1.92 2.00
N VAL A 55 5.59 -1.41 1.00
CA VAL A 55 6.16 -1.28 -0.33
C VAL A 55 6.38 0.20 -0.63
N GLN A 56 7.41 0.46 -1.44
CA GLN A 56 7.74 1.82 -1.82
C GLN A 56 8.04 1.90 -3.32
N TYR A 57 7.11 2.53 -4.03
CA TYR A 57 7.26 2.68 -5.47
C TYR A 57 8.10 3.91 -5.82
N VAL A 58 8.43 4.03 -7.08
CA VAL A 58 9.23 5.16 -7.56
C VAL A 58 8.39 6.43 -7.45
N ASN A 59 7.09 6.26 -7.55
CA ASN A 59 6.17 7.38 -7.48
C ASN A 59 4.93 6.98 -6.67
N GLU A 60 4.24 7.99 -6.16
CA GLU A 60 3.04 7.75 -5.37
C GLU A 60 1.92 7.23 -6.26
N ARG A 61 1.66 7.96 -7.34
CA ARG A 61 0.61 7.58 -8.27
C ARG A 61 0.72 6.10 -8.60
N ASN A 62 1.95 5.65 -8.79
CA ASN A 62 2.20 4.25 -9.12
C ASN A 62 1.91 3.38 -7.89
N ALA A 63 2.12 3.97 -6.72
CA ALA A 63 1.89 3.27 -5.47
C ALA A 63 0.39 3.09 -5.27
N ARG A 64 -0.30 4.21 -5.10
CA ARG A 64 -1.73 4.18 -4.89
C ARG A 64 -2.39 3.14 -5.81
N ALA A 65 -1.80 3.01 -6.99
CA ALA A 65 -2.31 2.05 -7.97
C ALA A 65 -2.49 0.69 -7.30
N ALA A 66 -1.37 0.12 -6.88
CA ALA A 66 -1.40 -1.18 -6.23
C ALA A 66 -2.34 -1.12 -5.03
N VAL A 67 -2.28 -0.02 -4.32
CA VAL A 67 -3.11 0.17 -3.14
C VAL A 67 -4.58 -0.03 -3.54
N ALA A 68 -4.87 0.29 -4.79
CA ALA A 68 -6.22 0.15 -5.31
C ALA A 68 -6.38 -1.22 -5.96
N GLY A 69 -5.30 -1.67 -6.59
CA GLY A 69 -5.30 -2.96 -7.25
C GLY A 69 -5.07 -4.09 -6.25
N GLU A 70 -3.83 -4.21 -5.81
CA GLU A 70 -3.47 -5.24 -4.86
C GLU A 70 -4.57 -5.41 -3.81
N ASP A 71 -4.74 -4.37 -3.01
CA ASP A 71 -5.76 -4.38 -1.98
C ASP A 71 -7.01 -5.10 -2.49
N GLY A 72 -7.28 -6.25 -1.90
CA GLY A 72 -8.43 -7.04 -2.29
C GLY A 72 -8.01 -8.29 -3.06
N ARG A 73 -6.77 -8.70 -2.82
CA ARG A 73 -6.23 -9.87 -3.49
C ARG A 73 -6.20 -11.07 -2.53
N MET A 74 -6.67 -12.20 -3.03
CA MET A 74 -6.70 -13.41 -2.23
C MET A 74 -5.36 -14.14 -2.29
N ILE A 75 -4.51 -13.86 -1.31
CA ILE A 75 -3.21 -14.48 -1.24
C ILE A 75 -3.18 -15.47 -0.07
N ALA A 76 -2.90 -16.72 -0.41
CA ALA A 76 -2.84 -17.77 0.60
C ALA A 76 -4.25 -18.24 0.91
N GLY A 77 -5.23 -17.64 0.24
CA GLY A 77 -6.62 -17.99 0.43
C GLY A 77 -7.35 -16.90 1.22
N GLN A 78 -6.58 -15.92 1.68
CA GLN A 78 -7.13 -14.82 2.43
C GLN A 78 -6.93 -13.50 1.68
N VAL A 79 -7.82 -12.55 1.97
CA VAL A 79 -7.73 -11.25 1.33
C VAL A 79 -6.64 -10.42 2.00
N LEU A 80 -6.06 -9.51 1.22
CA LEU A 80 -5.01 -8.65 1.73
C LEU A 80 -5.56 -7.24 1.91
N ASP A 81 -5.37 -6.71 3.12
CA ASP A 81 -5.83 -5.37 3.44
C ASP A 81 -4.69 -4.39 3.28
N ILE A 82 -4.70 -3.69 2.15
CA ILE A 82 -3.66 -2.71 1.86
C ILE A 82 -4.27 -1.31 1.84
N ASN A 83 -3.44 -0.33 2.13
CA ASN A 83 -3.90 1.06 2.15
C ASN A 83 -2.68 1.99 2.13
N LEU A 84 -2.83 3.10 1.43
CA LEU A 84 -1.76 4.08 1.33
C LEU A 84 -1.43 4.61 2.72
N ALA A 85 -0.14 4.58 3.03
CA ALA A 85 0.33 5.06 4.33
C ALA A 85 0.05 6.55 4.44
N ALA A 86 -1.20 6.87 4.76
CA ALA A 86 -1.61 8.26 4.90
C ALA A 86 -3.00 8.32 5.54
N GLU A 87 -3.95 7.68 4.86
CA GLU A 87 -5.32 7.65 5.34
C GLU A 87 -5.68 6.25 5.83
N PRO A 88 -5.79 6.11 7.17
CA PRO A 88 -6.13 4.83 7.77
C PRO A 88 -7.62 4.52 7.57
N LYS A 89 -7.86 3.37 6.97
CA LYS A 89 -9.23 2.93 6.73
C LYS A 89 -9.89 2.55 8.05
N VAL A 90 -10.03 3.54 8.92
CA VAL A 90 -10.63 3.30 10.23
C VAL A 90 -12.10 3.70 10.17
N ASN A 91 -12.94 2.85 10.76
CA ASN A 91 -14.37 3.10 10.79
C ASN A 91 -14.74 3.77 12.11
N ARG A 92 -14.42 3.09 13.20
CA ARG A 92 -14.72 3.61 14.52
C ARG A 92 -16.18 4.05 14.60
N SER A 93 -17.02 3.11 15.00
CA SER A 93 -18.44 3.38 15.13
C SER A 93 -18.68 4.41 16.24
N GLY A 94 -19.70 5.23 16.01
CA GLY A 94 -20.05 6.27 16.99
C GLY A 94 -20.55 7.52 16.28
N PRO A 95 -21.85 7.48 15.88
CA PRO A 95 -22.47 8.61 15.20
C PRO A 95 -22.77 9.74 16.18
N SER A 96 -21.70 10.30 16.75
CA SER A 96 -21.83 11.38 17.70
C SER A 96 -20.49 11.66 18.36
N SER A 97 -20.04 12.90 18.22
CA SER A 97 -18.77 13.31 18.81
C SER A 97 -17.65 12.39 18.33
N GLY A 98 -16.43 12.79 18.62
CA GLY A 98 -15.27 12.01 18.23
C GLY A 98 -15.22 10.68 18.99
N GLY A 1 -12.13 16.65 8.31
CA GLY A 1 -10.84 16.00 8.48
C GLY A 1 -9.84 16.50 7.43
N SER A 2 -9.27 15.56 6.71
CA SER A 2 -8.29 15.88 5.68
C SER A 2 -8.99 16.55 4.50
N SER A 3 -8.19 17.25 3.70
CA SER A 3 -8.73 17.94 2.53
C SER A 3 -9.70 17.03 1.78
N GLY A 4 -10.45 17.64 0.88
CA GLY A 4 -11.43 16.89 0.09
C GLY A 4 -11.17 17.06 -1.41
N SER A 5 -12.04 17.84 -2.04
CA SER A 5 -11.92 18.09 -3.46
C SER A 5 -11.64 19.57 -3.71
N SER A 6 -10.76 19.83 -4.67
CA SER A 6 -10.40 21.19 -5.01
C SER A 6 -9.58 21.21 -6.30
N GLY A 7 -10.27 21.57 -7.39
CA GLY A 7 -9.62 21.64 -8.69
C GLY A 7 -8.84 20.35 -8.97
N LYS A 8 -7.53 20.50 -9.02
CA LYS A 8 -6.66 19.36 -9.28
C LYS A 8 -6.29 18.69 -7.96
N THR A 9 -5.72 17.50 -8.07
CA THR A 9 -5.31 16.75 -6.90
C THR A 9 -4.14 15.82 -7.24
N ASP A 10 -2.99 16.44 -7.46
CA ASP A 10 -1.79 15.70 -7.79
C ASP A 10 -1.05 15.33 -6.50
N PRO A 11 -0.24 14.25 -6.59
CA PRO A 11 0.53 13.80 -5.44
C PRO A 11 1.73 14.71 -5.19
N ARG A 12 2.46 14.39 -4.13
CA ARG A 12 3.63 15.16 -3.77
C ARG A 12 4.81 14.81 -4.67
N SER A 13 5.98 15.31 -4.29
CA SER A 13 7.18 15.06 -5.05
C SER A 13 7.71 13.66 -4.74
N MET A 14 7.96 13.42 -3.47
CA MET A 14 8.47 12.13 -3.03
C MET A 14 7.67 11.62 -1.82
N ASN A 15 6.63 10.86 -2.12
CA ASN A 15 5.79 10.30 -1.08
C ASN A 15 5.05 9.08 -1.63
N SER A 16 5.79 7.97 -1.75
CA SER A 16 5.22 6.75 -2.26
C SER A 16 5.49 5.60 -1.27
N ARG A 17 4.48 5.31 -0.46
CA ARG A 17 4.59 4.25 0.52
C ARG A 17 3.26 3.51 0.66
N VAL A 18 3.34 2.19 0.54
CA VAL A 18 2.16 1.36 0.64
C VAL A 18 2.26 0.49 1.90
N PHE A 19 1.16 0.44 2.64
CA PHE A 19 1.11 -0.35 3.86
C PHE A 19 0.33 -1.65 3.65
N ILE A 20 1.08 -2.72 3.46
CA ILE A 20 0.48 -4.03 3.24
C ILE A 20 0.15 -4.66 4.59
N GLY A 21 -1.12 -4.97 4.77
CA GLY A 21 -1.57 -5.58 6.01
C GLY A 21 -2.20 -6.95 5.76
N ASN A 22 -2.47 -7.66 6.84
CA ASN A 22 -3.07 -8.98 6.74
C ASN A 22 -2.40 -9.75 5.60
N LEU A 23 -1.08 -9.78 5.65
CA LEU A 23 -0.31 -10.49 4.63
C LEU A 23 0.21 -11.80 5.20
N ASN A 24 -0.29 -12.89 4.64
CA ASN A 24 0.12 -14.21 5.10
C ASN A 24 1.62 -14.39 4.83
N THR A 25 2.42 -13.83 5.72
CA THR A 25 3.87 -13.92 5.60
C THR A 25 4.34 -15.32 5.99
N LEU A 26 3.38 -16.18 6.29
CA LEU A 26 3.69 -17.54 6.67
C LEU A 26 3.76 -18.42 5.43
N VAL A 27 3.38 -17.83 4.30
CA VAL A 27 3.39 -18.54 3.04
C VAL A 27 3.93 -17.61 1.94
N VAL A 28 3.35 -16.42 1.89
CA VAL A 28 3.76 -15.44 0.90
C VAL A 28 5.19 -14.97 1.21
N LYS A 29 5.89 -14.59 0.16
CA LYS A 29 7.26 -14.11 0.31
C LYS A 29 7.32 -12.63 -0.08
N LYS A 30 8.54 -12.10 -0.05
CA LYS A 30 8.75 -10.71 -0.39
C LYS A 30 8.68 -10.54 -1.90
N SER A 31 9.34 -11.44 -2.60
CA SER A 31 9.37 -11.41 -4.05
C SER A 31 7.93 -11.47 -4.59
N ASP A 32 7.07 -12.12 -3.83
CA ASP A 32 5.67 -12.25 -4.22
C ASP A 32 4.99 -10.90 -4.11
N VAL A 33 5.47 -10.10 -3.16
CA VAL A 33 4.90 -8.78 -2.94
C VAL A 33 5.67 -7.75 -3.79
N GLU A 34 6.86 -8.14 -4.20
CA GLU A 34 7.70 -7.28 -5.01
C GLU A 34 7.41 -7.51 -6.50
N ALA A 35 6.96 -8.71 -6.80
CA ALA A 35 6.64 -9.07 -8.17
C ALA A 35 5.19 -8.70 -8.47
N ILE A 36 4.31 -9.10 -7.56
CA ILE A 36 2.90 -8.81 -7.71
C ILE A 36 2.69 -7.30 -7.81
N PHE A 37 3.57 -6.57 -7.13
CA PHE A 37 3.50 -5.12 -7.13
C PHE A 37 4.38 -4.52 -8.23
N SER A 38 5.28 -5.35 -8.73
CA SER A 38 6.18 -4.92 -9.79
C SER A 38 5.38 -4.55 -11.04
N LYS A 39 4.11 -4.94 -11.03
CA LYS A 39 3.24 -4.64 -12.16
C LYS A 39 2.49 -3.33 -11.90
N TYR A 40 2.80 -2.73 -10.76
CA TYR A 40 2.17 -1.47 -10.38
C TYR A 40 3.22 -0.37 -10.23
N GLY A 41 4.37 -0.60 -10.84
CA GLY A 41 5.45 0.37 -10.79
C GLY A 41 6.73 -0.27 -10.23
N LYS A 42 7.82 0.48 -10.33
CA LYS A 42 9.10 0.00 -9.84
C LYS A 42 9.19 0.22 -8.32
N ILE A 43 9.60 -0.83 -7.64
CA ILE A 43 9.73 -0.77 -6.19
C ILE A 43 11.16 -0.37 -5.82
N VAL A 44 11.26 0.60 -4.92
CA VAL A 44 12.55 1.08 -4.48
C VAL A 44 12.85 0.54 -3.08
N GLY A 45 11.77 0.24 -2.37
CA GLY A 45 11.90 -0.29 -1.02
C GLY A 45 10.69 -1.15 -0.65
N CYS A 46 10.97 -2.36 -0.21
CA CYS A 46 9.92 -3.29 0.18
C CYS A 46 10.29 -3.90 1.52
N SER A 47 9.27 -4.20 2.32
CA SER A 47 9.48 -4.78 3.63
C SER A 47 8.28 -5.68 3.99
N VAL A 48 8.61 -6.83 4.56
CA VAL A 48 7.58 -7.78 4.96
C VAL A 48 7.84 -8.22 6.40
N HIS A 49 6.97 -7.76 7.29
CA HIS A 49 7.09 -8.10 8.70
C HIS A 49 5.93 -9.01 9.11
N LYS A 50 6.29 -10.12 9.74
CA LYS A 50 5.29 -11.08 10.19
C LYS A 50 4.09 -10.32 10.75
N GLY A 51 3.03 -10.30 9.95
CA GLY A 51 1.81 -9.62 10.36
C GLY A 51 1.38 -8.58 9.32
N PHE A 52 2.38 -8.09 8.59
CA PHE A 52 2.12 -7.09 7.56
C PHE A 52 3.35 -6.89 6.68
N ALA A 53 3.31 -5.83 5.88
CA ALA A 53 4.41 -5.51 5.00
C ALA A 53 4.22 -4.09 4.45
N PHE A 54 5.23 -3.63 3.73
CA PHE A 54 5.20 -2.31 3.15
C PHE A 54 5.97 -2.26 1.83
N VAL A 55 5.50 -1.40 0.94
CA VAL A 55 6.13 -1.25 -0.36
C VAL A 55 6.40 0.24 -0.64
N GLN A 56 7.41 0.48 -1.46
CA GLN A 56 7.78 1.85 -1.80
C GLN A 56 8.05 1.95 -3.30
N TYR A 57 7.09 2.54 -4.00
CA TYR A 57 7.23 2.71 -5.44
C TYR A 57 8.08 3.94 -5.77
N VAL A 58 8.42 4.07 -7.05
CA VAL A 58 9.23 5.18 -7.50
C VAL A 58 8.40 6.47 -7.44
N ASN A 59 7.10 6.31 -7.63
CA ASN A 59 6.18 7.44 -7.59
C ASN A 59 4.96 7.08 -6.75
N GLU A 60 4.12 8.07 -6.54
CA GLU A 60 2.91 7.87 -5.76
C GLU A 60 1.80 7.28 -6.62
N ARG A 61 1.60 7.89 -7.78
CA ARG A 61 0.58 7.43 -8.71
C ARG A 61 0.68 5.93 -8.90
N ASN A 62 1.91 5.43 -8.88
CA ASN A 62 2.15 4.01 -9.05
C ASN A 62 1.72 3.27 -7.78
N ALA A 63 2.13 3.81 -6.64
CA ALA A 63 1.79 3.22 -5.36
C ALA A 63 0.27 3.08 -5.25
N ARG A 64 -0.40 4.23 -5.24
CA ARG A 64 -1.84 4.25 -5.14
C ARG A 64 -2.46 3.18 -6.03
N ALA A 65 -1.86 3.02 -7.21
CA ALA A 65 -2.33 2.03 -8.16
C ALA A 65 -2.52 0.69 -7.45
N ALA A 66 -1.42 0.15 -6.96
CA ALA A 66 -1.45 -1.12 -6.25
C ALA A 66 -2.47 -1.04 -5.11
N VAL A 67 -2.33 0.01 -4.32
CA VAL A 67 -3.24 0.22 -3.20
C VAL A 67 -4.69 0.10 -3.68
N ALA A 68 -4.87 0.35 -4.97
CA ALA A 68 -6.19 0.27 -5.56
C ALA A 68 -6.40 -1.12 -6.15
N GLY A 69 -5.31 -1.72 -6.61
CA GLY A 69 -5.36 -3.04 -7.20
C GLY A 69 -5.08 -4.11 -6.14
N GLU A 70 -3.82 -4.22 -5.78
CA GLU A 70 -3.40 -5.19 -4.79
C GLU A 70 -4.46 -5.33 -3.69
N ASP A 71 -4.60 -4.26 -2.92
CA ASP A 71 -5.57 -4.24 -1.84
C ASP A 71 -6.85 -4.96 -2.30
N GLY A 72 -7.11 -6.09 -1.68
CA GLY A 72 -8.29 -6.88 -2.01
C GLY A 72 -7.90 -8.15 -2.78
N ARG A 73 -6.66 -8.57 -2.59
CA ARG A 73 -6.15 -9.75 -3.26
C ARG A 73 -6.14 -10.94 -2.29
N MET A 74 -6.56 -12.08 -2.79
CA MET A 74 -6.59 -13.30 -1.99
C MET A 74 -5.28 -14.07 -2.10
N ILE A 75 -4.36 -13.74 -1.22
CA ILE A 75 -3.05 -14.40 -1.21
C ILE A 75 -3.06 -15.50 -0.14
N ALA A 76 -2.85 -16.72 -0.61
CA ALA A 76 -2.82 -17.86 0.28
C ALA A 76 -4.25 -18.25 0.66
N GLY A 77 -5.19 -17.50 0.10
CA GLY A 77 -6.60 -17.76 0.36
C GLY A 77 -7.19 -16.69 1.29
N GLN A 78 -6.34 -15.74 1.66
CA GLN A 78 -6.75 -14.67 2.54
C GLN A 78 -6.59 -13.32 1.84
N VAL A 79 -7.51 -12.41 2.15
CA VAL A 79 -7.48 -11.08 1.56
C VAL A 79 -6.33 -10.28 2.18
N LEU A 80 -5.81 -9.36 1.40
CA LEU A 80 -4.71 -8.52 1.86
C LEU A 80 -5.22 -7.10 2.09
N ASP A 81 -5.02 -6.62 3.31
CA ASP A 81 -5.46 -5.29 3.68
C ASP A 81 -4.31 -4.30 3.45
N ILE A 82 -4.39 -3.61 2.32
CA ILE A 82 -3.37 -2.64 1.96
C ILE A 82 -3.99 -1.24 1.95
N ASN A 83 -3.13 -0.24 2.12
CA ASN A 83 -3.59 1.14 2.12
C ASN A 83 -2.38 2.06 1.95
N LEU A 84 -2.67 3.29 1.53
CA LEU A 84 -1.62 4.27 1.32
C LEU A 84 -1.19 4.84 2.67
N ALA A 85 0.12 4.96 2.83
CA ALA A 85 0.68 5.49 4.06
C ALA A 85 0.27 6.96 4.21
N ALA A 86 -0.97 7.16 4.60
CA ALA A 86 -1.50 8.49 4.79
C ALA A 86 -2.80 8.43 5.58
N GLU A 87 -3.73 7.64 5.06
CA GLU A 87 -5.02 7.49 5.71
C GLU A 87 -5.16 6.07 6.28
N PRO A 88 -5.23 6.00 7.63
CA PRO A 88 -5.35 4.71 8.31
C PRO A 88 -6.78 4.17 8.17
N LYS A 89 -6.85 2.89 7.82
CA LYS A 89 -8.14 2.23 7.64
C LYS A 89 -8.68 1.81 9.01
N VAL A 90 -8.75 2.78 9.91
CA VAL A 90 -9.23 2.52 11.25
C VAL A 90 -10.76 2.67 11.27
N ASN A 91 -11.42 1.60 11.69
CA ASN A 91 -12.87 1.59 11.76
C ASN A 91 -13.45 1.49 10.34
N ARG A 92 -13.18 2.53 9.56
CA ARG A 92 -13.67 2.57 8.19
C ARG A 92 -13.08 3.78 7.46
N SER A 93 -12.57 3.51 6.26
CA SER A 93 -11.97 4.56 5.45
C SER A 93 -13.07 5.35 4.72
N GLY A 94 -13.15 6.62 5.05
CA GLY A 94 -14.13 7.50 4.44
C GLY A 94 -14.43 8.71 5.33
N PRO A 95 -14.08 9.91 4.79
CA PRO A 95 -14.30 11.14 5.54
C PRO A 95 -15.79 11.53 5.52
N SER A 96 -16.19 12.24 6.56
CA SER A 96 -17.57 12.67 6.69
C SER A 96 -17.74 13.55 7.93
N SER A 97 -18.21 14.76 7.71
CA SER A 97 -18.43 15.70 8.80
C SER A 97 -19.92 15.83 9.10
N GLY A 98 -20.66 16.23 8.07
CA GLY A 98 -22.10 16.40 8.21
C GLY A 98 -22.81 16.18 6.87
N GLY A 1 -29.31 3.65 -10.39
CA GLY A 1 -28.00 3.02 -10.26
C GLY A 1 -26.90 4.07 -10.10
N SER A 2 -25.79 3.63 -9.52
CA SER A 2 -24.66 4.53 -9.30
C SER A 2 -24.04 4.93 -10.63
N SER A 3 -23.97 6.23 -10.86
CA SER A 3 -23.41 6.76 -12.09
C SER A 3 -23.06 8.23 -11.91
N GLY A 4 -21.82 8.47 -11.49
CA GLY A 4 -21.35 9.83 -11.28
C GLY A 4 -20.43 9.91 -10.06
N SER A 5 -19.13 9.89 -10.32
CA SER A 5 -18.16 9.96 -9.26
C SER A 5 -17.15 11.09 -9.54
N SER A 6 -16.67 11.69 -8.47
CA SER A 6 -15.71 12.77 -8.59
C SER A 6 -14.77 12.77 -7.38
N GLY A 7 -13.49 12.96 -7.67
CA GLY A 7 -12.48 12.98 -6.62
C GLY A 7 -11.35 13.96 -6.97
N LYS A 8 -11.12 14.89 -6.04
CA LYS A 8 -10.08 15.89 -6.23
C LYS A 8 -8.73 15.28 -5.83
N THR A 9 -7.70 15.70 -6.56
CA THR A 9 -6.36 15.21 -6.30
C THR A 9 -5.41 16.39 -6.04
N ASP A 10 -4.36 16.10 -5.30
CA ASP A 10 -3.37 17.12 -4.97
C ASP A 10 -1.97 16.55 -5.17
N PRO A 11 -1.04 17.44 -5.62
CA PRO A 11 0.33 17.03 -5.86
C PRO A 11 1.09 16.87 -4.54
N ARG A 12 2.23 16.20 -4.62
CA ARG A 12 3.06 15.96 -3.44
C ARG A 12 4.50 15.68 -3.86
N SER A 13 5.40 15.87 -2.90
CA SER A 13 6.81 15.64 -3.15
C SER A 13 7.27 14.40 -2.39
N MET A 14 7.86 13.47 -3.13
CA MET A 14 8.36 12.24 -2.54
C MET A 14 7.41 11.74 -1.44
N ASN A 15 6.41 11.00 -1.87
CA ASN A 15 5.43 10.45 -0.93
C ASN A 15 4.76 9.23 -1.57
N SER A 16 5.50 8.12 -1.54
CA SER A 16 5.00 6.88 -2.10
C SER A 16 5.29 5.72 -1.15
N ARG A 17 4.28 5.38 -0.36
CA ARG A 17 4.42 4.30 0.60
C ARG A 17 3.11 3.52 0.70
N VAL A 18 3.24 2.19 0.60
CA VAL A 18 2.08 1.32 0.69
C VAL A 18 2.19 0.44 1.93
N PHE A 19 1.12 0.43 2.70
CA PHE A 19 1.08 -0.37 3.92
C PHE A 19 0.30 -1.67 3.70
N ILE A 20 1.06 -2.74 3.49
CA ILE A 20 0.46 -4.04 3.26
C ILE A 20 0.11 -4.68 4.62
N GLY A 21 -1.17 -4.97 4.79
CA GLY A 21 -1.63 -5.57 6.02
C GLY A 21 -2.29 -6.93 5.76
N ASN A 22 -2.64 -7.60 6.84
CA ASN A 22 -3.28 -8.91 6.73
C ASN A 22 -2.61 -9.70 5.60
N LEU A 23 -1.29 -9.70 5.62
CA LEU A 23 -0.53 -10.41 4.60
C LEU A 23 0.04 -11.69 5.21
N ASN A 24 -0.44 -12.82 4.69
CA ASN A 24 0.01 -14.11 5.18
C ASN A 24 1.51 -14.26 4.88
N THR A 25 2.30 -13.65 5.74
CA THR A 25 3.75 -13.71 5.59
C THR A 25 4.27 -15.09 6.00
N LEU A 26 3.33 -15.96 6.35
CA LEU A 26 3.69 -17.31 6.77
C LEU A 26 3.75 -18.21 5.53
N VAL A 27 3.34 -17.66 4.40
CA VAL A 27 3.35 -18.40 3.16
C VAL A 27 3.88 -17.50 2.03
N VAL A 28 3.32 -16.31 1.96
CA VAL A 28 3.72 -15.35 0.95
C VAL A 28 5.13 -14.84 1.26
N LYS A 29 5.91 -14.67 0.21
CA LYS A 29 7.28 -14.20 0.36
C LYS A 29 7.35 -12.73 -0.07
N LYS A 30 8.56 -12.19 -0.02
CA LYS A 30 8.77 -10.81 -0.40
C LYS A 30 8.74 -10.68 -1.92
N SER A 31 9.34 -11.67 -2.57
CA SER A 31 9.39 -11.69 -4.03
C SER A 31 7.97 -11.83 -4.60
N ASP A 32 7.08 -12.30 -3.75
CA ASP A 32 5.69 -12.49 -4.15
C ASP A 32 4.95 -11.16 -4.04
N VAL A 33 5.39 -10.34 -3.10
CA VAL A 33 4.78 -9.04 -2.90
C VAL A 33 5.56 -7.98 -3.69
N GLU A 34 6.73 -8.38 -4.16
CA GLU A 34 7.57 -7.49 -4.93
C GLU A 34 7.25 -7.59 -6.42
N ALA A 35 7.11 -8.84 -6.88
CA ALA A 35 6.80 -9.09 -8.27
C ALA A 35 5.32 -8.77 -8.52
N ILE A 36 4.55 -8.79 -7.44
CA ILE A 36 3.13 -8.51 -7.53
C ILE A 36 2.91 -6.99 -7.57
N PHE A 37 3.76 -6.29 -6.82
CA PHE A 37 3.67 -4.84 -6.76
C PHE A 37 4.60 -4.19 -7.79
N SER A 38 5.60 -4.95 -8.20
CA SER A 38 6.56 -4.46 -9.17
C SER A 38 5.88 -4.25 -10.51
N LYS A 39 4.70 -4.83 -10.64
CA LYS A 39 3.93 -4.72 -11.87
C LYS A 39 3.08 -3.44 -11.82
N TYR A 40 3.04 -2.85 -10.63
CA TYR A 40 2.28 -1.62 -10.44
C TYR A 40 3.20 -0.40 -10.41
N GLY A 41 4.49 -0.67 -10.56
CA GLY A 41 5.47 0.40 -10.57
C GLY A 41 6.80 -0.08 -9.98
N LYS A 42 7.86 0.64 -10.32
CA LYS A 42 9.19 0.29 -9.84
C LYS A 42 9.22 0.45 -8.31
N ILE A 43 9.74 -0.58 -7.65
CA ILE A 43 9.84 -0.57 -6.21
C ILE A 43 11.25 -0.15 -5.80
N VAL A 44 11.31 0.76 -4.83
CA VAL A 44 12.59 1.25 -4.34
C VAL A 44 12.82 0.73 -2.93
N GLY A 45 11.73 0.41 -2.25
CA GLY A 45 11.80 -0.10 -0.90
C GLY A 45 10.67 -1.09 -0.63
N CYS A 46 11.06 -2.31 -0.27
CA CYS A 46 10.11 -3.36 0.02
C CYS A 46 10.49 -4.01 1.35
N SER A 47 9.48 -4.25 2.17
CA SER A 47 9.70 -4.87 3.46
C SER A 47 8.49 -5.70 3.87
N VAL A 48 8.76 -6.83 4.49
CA VAL A 48 7.70 -7.73 4.93
C VAL A 48 7.94 -8.12 6.39
N HIS A 49 7.01 -7.71 7.24
CA HIS A 49 7.12 -8.01 8.66
C HIS A 49 5.95 -8.90 9.08
N LYS A 50 6.29 -10.03 9.68
CA LYS A 50 5.27 -10.97 10.13
C LYS A 50 4.10 -10.21 10.73
N GLY A 51 3.04 -10.07 9.93
CA GLY A 51 1.86 -9.36 10.37
C GLY A 51 1.47 -8.26 9.37
N PHE A 52 2.39 -8.00 8.45
CA PHE A 52 2.15 -6.99 7.44
C PHE A 52 3.41 -6.77 6.58
N ALA A 53 3.31 -5.81 5.67
CA ALA A 53 4.41 -5.50 4.78
C ALA A 53 4.28 -4.06 4.30
N PHE A 54 5.31 -3.60 3.59
CA PHE A 54 5.31 -2.25 3.06
C PHE A 54 6.12 -2.17 1.76
N VAL A 55 5.58 -1.42 0.81
CA VAL A 55 6.24 -1.25 -0.47
C VAL A 55 6.39 0.24 -0.77
N GLN A 56 7.50 0.57 -1.42
CA GLN A 56 7.78 1.95 -1.78
C GLN A 56 8.06 2.07 -3.28
N TYR A 57 7.14 2.72 -3.97
CA TYR A 57 7.28 2.92 -5.40
C TYR A 57 8.05 4.19 -5.72
N VAL A 58 8.41 4.34 -6.99
CA VAL A 58 9.15 5.50 -7.42
C VAL A 58 8.25 6.75 -7.33
N ASN A 59 6.97 6.52 -7.51
CA ASN A 59 6.00 7.60 -7.45
C ASN A 59 4.71 7.10 -6.80
N GLU A 60 4.04 8.00 -6.12
CA GLU A 60 2.79 7.66 -5.45
C GLU A 60 1.78 7.11 -6.46
N ARG A 61 1.63 7.85 -7.55
CA ARG A 61 0.71 7.45 -8.60
C ARG A 61 0.71 5.93 -8.77
N ASN A 62 1.92 5.38 -8.84
CA ASN A 62 2.07 3.94 -8.99
C ASN A 62 1.62 3.24 -7.72
N ALA A 63 2.08 3.76 -6.60
CA ALA A 63 1.73 3.19 -5.30
C ALA A 63 0.21 3.09 -5.20
N ARG A 64 -0.44 4.25 -5.22
CA ARG A 64 -1.89 4.30 -5.13
C ARG A 64 -2.51 3.22 -6.02
N ALA A 65 -1.93 3.06 -7.20
CA ALA A 65 -2.42 2.07 -8.15
C ALA A 65 -2.57 0.72 -7.44
N ALA A 66 -1.45 0.21 -6.95
CA ALA A 66 -1.45 -1.06 -6.26
C ALA A 66 -2.48 -1.02 -5.12
N VAL A 67 -2.34 0.00 -4.29
CA VAL A 67 -3.24 0.18 -3.16
C VAL A 67 -4.69 0.04 -3.64
N ALA A 68 -4.87 0.30 -4.93
CA ALA A 68 -6.20 0.21 -5.52
C ALA A 68 -6.39 -1.18 -6.14
N GLY A 69 -5.28 -1.73 -6.61
CA GLY A 69 -5.30 -3.04 -7.23
C GLY A 69 -5.01 -4.13 -6.20
N GLU A 70 -3.74 -4.21 -5.81
CA GLU A 70 -3.31 -5.20 -4.83
C GLU A 70 -4.40 -5.41 -3.77
N ASP A 71 -4.54 -4.40 -2.91
CA ASP A 71 -5.53 -4.46 -1.86
C ASP A 71 -6.80 -5.11 -2.39
N GLY A 72 -7.20 -6.18 -1.73
CA GLY A 72 -8.40 -6.90 -2.12
C GLY A 72 -8.04 -8.17 -2.91
N ARG A 73 -6.85 -8.69 -2.63
CA ARG A 73 -6.38 -9.88 -3.30
C ARG A 73 -6.32 -11.05 -2.31
N MET A 74 -6.76 -12.22 -2.79
CA MET A 74 -6.75 -13.41 -1.97
C MET A 74 -5.42 -14.15 -2.07
N ILE A 75 -4.51 -13.80 -1.19
CA ILE A 75 -3.19 -14.41 -1.16
C ILE A 75 -3.13 -15.44 -0.04
N ALA A 76 -2.95 -16.69 -0.44
CA ALA A 76 -2.87 -17.78 0.52
C ALA A 76 -4.28 -18.24 0.87
N GLY A 77 -5.25 -17.54 0.32
CA GLY A 77 -6.65 -17.86 0.58
C GLY A 77 -7.32 -16.80 1.44
N GLN A 78 -6.56 -15.74 1.70
CA GLN A 78 -7.06 -14.64 2.52
C GLN A 78 -6.85 -13.30 1.80
N VAL A 79 -7.74 -12.37 2.09
CA VAL A 79 -7.66 -11.05 1.49
C VAL A 79 -6.50 -10.28 2.11
N LEU A 80 -5.98 -9.32 1.34
CA LEU A 80 -4.87 -8.50 1.80
C LEU A 80 -5.37 -7.08 2.05
N ASP A 81 -5.11 -6.61 3.27
CA ASP A 81 -5.52 -5.27 3.64
C ASP A 81 -4.36 -4.30 3.43
N ILE A 82 -4.43 -3.59 2.31
CA ILE A 82 -3.38 -2.63 1.97
C ILE A 82 -4.00 -1.23 1.88
N ASN A 83 -3.14 -0.24 2.07
CA ASN A 83 -3.58 1.14 2.02
C ASN A 83 -2.37 2.06 1.88
N LEU A 84 -2.63 3.28 1.44
CA LEU A 84 -1.57 4.26 1.27
C LEU A 84 -1.19 4.84 2.63
N ALA A 85 0.11 4.81 2.90
CA ALA A 85 0.61 5.33 4.16
C ALA A 85 0.40 6.84 4.21
N ALA A 86 -0.85 7.22 4.41
CA ALA A 86 -1.22 8.62 4.47
C ALA A 86 -2.58 8.76 5.16
N GLU A 87 -3.53 7.97 4.68
CA GLU A 87 -4.87 8.00 5.23
C GLU A 87 -5.21 6.66 5.88
N PRO A 88 -5.00 6.61 7.23
CA PRO A 88 -5.27 5.39 7.98
C PRO A 88 -6.78 5.20 8.17
N LYS A 89 -7.21 3.95 7.99
CA LYS A 89 -8.61 3.62 8.15
C LYS A 89 -8.88 3.24 9.61
N VAL A 90 -8.38 4.07 10.50
CA VAL A 90 -8.57 3.85 11.93
C VAL A 90 -9.59 4.85 12.47
N ASN A 91 -10.63 4.31 13.08
CA ASN A 91 -11.67 5.15 13.65
C ASN A 91 -11.25 5.60 15.05
N ARG A 92 -10.90 6.87 15.15
CA ARG A 92 -10.47 7.43 16.42
C ARG A 92 -10.86 8.92 16.50
N SER A 93 -10.21 9.71 15.67
CA SER A 93 -10.47 11.15 15.64
C SER A 93 -9.80 11.78 14.42
N GLY A 94 -10.47 12.77 13.87
CA GLY A 94 -9.96 13.47 12.70
C GLY A 94 -8.96 14.55 13.10
N PRO A 95 -9.51 15.74 13.43
CA PRO A 95 -8.67 16.86 13.84
C PRO A 95 -8.15 16.67 15.26
N SER A 96 -7.09 17.41 15.57
CA SER A 96 -6.48 17.32 16.90
C SER A 96 -5.60 18.54 17.14
N SER A 97 -5.96 19.31 18.15
CA SER A 97 -5.21 20.51 18.51
C SER A 97 -5.72 21.07 19.84
N GLY A 98 -4.77 21.44 20.68
CA GLY A 98 -5.10 22.01 21.98
C GLY A 98 -4.84 20.98 23.09
N GLY A 1 -15.96 2.03 -19.10
CA GLY A 1 -17.13 2.89 -19.16
C GLY A 1 -17.30 3.47 -20.57
N SER A 2 -17.08 4.77 -20.66
CA SER A 2 -17.22 5.46 -21.95
C SER A 2 -16.61 6.86 -21.86
N SER A 3 -17.14 7.64 -20.92
CA SER A 3 -16.66 8.99 -20.73
C SER A 3 -16.10 9.15 -19.31
N GLY A 4 -15.14 10.06 -19.18
CA GLY A 4 -14.52 10.31 -17.89
C GLY A 4 -13.55 11.49 -17.97
N SER A 5 -13.20 12.01 -16.81
CA SER A 5 -12.28 13.13 -16.73
C SER A 5 -10.84 12.63 -16.71
N SER A 6 -9.92 13.55 -16.98
CA SER A 6 -8.50 13.21 -16.99
C SER A 6 -7.67 14.48 -16.98
N GLY A 7 -6.55 14.41 -16.27
CA GLY A 7 -5.65 15.55 -16.17
C GLY A 7 -4.24 15.10 -15.80
N LYS A 8 -3.27 15.92 -16.20
CA LYS A 8 -1.88 15.62 -15.92
C LYS A 8 -1.27 16.75 -15.09
N THR A 9 -1.96 17.09 -14.02
CA THR A 9 -1.51 18.15 -13.13
C THR A 9 -1.15 17.60 -11.76
N ASP A 10 0.01 16.95 -11.70
CA ASP A 10 0.47 16.36 -10.46
C ASP A 10 1.93 16.77 -10.21
N PRO A 11 2.22 17.16 -8.95
CA PRO A 11 3.56 17.58 -8.58
C PRO A 11 4.50 16.38 -8.46
N ARG A 12 5.65 16.63 -7.87
CA ARG A 12 6.64 15.57 -7.68
C ARG A 12 7.26 15.68 -6.28
N SER A 13 7.48 14.50 -5.69
CA SER A 13 8.07 14.45 -4.36
C SER A 13 8.19 12.99 -3.90
N MET A 14 9.10 12.78 -2.96
CA MET A 14 9.33 11.44 -2.44
C MET A 14 8.30 11.09 -1.36
N ASN A 15 7.17 10.56 -1.81
CA ASN A 15 6.10 10.18 -0.91
C ASN A 15 5.28 9.06 -1.53
N SER A 16 5.86 7.87 -1.52
CA SER A 16 5.20 6.70 -2.08
C SER A 16 5.43 5.49 -1.18
N ARG A 17 4.44 5.22 -0.35
CA ARG A 17 4.52 4.08 0.56
C ARG A 17 3.19 3.31 0.57
N VAL A 18 3.32 1.99 0.68
CA VAL A 18 2.15 1.13 0.69
C VAL A 18 2.25 0.16 1.87
N PHE A 19 1.22 0.18 2.70
CA PHE A 19 1.18 -0.68 3.87
C PHE A 19 0.36 -1.94 3.59
N ILE A 20 1.06 -3.02 3.29
CA ILE A 20 0.42 -4.29 3.00
C ILE A 20 0.10 -5.00 4.32
N GLY A 21 -1.17 -4.95 4.69
CA GLY A 21 -1.62 -5.59 5.92
C GLY A 21 -2.26 -6.95 5.63
N ASN A 22 -2.67 -7.61 6.70
CA ASN A 22 -3.29 -8.91 6.58
C ASN A 22 -2.58 -9.72 5.48
N LEU A 23 -1.27 -9.56 5.44
CA LEU A 23 -0.46 -10.26 4.45
C LEU A 23 0.20 -11.47 5.12
N ASN A 24 -0.18 -12.64 4.63
CA ASN A 24 0.35 -13.89 5.16
C ASN A 24 1.87 -13.93 4.91
N THR A 25 2.59 -13.20 5.76
CA THR A 25 4.03 -13.15 5.64
C THR A 25 4.66 -14.47 6.10
N LEU A 26 3.79 -15.40 6.47
CA LEU A 26 4.23 -16.70 6.93
C LEU A 26 4.36 -17.65 5.73
N VAL A 27 3.74 -17.24 4.63
CA VAL A 27 3.78 -18.04 3.42
C VAL A 27 4.27 -17.17 2.26
N VAL A 28 3.68 -15.99 2.14
CA VAL A 28 4.05 -15.07 1.09
C VAL A 28 5.44 -14.49 1.39
N LYS A 29 6.14 -14.15 0.32
CA LYS A 29 7.47 -13.59 0.45
C LYS A 29 7.51 -12.21 -0.22
N LYS A 30 8.26 -11.31 0.40
CA LYS A 30 8.38 -9.96 -0.13
C LYS A 30 8.50 -10.02 -1.66
N SER A 31 9.22 -11.03 -2.12
CA SER A 31 9.41 -11.21 -3.55
C SER A 31 8.05 -11.33 -4.26
N ASP A 32 7.20 -12.20 -3.70
CA ASP A 32 5.88 -12.41 -4.26
C ASP A 32 5.09 -11.09 -4.22
N VAL A 33 5.44 -10.26 -3.24
CA VAL A 33 4.79 -8.98 -3.08
C VAL A 33 5.52 -7.93 -3.92
N GLU A 34 6.73 -8.29 -4.34
CA GLU A 34 7.53 -7.38 -5.15
C GLU A 34 7.25 -7.61 -6.64
N ALA A 35 7.20 -8.88 -7.00
CA ALA A 35 6.95 -9.25 -8.39
C ALA A 35 5.49 -8.97 -8.72
N ILE A 36 4.66 -9.00 -7.69
CA ILE A 36 3.24 -8.76 -7.85
C ILE A 36 2.99 -7.25 -7.93
N PHE A 37 3.77 -6.51 -7.17
CA PHE A 37 3.66 -5.07 -7.14
C PHE A 37 4.59 -4.41 -8.16
N SER A 38 5.50 -5.22 -8.68
CA SER A 38 6.46 -4.74 -9.66
C SER A 38 5.74 -4.33 -10.93
N LYS A 39 4.49 -4.76 -11.04
CA LYS A 39 3.68 -4.43 -12.20
C LYS A 39 2.98 -3.09 -11.97
N TYR A 40 2.74 -2.79 -10.70
CA TYR A 40 2.08 -1.55 -10.33
C TYR A 40 3.09 -0.41 -10.23
N GLY A 41 4.30 -0.69 -10.71
CA GLY A 41 5.36 0.31 -10.67
C GLY A 41 6.67 -0.30 -10.15
N LYS A 42 7.75 0.44 -10.34
CA LYS A 42 9.05 -0.02 -9.89
C LYS A 42 9.16 0.19 -8.37
N ILE A 43 9.51 -0.89 -7.69
CA ILE A 43 9.65 -0.85 -6.25
C ILE A 43 11.09 -0.50 -5.89
N VAL A 44 11.23 0.48 -5.00
CA VAL A 44 12.54 0.93 -4.57
C VAL A 44 12.80 0.42 -3.14
N GLY A 45 11.71 0.20 -2.43
CA GLY A 45 11.81 -0.28 -1.06
C GLY A 45 10.69 -1.28 -0.74
N CYS A 46 11.10 -2.47 -0.34
CA CYS A 46 10.14 -3.52 -0.02
C CYS A 46 10.53 -4.10 1.34
N SER A 47 9.51 -4.33 2.17
CA SER A 47 9.73 -4.88 3.49
C SER A 47 8.52 -5.72 3.92
N VAL A 48 8.80 -6.83 4.56
CA VAL A 48 7.74 -7.72 5.02
C VAL A 48 7.94 -8.01 6.51
N HIS A 49 7.00 -7.50 7.30
CA HIS A 49 7.05 -7.69 8.74
C HIS A 49 5.88 -8.56 9.19
N LYS A 50 6.21 -9.61 9.92
CA LYS A 50 5.20 -10.53 10.41
C LYS A 50 3.97 -9.74 10.86
N GLY A 51 2.95 -9.78 10.02
CA GLY A 51 1.71 -9.07 10.32
C GLY A 51 1.34 -8.12 9.18
N PHE A 52 2.34 -7.83 8.35
CA PHE A 52 2.14 -6.92 7.22
C PHE A 52 3.43 -6.73 6.44
N ALA A 53 3.41 -5.74 5.56
CA ALA A 53 4.57 -5.44 4.73
C ALA A 53 4.46 -4.02 4.20
N PHE A 54 5.60 -3.46 3.82
CA PHE A 54 5.65 -2.12 3.29
C PHE A 54 6.31 -2.09 1.91
N VAL A 55 5.63 -1.45 0.97
CA VAL A 55 6.14 -1.35 -0.38
C VAL A 55 6.35 0.12 -0.73
N GLN A 56 7.42 0.39 -1.45
CA GLN A 56 7.75 1.75 -1.85
C GLN A 56 7.96 1.81 -3.37
N TYR A 57 7.09 2.55 -4.03
CA TYR A 57 7.18 2.71 -5.47
C TYR A 57 8.02 3.92 -5.84
N VAL A 58 8.32 4.03 -7.13
CA VAL A 58 9.11 5.14 -7.63
C VAL A 58 8.31 6.44 -7.51
N ASN A 59 7.00 6.29 -7.63
CA ASN A 59 6.13 7.44 -7.53
C ASN A 59 4.91 7.08 -6.66
N GLU A 60 4.12 8.10 -6.34
CA GLU A 60 2.94 7.91 -5.54
C GLU A 60 1.83 7.24 -6.36
N ARG A 61 1.53 7.85 -7.49
CA ARG A 61 0.51 7.34 -8.38
C ARG A 61 0.75 5.85 -8.66
N ASN A 62 2.02 5.51 -8.80
CA ASN A 62 2.41 4.13 -9.07
C ASN A 62 2.07 3.26 -7.85
N ALA A 63 2.17 3.88 -6.68
CA ALA A 63 1.88 3.18 -5.44
C ALA A 63 0.37 3.04 -5.28
N ARG A 64 -0.29 4.18 -5.11
CA ARG A 64 -1.73 4.20 -4.95
C ARG A 64 -2.38 3.16 -5.87
N ALA A 65 -1.83 3.05 -7.07
CA ALA A 65 -2.36 2.11 -8.04
C ALA A 65 -2.59 0.76 -7.37
N ALA A 66 -1.50 0.17 -6.89
CA ALA A 66 -1.58 -1.12 -6.21
C ALA A 66 -2.54 -1.01 -5.03
N VAL A 67 -2.28 -0.01 -4.20
CA VAL A 67 -3.11 0.21 -3.02
C VAL A 67 -4.59 0.08 -3.41
N ALA A 68 -4.87 0.42 -4.65
CA ALA A 68 -6.24 0.35 -5.16
C ALA A 68 -6.45 -1.01 -5.84
N GLY A 69 -5.38 -1.50 -6.44
CA GLY A 69 -5.43 -2.78 -7.14
C GLY A 69 -5.16 -3.93 -6.17
N GLU A 70 -3.89 -4.07 -5.81
CA GLU A 70 -3.48 -5.13 -4.90
C GLU A 70 -4.52 -5.29 -3.79
N ASP A 71 -4.69 -4.24 -3.01
CA ASP A 71 -5.64 -4.25 -1.91
C ASP A 71 -6.89 -5.00 -2.35
N GLY A 72 -7.08 -6.18 -1.76
CA GLY A 72 -8.24 -7.00 -2.09
C GLY A 72 -7.83 -8.24 -2.88
N ARG A 73 -6.56 -8.60 -2.75
CA ARG A 73 -6.03 -9.75 -3.45
C ARG A 73 -5.99 -10.96 -2.51
N MET A 74 -6.41 -12.10 -3.05
CA MET A 74 -6.43 -13.32 -2.28
C MET A 74 -5.08 -14.05 -2.37
N ILE A 75 -4.24 -13.79 -1.37
CA ILE A 75 -2.93 -14.39 -1.33
C ILE A 75 -2.91 -15.47 -0.24
N ALA A 76 -2.57 -16.69 -0.67
CA ALA A 76 -2.51 -17.81 0.25
C ALA A 76 -3.93 -18.30 0.55
N GLY A 77 -4.89 -17.65 -0.09
CA GLY A 77 -6.28 -18.00 0.09
C GLY A 77 -6.99 -16.98 1.00
N GLN A 78 -6.25 -15.95 1.37
CA GLN A 78 -6.79 -14.91 2.22
C GLN A 78 -6.66 -13.55 1.56
N VAL A 79 -7.59 -12.66 1.89
CA VAL A 79 -7.59 -11.32 1.33
C VAL A 79 -6.46 -10.50 1.97
N LEU A 80 -6.00 -9.51 1.22
CA LEU A 80 -4.94 -8.65 1.70
C LEU A 80 -5.48 -7.24 1.93
N ASP A 81 -5.25 -6.74 3.13
CA ASP A 81 -5.72 -5.41 3.48
C ASP A 81 -4.56 -4.41 3.32
N ILE A 82 -4.59 -3.70 2.20
CA ILE A 82 -3.56 -2.72 1.92
C ILE A 82 -4.18 -1.32 1.93
N ASN A 83 -3.34 -0.34 2.23
CA ASN A 83 -3.79 1.05 2.28
C ASN A 83 -2.57 1.97 2.26
N LEU A 84 -2.72 3.08 1.54
CA LEU A 84 -1.64 4.05 1.43
C LEU A 84 -1.32 4.60 2.82
N ALA A 85 -0.05 4.50 3.18
CA ALA A 85 0.40 4.98 4.47
C ALA A 85 0.19 6.49 4.55
N ALA A 86 -1.03 6.87 4.86
CA ALA A 86 -1.38 8.28 4.96
C ALA A 86 -2.79 8.42 5.52
N GLU A 87 -3.69 7.57 5.02
CA GLU A 87 -5.06 7.59 5.46
C GLU A 87 -5.47 6.21 5.99
N PRO A 88 -5.59 6.13 7.34
CA PRO A 88 -5.97 4.88 7.98
C PRO A 88 -7.46 4.60 7.79
N LYS A 89 -8.15 5.56 7.19
CA LYS A 89 -9.57 5.42 6.94
C LYS A 89 -10.23 4.76 8.15
N VAL A 90 -9.70 5.08 9.32
CA VAL A 90 -10.23 4.53 10.56
C VAL A 90 -11.20 5.52 11.18
N ASN A 91 -12.45 5.09 11.29
CA ASN A 91 -13.48 5.93 11.86
C ASN A 91 -13.00 6.50 13.20
N ARG A 92 -12.73 5.58 14.13
CA ARG A 92 -12.26 5.98 15.45
C ARG A 92 -11.09 6.96 15.32
N SER A 93 -11.20 8.05 16.06
CA SER A 93 -10.15 9.07 16.04
C SER A 93 -8.77 8.41 16.11
N GLY A 94 -8.54 7.70 17.21
CA GLY A 94 -7.28 7.02 17.40
C GLY A 94 -6.27 7.94 18.09
N PRO A 95 -6.17 7.78 19.44
CA PRO A 95 -5.25 8.60 20.23
C PRO A 95 -3.81 8.12 20.03
N SER A 96 -3.04 8.94 19.34
CA SER A 96 -1.65 8.61 19.08
C SER A 96 -0.85 9.89 18.80
N SER A 97 0.44 9.84 19.11
CA SER A 97 1.30 10.99 18.89
C SER A 97 0.60 12.27 19.31
N GLY A 98 0.56 12.49 20.61
CA GLY A 98 -0.08 13.69 21.15
C GLY A 98 -1.34 13.32 21.94
N GLY A 1 -3.78 31.93 4.54
CA GLY A 1 -5.05 32.42 4.06
C GLY A 1 -6.09 31.29 4.01
N SER A 2 -5.79 30.30 3.20
CA SER A 2 -6.68 29.16 3.06
C SER A 2 -6.56 28.24 4.27
N SER A 3 -7.48 28.43 5.22
CA SER A 3 -7.50 27.64 6.42
C SER A 3 -8.23 26.32 6.18
N GLY A 4 -9.48 26.45 5.78
CA GLY A 4 -10.31 25.29 5.51
C GLY A 4 -9.52 24.23 4.74
N SER A 5 -9.23 24.54 3.49
CA SER A 5 -8.47 23.63 2.64
C SER A 5 -7.13 24.24 2.28
N SER A 6 -6.07 23.62 2.77
CA SER A 6 -4.72 24.08 2.52
C SER A 6 -3.98 23.09 1.62
N GLY A 7 -4.01 23.37 0.33
CA GLY A 7 -3.35 22.52 -0.65
C GLY A 7 -1.85 22.80 -0.69
N LYS A 8 -1.08 21.74 -0.91
CA LYS A 8 0.36 21.86 -0.99
C LYS A 8 0.85 21.32 -2.34
N THR A 9 0.90 22.22 -3.31
CA THR A 9 1.33 21.85 -4.64
C THR A 9 2.66 21.10 -4.58
N ASP A 10 2.58 19.80 -4.88
CA ASP A 10 3.76 18.95 -4.86
C ASP A 10 4.56 19.17 -6.14
N PRO A 11 5.84 18.72 -6.10
CA PRO A 11 6.71 18.86 -7.26
C PRO A 11 6.36 17.83 -8.33
N ARG A 12 6.09 16.61 -7.89
CA ARG A 12 5.74 15.53 -8.80
C ARG A 12 4.70 14.62 -8.15
N SER A 13 4.99 14.23 -6.92
CA SER A 13 4.09 13.35 -6.18
C SER A 13 4.48 13.32 -4.70
N MET A 14 5.55 12.59 -4.42
CA MET A 14 6.04 12.48 -3.06
C MET A 14 5.06 11.66 -2.20
N ASN A 15 5.60 11.11 -1.11
CA ASN A 15 4.80 10.32 -0.20
C ASN A 15 4.27 9.09 -0.94
N SER A 16 5.17 8.15 -1.20
CA SER A 16 4.79 6.93 -1.90
C SER A 16 5.12 5.71 -1.02
N ARG A 17 4.10 5.23 -0.35
CA ARG A 17 4.25 4.07 0.52
C ARG A 17 2.95 3.28 0.60
N VAL A 18 3.08 1.96 0.55
CA VAL A 18 1.92 1.09 0.62
C VAL A 18 2.07 0.15 1.82
N PHE A 19 1.11 0.24 2.72
CA PHE A 19 1.11 -0.61 3.91
C PHE A 19 0.31 -1.88 3.69
N ILE A 20 1.03 -2.98 3.51
CA ILE A 20 0.40 -4.27 3.29
C ILE A 20 0.16 -4.95 4.63
N GLY A 21 -1.12 -5.10 4.97
CA GLY A 21 -1.49 -5.74 6.22
C GLY A 21 -2.14 -7.10 5.97
N ASN A 22 -2.51 -7.74 7.07
CA ASN A 22 -3.14 -9.05 6.98
C ASN A 22 -2.45 -9.87 5.88
N LEU A 23 -1.15 -9.66 5.75
CA LEU A 23 -0.37 -10.37 4.75
C LEU A 23 0.05 -11.73 5.31
N ASN A 24 -0.49 -12.77 4.69
CA ASN A 24 -0.18 -14.13 5.11
C ASN A 24 1.27 -14.45 4.77
N THR A 25 2.17 -13.69 5.37
CA THR A 25 3.59 -13.88 5.14
C THR A 25 3.97 -15.34 5.32
N LEU A 26 3.15 -16.05 6.09
CA LEU A 26 3.38 -17.46 6.35
C LEU A 26 3.27 -18.24 5.04
N VAL A 27 2.71 -17.58 4.04
CA VAL A 27 2.54 -18.19 2.73
C VAL A 27 3.11 -17.27 1.66
N VAL A 28 2.75 -15.99 1.76
CA VAL A 28 3.22 -15.01 0.80
C VAL A 28 4.69 -14.68 1.10
N LYS A 29 5.40 -14.33 0.04
CA LYS A 29 6.81 -14.00 0.16
C LYS A 29 7.04 -12.57 -0.36
N LYS A 30 8.10 -11.96 0.15
CA LYS A 30 8.44 -10.60 -0.26
C LYS A 30 8.41 -10.50 -1.78
N SER A 31 9.22 -11.34 -2.40
CA SER A 31 9.31 -11.37 -3.86
C SER A 31 7.90 -11.44 -4.46
N ASP A 32 7.04 -12.19 -3.78
CA ASP A 32 5.67 -12.35 -4.24
C ASP A 32 4.94 -11.00 -4.14
N VAL A 33 5.29 -10.27 -3.10
CA VAL A 33 4.67 -8.97 -2.86
C VAL A 33 5.42 -7.91 -3.67
N GLU A 34 6.64 -8.25 -4.08
CA GLU A 34 7.46 -7.35 -4.85
C GLU A 34 7.22 -7.55 -6.35
N ALA A 35 6.88 -8.80 -6.69
CA ALA A 35 6.62 -9.14 -8.08
C ALA A 35 5.18 -8.74 -8.43
N ILE A 36 4.26 -9.12 -7.56
CA ILE A 36 2.86 -8.82 -7.78
C ILE A 36 2.68 -7.29 -7.85
N PHE A 37 3.51 -6.60 -7.09
CA PHE A 37 3.46 -5.15 -7.04
C PHE A 37 4.42 -4.54 -8.07
N SER A 38 5.29 -5.39 -8.61
CA SER A 38 6.26 -4.95 -9.59
C SER A 38 5.55 -4.56 -10.89
N LYS A 39 4.31 -5.01 -11.00
CA LYS A 39 3.51 -4.72 -12.19
C LYS A 39 2.77 -3.40 -11.99
N TYR A 40 2.77 -2.94 -10.74
CA TYR A 40 2.11 -1.69 -10.40
C TYR A 40 3.11 -0.56 -10.24
N GLY A 41 4.25 -0.71 -10.91
CA GLY A 41 5.30 0.28 -10.85
C GLY A 41 6.61 -0.33 -10.34
N LYS A 42 7.64 0.50 -10.35
CA LYS A 42 8.96 0.05 -9.90
C LYS A 42 9.08 0.31 -8.40
N ILE A 43 9.44 -0.75 -7.68
CA ILE A 43 9.60 -0.64 -6.24
C ILE A 43 11.03 -0.21 -5.92
N VAL A 44 11.14 0.71 -4.97
CA VAL A 44 12.44 1.21 -4.56
C VAL A 44 12.76 0.70 -3.15
N GLY A 45 11.70 0.45 -2.40
CA GLY A 45 11.85 -0.05 -1.04
C GLY A 45 10.63 -0.86 -0.61
N CYS A 46 10.88 -2.12 -0.32
CA CYS A 46 9.82 -3.02 0.10
C CYS A 46 10.29 -3.78 1.34
N SER A 47 9.34 -4.06 2.24
CA SER A 47 9.65 -4.79 3.45
C SER A 47 8.46 -5.64 3.86
N VAL A 48 8.76 -6.75 4.54
CA VAL A 48 7.73 -7.65 5.00
C VAL A 48 8.02 -8.07 6.44
N HIS A 49 7.11 -7.73 7.33
CA HIS A 49 7.27 -8.07 8.73
C HIS A 49 6.14 -9.00 9.16
N LYS A 50 6.53 -10.07 9.85
CA LYS A 50 5.56 -11.05 10.32
C LYS A 50 4.31 -10.33 10.82
N GLY A 51 3.32 -10.27 9.95
CA GLY A 51 2.06 -9.62 10.28
C GLY A 51 1.62 -8.66 9.17
N PHE A 52 2.61 -8.00 8.60
CA PHE A 52 2.34 -7.05 7.52
C PHE A 52 3.60 -6.82 6.67
N ALA A 53 3.49 -5.85 5.77
CA ALA A 53 4.60 -5.53 4.89
C ALA A 53 4.43 -4.11 4.36
N PHE A 54 5.47 -3.62 3.70
CA PHE A 54 5.44 -2.28 3.15
C PHE A 54 6.10 -2.24 1.76
N VAL A 55 5.54 -1.41 0.90
CA VAL A 55 6.06 -1.26 -0.45
C VAL A 55 6.24 0.22 -0.78
N GLN A 56 7.31 0.50 -1.51
CA GLN A 56 7.62 1.87 -1.89
C GLN A 56 7.92 1.94 -3.39
N TYR A 57 6.97 2.50 -4.13
CA TYR A 57 7.13 2.64 -5.57
C TYR A 57 7.95 3.88 -5.91
N VAL A 58 8.39 3.94 -7.16
CA VAL A 58 9.17 5.05 -7.63
C VAL A 58 8.43 6.36 -7.34
N ASN A 59 7.12 6.32 -7.55
CA ASN A 59 6.29 7.48 -7.31
C ASN A 59 5.01 7.04 -6.59
N GLU A 60 4.29 8.04 -6.08
CA GLU A 60 3.06 7.78 -5.36
C GLU A 60 2.00 7.22 -6.31
N ARG A 61 1.92 7.83 -7.48
CA ARG A 61 0.95 7.41 -8.49
C ARG A 61 1.08 5.91 -8.74
N ASN A 62 2.33 5.46 -8.78
CA ASN A 62 2.60 4.05 -9.01
C ASN A 62 2.18 3.24 -7.79
N ALA A 63 2.18 3.91 -6.64
CA ALA A 63 1.80 3.27 -5.40
C ALA A 63 0.27 3.25 -5.27
N ARG A 64 -0.33 4.37 -5.61
CA ARG A 64 -1.78 4.49 -5.54
C ARG A 64 -2.43 3.47 -6.47
N ALA A 65 -1.69 3.10 -7.51
CA ALA A 65 -2.19 2.13 -8.47
C ALA A 65 -2.41 0.78 -7.78
N ALA A 66 -1.34 0.25 -7.24
CA ALA A 66 -1.39 -1.03 -6.56
C ALA A 66 -2.33 -0.90 -5.35
N VAL A 67 -2.24 0.24 -4.69
CA VAL A 67 -3.07 0.50 -3.53
C VAL A 67 -4.54 0.51 -3.94
N ALA A 68 -4.75 0.68 -5.23
CA ALA A 68 -6.11 0.70 -5.77
C ALA A 68 -6.48 -0.70 -6.27
N GLY A 69 -5.45 -1.47 -6.57
CA GLY A 69 -5.65 -2.83 -7.06
C GLY A 69 -5.36 -3.86 -5.95
N GLU A 70 -4.07 -4.05 -5.69
CA GLU A 70 -3.64 -4.99 -4.68
C GLU A 70 -4.63 -4.99 -3.51
N ASP A 71 -4.57 -3.93 -2.72
CA ASP A 71 -5.45 -3.80 -1.57
C ASP A 71 -6.82 -4.40 -1.91
N GLY A 72 -7.06 -5.58 -1.38
CA GLY A 72 -8.32 -6.26 -1.61
C GLY A 72 -8.12 -7.50 -2.49
N ARG A 73 -6.88 -7.94 -2.55
CA ARG A 73 -6.54 -9.11 -3.34
C ARG A 73 -6.57 -10.38 -2.48
N MET A 74 -7.23 -11.39 -2.99
CA MET A 74 -7.36 -12.66 -2.27
C MET A 74 -6.14 -13.55 -2.54
N ILE A 75 -5.12 -13.36 -1.73
CA ILE A 75 -3.90 -14.14 -1.85
C ILE A 75 -3.82 -15.15 -0.71
N ALA A 76 -3.77 -16.42 -1.09
CA ALA A 76 -3.70 -17.49 -0.10
C ALA A 76 -5.10 -17.80 0.42
N GLY A 77 -6.07 -17.08 -0.13
CA GLY A 77 -7.46 -17.27 0.28
C GLY A 77 -7.91 -16.18 1.25
N GLN A 78 -6.93 -15.37 1.67
CA GLN A 78 -7.21 -14.29 2.59
C GLN A 78 -7.10 -12.94 1.88
N VAL A 79 -7.99 -12.03 2.24
CA VAL A 79 -8.00 -10.70 1.65
C VAL A 79 -6.95 -9.84 2.35
N LEU A 80 -5.89 -9.53 1.60
CA LEU A 80 -4.82 -8.71 2.13
C LEU A 80 -5.34 -7.30 2.37
N ASP A 81 -5.13 -6.82 3.59
CA ASP A 81 -5.57 -5.49 3.96
C ASP A 81 -4.45 -4.49 3.67
N ILE A 82 -4.58 -3.81 2.55
CA ILE A 82 -3.60 -2.82 2.15
C ILE A 82 -4.24 -1.44 2.09
N ASN A 83 -3.43 -0.42 2.29
CA ASN A 83 -3.91 0.95 2.25
C ASN A 83 -2.72 1.91 2.18
N LEU A 84 -2.92 2.99 1.44
CA LEU A 84 -1.87 3.98 1.27
C LEU A 84 -1.53 4.58 2.64
N ALA A 85 -0.24 4.54 2.96
CA ALA A 85 0.24 5.08 4.23
C ALA A 85 0.00 6.59 4.26
N ALA A 86 -1.22 6.96 4.62
CA ALA A 86 -1.58 8.36 4.70
C ALA A 86 -2.96 8.51 5.34
N GLU A 87 -3.90 7.74 4.81
CA GLU A 87 -5.26 7.77 5.32
C GLU A 87 -5.67 6.37 5.81
N PRO A 88 -5.63 6.21 7.17
CA PRO A 88 -5.99 4.94 7.77
C PRO A 88 -7.51 4.73 7.76
N LYS A 89 -7.90 3.50 7.52
CA LYS A 89 -9.32 3.15 7.48
C LYS A 89 -9.98 3.60 8.79
N VAL A 90 -9.15 3.79 9.80
CA VAL A 90 -9.64 4.21 11.10
C VAL A 90 -10.07 5.68 11.02
N ASN A 91 -11.37 5.88 10.93
CA ASN A 91 -11.93 7.22 10.84
C ASN A 91 -12.25 7.71 12.26
N ARG A 92 -11.72 8.89 12.57
CA ARG A 92 -11.96 9.48 13.89
C ARG A 92 -12.22 10.98 13.74
N SER A 93 -11.28 11.66 13.07
CA SER A 93 -11.39 13.09 12.87
C SER A 93 -11.72 13.37 11.41
N GLY A 94 -12.45 14.47 11.20
CA GLY A 94 -12.85 14.87 9.86
C GLY A 94 -13.36 16.31 9.85
N PRO A 95 -13.82 16.75 8.65
CA PRO A 95 -14.33 18.09 8.48
C PRO A 95 -15.73 18.23 9.11
N SER A 96 -15.74 18.78 10.32
CA SER A 96 -16.99 18.97 11.04
C SER A 96 -16.82 20.06 12.11
N SER A 97 -17.54 21.15 11.90
CA SER A 97 -17.48 22.26 12.83
C SER A 97 -16.03 22.56 13.20
N GLY A 98 -15.39 23.35 12.34
CA GLY A 98 -13.99 23.72 12.55
C GLY A 98 -13.87 24.67 13.74
N GLY A 1 -10.88 18.95 -0.69
CA GLY A 1 -12.03 18.10 -0.88
C GLY A 1 -12.85 18.53 -2.10
N SER A 2 -12.33 18.21 -3.27
CA SER A 2 -13.01 18.57 -4.51
C SER A 2 -12.35 17.86 -5.69
N SER A 3 -13.19 17.34 -6.58
CA SER A 3 -12.69 16.64 -7.74
C SER A 3 -12.75 17.56 -8.97
N GLY A 4 -11.79 17.36 -9.86
CA GLY A 4 -11.72 18.17 -11.07
C GLY A 4 -10.33 18.11 -11.68
N SER A 5 -9.92 16.91 -12.07
CA SER A 5 -8.62 16.70 -12.68
C SER A 5 -8.75 15.79 -13.89
N SER A 6 -8.51 16.37 -15.05
CA SER A 6 -8.59 15.62 -16.30
C SER A 6 -7.29 15.77 -17.09
N GLY A 7 -6.58 14.66 -17.23
CA GLY A 7 -5.33 14.65 -17.96
C GLY A 7 -4.54 13.36 -17.71
N LYS A 8 -3.23 13.47 -17.82
CA LYS A 8 -2.37 12.32 -17.60
C LYS A 8 -0.95 12.81 -17.27
N THR A 9 -0.67 12.85 -15.98
CA THR A 9 0.64 13.30 -15.51
C THR A 9 0.83 12.93 -14.03
N ASP A 10 2.09 12.98 -13.61
CA ASP A 10 2.42 12.67 -12.23
C ASP A 10 3.47 13.65 -11.72
N PRO A 11 3.45 13.88 -10.40
CA PRO A 11 4.40 14.79 -9.77
C PRO A 11 5.79 14.16 -9.68
N ARG A 12 6.69 14.89 -9.04
CA ARG A 12 8.05 14.41 -8.87
C ARG A 12 8.53 14.66 -7.44
N SER A 13 8.61 13.57 -6.68
CA SER A 13 9.05 13.66 -5.30
C SER A 13 9.02 12.28 -4.64
N MET A 14 9.92 12.08 -3.70
CA MET A 14 10.00 10.81 -3.00
C MET A 14 8.94 10.72 -1.90
N ASN A 15 7.72 10.41 -2.33
CA ASN A 15 6.62 10.28 -1.40
C ASN A 15 5.66 9.20 -1.89
N SER A 16 6.10 7.96 -1.77
CA SER A 16 5.29 6.83 -2.21
C SER A 16 5.55 5.63 -1.29
N ARG A 17 4.55 5.34 -0.46
CA ARG A 17 4.65 4.22 0.46
C ARG A 17 3.30 3.50 0.57
N VAL A 18 3.37 2.18 0.46
CA VAL A 18 2.17 1.37 0.54
C VAL A 18 2.25 0.46 1.76
N PHE A 19 1.18 0.43 2.52
CA PHE A 19 1.12 -0.39 3.72
C PHE A 19 0.31 -1.67 3.47
N ILE A 20 1.04 -2.75 3.29
CA ILE A 20 0.42 -4.04 3.04
C ILE A 20 0.14 -4.73 4.38
N GLY A 21 -1.14 -5.02 4.58
CA GLY A 21 -1.56 -5.68 5.81
C GLY A 21 -2.16 -7.05 5.53
N ASN A 22 -2.49 -7.76 6.60
CA ASN A 22 -3.07 -9.08 6.47
C ASN A 22 -2.28 -9.89 5.43
N LEU A 23 -0.98 -9.65 5.42
CA LEU A 23 -0.12 -10.34 4.48
C LEU A 23 0.34 -11.67 5.10
N ASN A 24 -0.11 -12.75 4.48
CA ASN A 24 0.25 -14.07 4.96
C ASN A 24 1.74 -14.31 4.73
N THR A 25 2.54 -13.75 5.62
CA THR A 25 3.99 -13.89 5.53
C THR A 25 4.41 -15.30 5.93
N LEU A 26 3.41 -16.12 6.23
CA LEU A 26 3.67 -17.49 6.63
C LEU A 26 3.68 -18.39 5.40
N VAL A 27 3.29 -17.80 4.27
CA VAL A 27 3.26 -18.54 3.02
C VAL A 27 3.79 -17.64 1.90
N VAL A 28 3.24 -16.44 1.83
CA VAL A 28 3.65 -15.48 0.82
C VAL A 28 5.12 -15.11 1.03
N LYS A 29 5.79 -14.78 -0.06
CA LYS A 29 7.18 -14.40 0.00
C LYS A 29 7.33 -12.94 -0.43
N LYS A 30 8.33 -12.28 0.15
CA LYS A 30 8.59 -10.89 -0.16
C LYS A 30 8.52 -10.68 -1.67
N SER A 31 9.36 -11.45 -2.37
CA SER A 31 9.41 -11.36 -3.82
C SER A 31 8.01 -11.45 -4.40
N ASP A 32 7.13 -12.13 -3.66
CA ASP A 32 5.75 -12.29 -4.09
C ASP A 32 5.02 -10.96 -3.98
N VAL A 33 5.46 -10.16 -3.02
CA VAL A 33 4.86 -8.85 -2.80
C VAL A 33 5.64 -7.79 -3.59
N GLU A 34 6.86 -8.16 -3.96
CA GLU A 34 7.72 -7.26 -4.71
C GLU A 34 7.50 -7.46 -6.22
N ALA A 35 7.04 -8.65 -6.57
CA ALA A 35 6.79 -8.98 -7.96
C ALA A 35 5.34 -8.66 -8.30
N ILE A 36 4.45 -9.07 -7.40
CA ILE A 36 3.02 -8.84 -7.59
C ILE A 36 2.76 -7.34 -7.66
N PHE A 37 3.57 -6.59 -6.93
CA PHE A 37 3.43 -5.15 -6.89
C PHE A 37 4.33 -4.48 -7.94
N SER A 38 5.25 -5.28 -8.47
CA SER A 38 6.18 -4.79 -9.47
C SER A 38 5.42 -4.40 -10.75
N LYS A 39 4.25 -4.99 -10.90
CA LYS A 39 3.41 -4.72 -12.05
C LYS A 39 2.67 -3.40 -11.84
N TYR A 40 2.84 -2.84 -10.66
CA TYR A 40 2.20 -1.58 -10.31
C TYR A 40 3.23 -0.47 -10.15
N GLY A 41 4.39 -0.67 -10.78
CA GLY A 41 5.46 0.31 -10.71
C GLY A 41 6.76 -0.34 -10.21
N LYS A 42 7.84 0.39 -10.38
CA LYS A 42 9.14 -0.09 -9.94
C LYS A 42 9.31 0.15 -8.44
N ILE A 43 9.45 -0.95 -7.71
CA ILE A 43 9.62 -0.87 -6.27
C ILE A 43 11.07 -0.50 -5.94
N VAL A 44 11.21 0.53 -5.13
CA VAL A 44 12.53 0.99 -4.73
C VAL A 44 12.90 0.39 -3.37
N GLY A 45 11.86 0.10 -2.60
CA GLY A 45 12.06 -0.48 -1.28
C GLY A 45 10.77 -1.15 -0.77
N CYS A 46 10.89 -2.42 -0.44
CA CYS A 46 9.76 -3.17 0.05
C CYS A 46 10.19 -3.94 1.31
N SER A 47 9.29 -4.00 2.27
CA SER A 47 9.57 -4.70 3.52
C SER A 47 8.37 -5.55 3.91
N VAL A 48 8.67 -6.67 4.56
CA VAL A 48 7.64 -7.59 5.00
C VAL A 48 7.90 -8.00 6.44
N HIS A 49 6.94 -7.68 7.30
CA HIS A 49 7.07 -8.00 8.71
C HIS A 49 5.92 -8.94 9.12
N LYS A 50 6.29 -10.01 9.81
CA LYS A 50 5.31 -10.98 10.27
C LYS A 50 4.07 -10.25 10.77
N GLY A 51 3.08 -10.16 9.90
CA GLY A 51 1.84 -9.49 10.26
C GLY A 51 1.42 -8.50 9.16
N PHE A 52 2.42 -7.89 8.54
CA PHE A 52 2.18 -6.93 7.49
C PHE A 52 3.43 -6.73 6.62
N ALA A 53 3.35 -5.74 5.75
CA ALA A 53 4.46 -5.43 4.86
C ALA A 53 4.27 -4.03 4.27
N PHE A 54 5.30 -3.56 3.60
CA PHE A 54 5.26 -2.25 2.98
C PHE A 54 5.95 -2.27 1.61
N VAL A 55 5.50 -1.35 0.76
CA VAL A 55 6.05 -1.26 -0.58
C VAL A 55 6.29 0.22 -0.93
N GLN A 56 7.45 0.47 -1.52
CA GLN A 56 7.81 1.82 -1.90
C GLN A 56 8.05 1.91 -3.41
N TYR A 57 7.11 2.55 -4.09
CA TYR A 57 7.20 2.71 -5.53
C TYR A 57 8.02 3.96 -5.89
N VAL A 58 8.52 3.95 -7.12
CA VAL A 58 9.32 5.07 -7.60
C VAL A 58 8.49 6.36 -7.53
N ASN A 59 7.18 6.18 -7.70
CA ASN A 59 6.27 7.32 -7.67
C ASN A 59 5.07 6.96 -6.80
N GLU A 60 4.39 8.00 -6.33
CA GLU A 60 3.23 7.82 -5.48
C GLU A 60 2.08 7.20 -6.29
N ARG A 61 1.78 7.83 -7.41
CA ARG A 61 0.72 7.36 -8.28
C ARG A 61 0.78 5.83 -8.41
N ASN A 62 2.00 5.32 -8.50
CA ASN A 62 2.21 3.90 -8.64
C ASN A 62 1.71 3.19 -7.37
N ALA A 63 2.05 3.78 -6.23
CA ALA A 63 1.64 3.22 -4.95
C ALA A 63 0.12 3.07 -4.93
N ARG A 64 -0.56 4.21 -5.01
CA ARG A 64 -2.02 4.22 -4.99
C ARG A 64 -2.56 3.15 -5.95
N ALA A 65 -1.94 3.07 -7.12
CA ALA A 65 -2.34 2.11 -8.12
C ALA A 65 -2.56 0.74 -7.46
N ALA A 66 -1.47 0.19 -6.94
CA ALA A 66 -1.52 -1.10 -6.28
C ALA A 66 -2.56 -1.05 -5.16
N VAL A 67 -2.43 -0.04 -4.32
CA VAL A 67 -3.35 0.13 -3.21
C VAL A 67 -4.79 0.02 -3.72
N ALA A 68 -4.95 0.31 -5.00
CA ALA A 68 -6.26 0.26 -5.62
C ALA A 68 -6.46 -1.12 -6.27
N GLY A 69 -5.35 -1.68 -6.74
CA GLY A 69 -5.38 -2.98 -7.38
C GLY A 69 -5.11 -4.09 -6.37
N GLU A 70 -3.83 -4.20 -5.99
CA GLU A 70 -3.43 -5.21 -5.03
C GLU A 70 -4.50 -5.41 -3.97
N ASP A 71 -4.68 -4.38 -3.16
CA ASP A 71 -5.67 -4.42 -2.10
C ASP A 71 -6.93 -5.12 -2.60
N GLY A 72 -7.27 -6.21 -1.93
CA GLY A 72 -8.45 -6.99 -2.30
C GLY A 72 -8.04 -8.26 -3.05
N ARG A 73 -6.83 -8.71 -2.78
CA ARG A 73 -6.32 -9.91 -3.41
C ARG A 73 -6.27 -11.07 -2.41
N MET A 74 -6.73 -12.23 -2.87
CA MET A 74 -6.76 -13.41 -2.02
C MET A 74 -5.42 -14.16 -2.11
N ILE A 75 -4.52 -13.80 -1.21
CA ILE A 75 -3.22 -14.43 -1.17
C ILE A 75 -3.17 -15.42 0.00
N ALA A 76 -2.97 -16.68 -0.34
CA ALA A 76 -2.89 -17.73 0.67
C ALA A 76 -4.32 -18.18 1.02
N GLY A 77 -5.29 -17.51 0.42
CA GLY A 77 -6.67 -17.83 0.67
C GLY A 77 -7.38 -16.70 1.43
N GLN A 78 -6.57 -15.75 1.90
CA GLN A 78 -7.10 -14.62 2.64
C GLN A 78 -6.88 -13.33 1.86
N VAL A 79 -7.72 -12.35 2.15
CA VAL A 79 -7.63 -11.06 1.48
C VAL A 79 -6.54 -10.22 2.14
N LEU A 80 -5.89 -9.41 1.32
CA LEU A 80 -4.82 -8.56 1.81
C LEU A 80 -5.36 -7.13 2.00
N ASP A 81 -5.18 -6.62 3.20
CA ASP A 81 -5.63 -5.28 3.52
C ASP A 81 -4.48 -4.29 3.34
N ILE A 82 -4.50 -3.60 2.21
CA ILE A 82 -3.47 -2.63 1.90
C ILE A 82 -4.06 -1.22 1.98
N ASN A 83 -3.17 -0.25 2.12
CA ASN A 83 -3.59 1.15 2.21
C ASN A 83 -2.39 2.06 1.98
N LEU A 84 -2.68 3.30 1.63
CA LEU A 84 -1.63 4.27 1.37
C LEU A 84 -1.11 4.82 2.70
N ALA A 85 0.21 4.92 2.78
CA ALA A 85 0.84 5.43 3.99
C ALA A 85 0.47 6.89 4.19
N ALA A 86 -0.77 7.09 4.63
CA ALA A 86 -1.27 8.44 4.86
C ALA A 86 -2.56 8.36 5.69
N GLU A 87 -3.50 7.59 5.18
CA GLU A 87 -4.78 7.42 5.86
C GLU A 87 -4.97 5.97 6.30
N PRO A 88 -4.95 5.77 7.64
CA PRO A 88 -5.12 4.44 8.20
C PRO A 88 -6.57 3.99 8.10
N LYS A 89 -6.74 2.72 7.75
CA LYS A 89 -8.07 2.15 7.61
C LYS A 89 -8.48 1.50 8.94
N VAL A 90 -8.27 2.25 10.01
CA VAL A 90 -8.61 1.77 11.34
C VAL A 90 -9.86 2.49 11.84
N ASN A 91 -10.74 1.72 12.48
CA ASN A 91 -11.98 2.27 13.01
C ASN A 91 -12.82 2.81 11.85
N ARG A 92 -13.92 2.12 11.59
CA ARG A 92 -14.82 2.52 10.53
C ARG A 92 -14.10 2.48 9.18
N SER A 93 -14.82 2.01 8.17
CA SER A 93 -14.26 1.91 6.83
C SER A 93 -13.59 3.23 6.45
N GLY A 94 -14.39 4.29 6.46
CA GLY A 94 -13.90 5.61 6.12
C GLY A 94 -15.01 6.47 5.52
N PRO A 95 -14.81 7.81 5.62
CA PRO A 95 -15.79 8.76 5.10
C PRO A 95 -15.72 8.83 3.58
N SER A 96 -14.50 8.86 3.07
CA SER A 96 -14.28 8.92 1.64
C SER A 96 -13.67 7.62 1.14
N SER A 97 -13.91 7.33 -0.14
CA SER A 97 -13.38 6.11 -0.74
C SER A 97 -13.89 4.88 0.02
N GLY A 98 -13.86 3.76 -0.67
CA GLY A 98 -14.31 2.51 -0.07
C GLY A 98 -13.19 1.47 -0.05
N GLY A 1 -0.97 19.12 16.08
CA GLY A 1 -1.84 20.27 15.90
C GLY A 1 -3.31 19.86 16.01
N SER A 2 -4.11 20.35 15.08
CA SER A 2 -5.53 20.04 15.07
C SER A 2 -6.13 20.40 13.71
N SER A 3 -6.17 19.41 12.83
CA SER A 3 -6.71 19.60 11.50
C SER A 3 -8.16 19.10 11.45
N GLY A 4 -9.02 19.97 10.92
CA GLY A 4 -10.43 19.64 10.80
C GLY A 4 -10.95 19.93 9.40
N SER A 5 -10.74 18.97 8.51
CA SER A 5 -11.18 19.11 7.13
C SER A 5 -11.02 17.79 6.39
N SER A 6 -11.69 17.70 5.24
CA SER A 6 -11.62 16.50 4.43
C SER A 6 -10.20 15.94 4.41
N GLY A 7 -9.29 16.77 3.93
CA GLY A 7 -7.89 16.38 3.85
C GLY A 7 -7.47 16.13 2.40
N LYS A 8 -6.48 16.89 1.97
CA LYS A 8 -5.97 16.77 0.61
C LYS A 8 -4.51 16.35 0.65
N THR A 9 -4.29 15.04 0.67
CA THR A 9 -2.94 14.51 0.71
C THR A 9 -2.33 14.51 -0.69
N ASP A 10 -1.16 15.14 -0.79
CA ASP A 10 -0.46 15.22 -2.06
C ASP A 10 0.93 14.60 -1.92
N PRO A 11 1.48 14.16 -3.07
CA PRO A 11 2.80 13.55 -3.08
C PRO A 11 3.89 14.60 -2.92
N ARG A 12 3.66 15.75 -3.52
CA ARG A 12 4.61 16.84 -3.45
C ARG A 12 5.83 16.55 -4.33
N SER A 13 6.52 15.47 -3.99
CA SER A 13 7.70 15.07 -4.74
C SER A 13 8.06 13.62 -4.39
N MET A 14 8.35 13.40 -3.12
CA MET A 14 8.71 12.09 -2.65
C MET A 14 7.78 11.62 -1.52
N ASN A 15 6.77 10.86 -1.91
CA ASN A 15 5.81 10.35 -0.93
C ASN A 15 5.07 9.16 -1.55
N SER A 16 5.78 8.05 -1.66
CA SER A 16 5.20 6.85 -2.23
C SER A 16 5.44 5.66 -1.28
N ARG A 17 4.42 5.37 -0.48
CA ARG A 17 4.51 4.26 0.47
C ARG A 17 3.20 3.48 0.48
N VAL A 18 3.33 2.18 0.71
CA VAL A 18 2.17 1.31 0.75
C VAL A 18 2.26 0.41 1.99
N PHE A 19 1.14 0.30 2.69
CA PHE A 19 1.07 -0.53 3.88
C PHE A 19 0.30 -1.82 3.62
N ILE A 20 1.04 -2.88 3.37
CA ILE A 20 0.43 -4.19 3.11
C ILE A 20 0.08 -4.85 4.44
N GLY A 21 -1.22 -5.00 4.65
CA GLY A 21 -1.70 -5.62 5.87
C GLY A 21 -2.36 -6.98 5.58
N ASN A 22 -2.72 -7.67 6.64
CA ASN A 22 -3.35 -8.98 6.51
C ASN A 22 -2.69 -9.75 5.37
N LEU A 23 -1.36 -9.82 5.45
CA LEU A 23 -0.60 -10.53 4.44
C LEU A 23 -0.01 -11.80 5.04
N ASN A 24 -0.45 -12.93 4.50
CA ASN A 24 0.03 -14.22 4.98
C ASN A 24 1.54 -14.32 4.75
N THR A 25 2.29 -13.70 5.66
CA THR A 25 3.74 -13.71 5.57
C THR A 25 4.27 -15.10 5.95
N LEU A 26 3.35 -16.01 6.20
CA LEU A 26 3.72 -17.37 6.57
C LEU A 26 3.81 -18.22 5.30
N VAL A 27 3.25 -17.69 4.23
CA VAL A 27 3.26 -18.40 2.96
C VAL A 27 3.82 -17.48 1.87
N VAL A 28 3.25 -16.28 1.80
CA VAL A 28 3.68 -15.31 0.82
C VAL A 28 5.12 -14.87 1.13
N LYS A 29 5.84 -14.53 0.07
CA LYS A 29 7.22 -14.10 0.22
C LYS A 29 7.37 -12.68 -0.32
N LYS A 30 8.36 -11.98 0.22
CA LYS A 30 8.60 -10.61 -0.20
C LYS A 30 8.59 -10.54 -1.73
N SER A 31 9.44 -11.35 -2.34
CA SER A 31 9.52 -11.39 -3.79
C SER A 31 8.12 -11.45 -4.40
N ASP A 32 7.29 -12.29 -3.80
CA ASP A 32 5.93 -12.46 -4.28
C ASP A 32 5.19 -11.13 -4.15
N VAL A 33 5.57 -10.35 -3.15
CA VAL A 33 4.96 -9.06 -2.91
C VAL A 33 5.69 -8.00 -3.74
N GLU A 34 6.91 -8.33 -4.13
CA GLU A 34 7.72 -7.42 -4.93
C GLU A 34 7.46 -7.64 -6.42
N ALA A 35 7.04 -8.86 -6.74
CA ALA A 35 6.75 -9.21 -8.12
C ALA A 35 5.31 -8.85 -8.45
N ILE A 36 4.43 -9.11 -7.49
CA ILE A 36 3.02 -8.81 -7.66
C ILE A 36 2.82 -7.30 -7.73
N PHE A 37 3.66 -6.59 -6.98
CA PHE A 37 3.59 -5.15 -6.94
C PHE A 37 4.50 -4.52 -8.00
N SER A 38 5.37 -5.36 -8.55
CA SER A 38 6.30 -4.90 -9.57
C SER A 38 5.54 -4.52 -10.84
N LYS A 39 4.26 -4.86 -10.85
CA LYS A 39 3.42 -4.56 -12.00
C LYS A 39 2.67 -3.24 -11.74
N TYR A 40 2.82 -2.75 -10.53
CA TYR A 40 2.17 -1.51 -10.14
C TYR A 40 3.18 -0.37 -10.01
N GLY A 41 4.31 -0.54 -10.69
CA GLY A 41 5.36 0.46 -10.65
C GLY A 41 6.68 -0.16 -10.19
N LYS A 42 7.74 0.63 -10.31
CA LYS A 42 9.07 0.18 -9.91
C LYS A 42 9.21 0.34 -8.40
N ILE A 43 9.50 -0.77 -7.74
CA ILE A 43 9.67 -0.77 -6.29
C ILE A 43 11.10 -0.33 -5.96
N VAL A 44 11.19 0.63 -5.05
CA VAL A 44 12.49 1.14 -4.63
C VAL A 44 12.84 0.55 -3.26
N GLY A 45 11.81 0.17 -2.53
CA GLY A 45 12.00 -0.40 -1.21
C GLY A 45 10.75 -1.15 -0.75
N CYS A 46 10.92 -2.43 -0.45
CA CYS A 46 9.83 -3.25 0.00
C CYS A 46 10.26 -4.00 1.26
N SER A 47 9.33 -4.12 2.19
CA SER A 47 9.61 -4.79 3.45
C SER A 47 8.40 -5.64 3.86
N VAL A 48 8.69 -6.73 4.55
CA VAL A 48 7.64 -7.63 5.02
C VAL A 48 7.86 -7.93 6.50
N HIS A 49 6.99 -7.35 7.32
CA HIS A 49 7.06 -7.54 8.76
C HIS A 49 5.94 -8.49 9.21
N LYS A 50 6.35 -9.53 9.92
CA LYS A 50 5.39 -10.51 10.41
C LYS A 50 4.12 -9.78 10.87
N GLY A 51 3.09 -9.88 10.04
CA GLY A 51 1.82 -9.24 10.34
C GLY A 51 1.41 -8.28 9.22
N PHE A 52 2.39 -7.86 8.45
CA PHE A 52 2.14 -6.95 7.35
C PHE A 52 3.40 -6.76 6.51
N ALA A 53 3.32 -5.81 5.58
CA ALA A 53 4.43 -5.51 4.70
C ALA A 53 4.35 -4.06 4.24
N PHE A 54 5.42 -3.61 3.62
CA PHE A 54 5.48 -2.24 3.13
C PHE A 54 6.24 -2.16 1.80
N VAL A 55 5.62 -1.50 0.83
CA VAL A 55 6.22 -1.35 -0.48
C VAL A 55 6.43 0.14 -0.77
N GLN A 56 7.48 0.42 -1.53
CA GLN A 56 7.80 1.79 -1.89
C GLN A 56 8.07 1.89 -3.39
N TYR A 57 7.16 2.56 -4.08
CA TYR A 57 7.29 2.75 -5.51
C TYR A 57 8.11 4.00 -5.84
N VAL A 58 8.47 4.12 -7.11
CA VAL A 58 9.24 5.26 -7.56
C VAL A 58 8.42 6.53 -7.38
N ASN A 59 7.13 6.41 -7.65
CA ASN A 59 6.22 7.54 -7.52
C ASN A 59 4.99 7.13 -6.72
N GLU A 60 4.14 8.10 -6.45
CA GLU A 60 2.93 7.84 -5.68
C GLU A 60 1.85 7.25 -6.60
N ARG A 61 1.58 7.97 -7.68
CA ARG A 61 0.57 7.53 -8.63
C ARG A 61 0.67 6.02 -8.86
N ASN A 62 1.89 5.51 -8.74
CA ASN A 62 2.13 4.09 -8.93
C ASN A 62 1.70 3.34 -7.67
N ALA A 63 2.18 3.81 -6.53
CA ALA A 63 1.86 3.19 -5.26
C ALA A 63 0.34 3.07 -5.13
N ARG A 64 -0.31 4.22 -4.97
CA ARG A 64 -1.75 4.24 -4.84
C ARG A 64 -2.39 3.21 -5.77
N ALA A 65 -1.78 3.04 -6.93
CA ALA A 65 -2.27 2.09 -7.90
C ALA A 65 -2.50 0.74 -7.23
N ALA A 66 -1.41 0.15 -6.76
CA ALA A 66 -1.48 -1.13 -6.10
C ALA A 66 -2.44 -1.05 -4.91
N VAL A 67 -2.23 -0.02 -4.10
CA VAL A 67 -3.07 0.20 -2.93
C VAL A 67 -4.54 0.07 -3.33
N ALA A 68 -4.81 0.42 -4.58
CA ALA A 68 -6.17 0.35 -5.11
C ALA A 68 -6.37 -1.00 -5.79
N GLY A 69 -5.30 -1.47 -6.42
CA GLY A 69 -5.35 -2.74 -7.12
C GLY A 69 -5.15 -3.92 -6.16
N GLU A 70 -3.90 -4.08 -5.75
CA GLU A 70 -3.55 -5.15 -4.82
C GLU A 70 -4.64 -5.30 -3.75
N ASP A 71 -4.74 -4.29 -2.91
CA ASP A 71 -5.73 -4.30 -1.85
C ASP A 71 -7.02 -4.96 -2.36
N GLY A 72 -7.31 -6.12 -1.79
CA GLY A 72 -8.50 -6.86 -2.17
C GLY A 72 -8.13 -8.10 -3.00
N ARG A 73 -6.90 -8.56 -2.81
CA ARG A 73 -6.41 -9.72 -3.53
C ARG A 73 -6.34 -10.93 -2.59
N MET A 74 -6.78 -12.06 -3.11
CA MET A 74 -6.77 -13.29 -2.33
C MET A 74 -5.45 -14.05 -2.53
N ILE A 75 -4.52 -13.79 -1.63
CA ILE A 75 -3.22 -14.44 -1.69
C ILE A 75 -3.15 -15.56 -0.64
N ALA A 76 -2.99 -16.77 -1.14
CA ALA A 76 -2.91 -17.93 -0.26
C ALA A 76 -4.33 -18.32 0.18
N GLY A 77 -5.29 -17.55 -0.29
CA GLY A 77 -6.68 -17.82 0.05
C GLY A 77 -7.24 -16.70 0.94
N GLN A 78 -6.34 -15.86 1.41
CA GLN A 78 -6.72 -14.75 2.28
C GLN A 78 -6.63 -13.43 1.53
N VAL A 79 -7.44 -12.48 1.95
CA VAL A 79 -7.46 -11.17 1.34
C VAL A 79 -6.34 -10.30 1.95
N LEU A 80 -5.79 -9.43 1.12
CA LEU A 80 -4.73 -8.56 1.56
C LEU A 80 -5.29 -7.14 1.76
N ASP A 81 -5.21 -6.67 2.99
CA ASP A 81 -5.70 -5.35 3.32
C ASP A 81 -4.56 -4.34 3.21
N ILE A 82 -4.54 -3.64 2.09
CA ILE A 82 -3.51 -2.64 1.85
C ILE A 82 -4.13 -1.24 1.87
N ASN A 83 -3.31 -0.27 2.21
CA ASN A 83 -3.77 1.11 2.28
C ASN A 83 -2.56 2.05 2.22
N LEU A 84 -2.74 3.15 1.52
CA LEU A 84 -1.68 4.13 1.37
C LEU A 84 -1.33 4.70 2.75
N ALA A 85 -0.04 4.65 3.06
CA ALA A 85 0.43 5.14 4.34
C ALA A 85 0.19 6.65 4.42
N ALA A 86 -1.03 7.00 4.79
CA ALA A 86 -1.41 8.40 4.90
C ALA A 86 -2.82 8.50 5.49
N GLU A 87 -3.77 7.95 4.75
CA GLU A 87 -5.16 7.97 5.18
C GLU A 87 -5.56 6.60 5.75
N PRO A 88 -5.72 6.55 7.09
CA PRO A 88 -6.10 5.32 7.75
C PRO A 88 -7.58 5.01 7.54
N LYS A 89 -7.86 3.75 7.26
CA LYS A 89 -9.23 3.31 7.03
C LYS A 89 -9.86 2.90 8.36
N VAL A 90 -9.64 3.74 9.36
CA VAL A 90 -10.19 3.49 10.68
C VAL A 90 -11.37 4.43 10.93
N ASN A 91 -12.53 3.82 11.12
CA ASN A 91 -13.74 4.58 11.37
C ASN A 91 -14.04 4.58 12.87
N ARG A 92 -13.80 5.72 13.49
CA ARG A 92 -14.04 5.87 14.92
C ARG A 92 -13.62 7.26 15.39
N SER A 93 -14.34 7.75 16.38
CA SER A 93 -14.04 9.07 16.94
C SER A 93 -14.56 9.15 18.38
N GLY A 94 -15.86 9.32 18.51
CA GLY A 94 -16.48 9.42 19.81
C GLY A 94 -17.29 10.71 19.95
N PRO A 95 -16.86 11.56 20.92
CA PRO A 95 -17.53 12.83 21.15
C PRO A 95 -17.18 13.85 20.05
N SER A 96 -18.17 14.66 19.72
CA SER A 96 -17.99 15.67 18.69
C SER A 96 -17.24 16.87 19.28
N SER A 97 -16.54 17.58 18.39
CA SER A 97 -15.78 18.75 18.81
C SER A 97 -15.87 19.84 17.73
N GLY A 98 -16.35 20.99 18.15
CA GLY A 98 -16.48 22.12 17.23
C GLY A 98 -17.87 22.15 16.61
N GLY A 1 -25.19 16.20 9.60
CA GLY A 1 -24.52 17.45 9.27
C GLY A 1 -24.00 17.43 7.83
N SER A 2 -23.22 18.45 7.52
CA SER A 2 -22.66 18.57 6.18
C SER A 2 -21.15 18.82 6.27
N SER A 3 -20.79 19.82 7.04
CA SER A 3 -19.40 20.17 7.23
C SER A 3 -18.76 20.48 5.87
N GLY A 4 -17.61 21.13 5.92
CA GLY A 4 -16.89 21.49 4.72
C GLY A 4 -15.51 20.82 4.68
N SER A 5 -14.91 20.84 3.50
CA SER A 5 -13.59 20.25 3.31
C SER A 5 -12.58 21.33 2.92
N SER A 6 -11.31 20.98 3.09
CA SER A 6 -10.24 21.91 2.76
C SER A 6 -8.88 21.25 3.04
N GLY A 7 -8.29 20.72 1.99
CA GLY A 7 -7.00 20.07 2.11
C GLY A 7 -6.38 19.82 0.73
N LYS A 8 -5.84 20.89 0.15
CA LYS A 8 -5.23 20.80 -1.16
C LYS A 8 -4.57 22.14 -1.50
N THR A 9 -3.25 22.15 -1.42
CA THR A 9 -2.49 23.36 -1.72
C THR A 9 -1.42 23.07 -2.76
N ASP A 10 -0.58 22.08 -2.45
CA ASP A 10 0.49 21.71 -3.36
C ASP A 10 0.52 20.18 -3.50
N PRO A 11 0.97 19.72 -4.69
CA PRO A 11 1.05 18.30 -4.96
C PRO A 11 2.24 17.67 -4.23
N ARG A 12 2.14 16.37 -3.99
CA ARG A 12 3.19 15.65 -3.31
C ARG A 12 4.46 15.62 -4.16
N SER A 13 5.59 15.53 -3.48
CA SER A 13 6.88 15.50 -4.16
C SER A 13 7.49 14.09 -4.07
N MET A 14 7.67 13.65 -2.84
CA MET A 14 8.23 12.32 -2.60
C MET A 14 7.53 11.62 -1.44
N ASN A 15 6.41 10.99 -1.77
CA ASN A 15 5.62 10.28 -0.77
C ASN A 15 4.98 9.06 -1.41
N SER A 16 5.80 8.04 -1.62
CA SER A 16 5.32 6.80 -2.23
C SER A 16 5.55 5.62 -1.27
N ARG A 17 4.48 5.25 -0.60
CA ARG A 17 4.55 4.14 0.35
C ARG A 17 3.22 3.39 0.39
N VAL A 18 3.32 2.07 0.38
CA VAL A 18 2.13 1.23 0.41
C VAL A 18 2.27 0.20 1.54
N PHE A 19 1.29 0.21 2.42
CA PHE A 19 1.29 -0.72 3.55
C PHE A 19 0.47 -1.97 3.24
N ILE A 20 1.17 -3.09 3.19
CA ILE A 20 0.52 -4.37 2.90
C ILE A 20 0.18 -5.07 4.22
N GLY A 21 -1.08 -4.99 4.59
CA GLY A 21 -1.54 -5.61 5.82
C GLY A 21 -2.13 -7.00 5.54
N ASN A 22 -2.51 -7.67 6.62
CA ASN A 22 -3.08 -9.00 6.51
C ASN A 22 -2.34 -9.78 5.42
N LEU A 23 -1.02 -9.74 5.50
CA LEU A 23 -0.19 -10.44 4.54
C LEU A 23 0.32 -11.74 5.15
N ASN A 24 -0.15 -12.84 4.59
CA ASN A 24 0.25 -14.16 5.08
C ASN A 24 1.75 -14.35 4.85
N THR A 25 2.53 -13.77 5.76
CA THR A 25 3.98 -13.87 5.67
C THR A 25 4.44 -15.27 6.06
N LEU A 26 3.47 -16.13 6.33
CA LEU A 26 3.76 -17.50 6.71
C LEU A 26 3.87 -18.36 5.46
N VAL A 27 3.52 -17.75 4.33
CA VAL A 27 3.58 -18.46 3.06
C VAL A 27 4.12 -17.51 1.99
N VAL A 28 3.50 -16.34 1.92
CA VAL A 28 3.90 -15.33 0.95
C VAL A 28 5.32 -14.86 1.26
N LYS A 29 6.02 -14.46 0.22
CA LYS A 29 7.39 -13.99 0.37
C LYS A 29 7.44 -12.49 0.05
N LYS A 30 8.65 -11.95 0.10
CA LYS A 30 8.85 -10.54 -0.17
C LYS A 30 8.83 -10.31 -1.68
N SER A 31 9.08 -11.39 -2.42
CA SER A 31 9.08 -11.32 -3.87
C SER A 31 7.65 -11.42 -4.40
N ASP A 32 6.75 -11.76 -3.51
CA ASP A 32 5.34 -11.90 -3.88
C ASP A 32 4.68 -10.52 -3.83
N VAL A 33 5.12 -9.71 -2.89
CA VAL A 33 4.58 -8.37 -2.74
C VAL A 33 5.45 -7.38 -3.52
N GLU A 34 6.62 -7.84 -3.91
CA GLU A 34 7.55 -7.01 -4.65
C GLU A 34 7.31 -7.17 -6.16
N ALA A 35 6.88 -8.36 -6.53
CA ALA A 35 6.61 -8.67 -7.93
C ALA A 35 5.17 -8.28 -8.26
N ILE A 36 4.25 -8.85 -7.48
CA ILE A 36 2.84 -8.57 -7.69
C ILE A 36 2.61 -7.06 -7.75
N PHE A 37 3.49 -6.34 -7.04
CA PHE A 37 3.39 -4.89 -7.01
C PHE A 37 4.27 -4.26 -8.10
N SER A 38 5.31 -4.98 -8.48
CA SER A 38 6.23 -4.52 -9.49
C SER A 38 5.45 -4.13 -10.76
N LYS A 39 4.36 -4.85 -10.98
CA LYS A 39 3.52 -4.60 -12.15
C LYS A 39 2.85 -3.24 -11.99
N TYR A 40 2.57 -2.89 -10.75
CA TYR A 40 1.93 -1.62 -10.45
C TYR A 40 2.96 -0.48 -10.38
N GLY A 41 4.18 -0.80 -10.80
CA GLY A 41 5.26 0.17 -10.78
C GLY A 41 6.55 -0.46 -10.29
N LYS A 42 7.63 0.29 -10.43
CA LYS A 42 8.95 -0.18 -10.01
C LYS A 42 9.10 0.07 -8.50
N ILE A 43 9.46 -1.00 -7.80
CA ILE A 43 9.65 -0.90 -6.36
C ILE A 43 11.10 -0.54 -6.06
N VAL A 44 11.26 0.38 -5.12
CA VAL A 44 12.59 0.83 -4.73
C VAL A 44 12.94 0.26 -3.36
N GLY A 45 11.89 0.00 -2.58
CA GLY A 45 12.07 -0.56 -1.25
C GLY A 45 10.79 -1.23 -0.76
N CYS A 46 10.91 -2.51 -0.45
CA CYS A 46 9.77 -3.28 0.04
C CYS A 46 10.22 -4.07 1.26
N SER A 47 9.37 -4.04 2.29
CA SER A 47 9.66 -4.75 3.52
C SER A 47 8.43 -5.54 3.97
N VAL A 48 8.69 -6.63 4.68
CA VAL A 48 7.63 -7.48 5.18
C VAL A 48 7.88 -7.81 6.65
N HIS A 49 6.92 -7.44 7.48
CA HIS A 49 7.03 -7.68 8.91
C HIS A 49 5.92 -8.64 9.34
N LYS A 50 6.33 -9.64 10.14
CA LYS A 50 5.39 -10.62 10.63
C LYS A 50 4.07 -9.94 11.01
N GLY A 51 3.12 -9.99 10.08
CA GLY A 51 1.83 -9.38 10.31
C GLY A 51 1.43 -8.51 9.12
N PHE A 52 2.40 -7.77 8.61
CA PHE A 52 2.17 -6.88 7.48
C PHE A 52 3.44 -6.69 6.66
N ALA A 53 3.38 -5.72 5.74
CA ALA A 53 4.51 -5.42 4.90
C ALA A 53 4.35 -4.01 4.32
N PHE A 54 5.36 -3.61 3.56
CA PHE A 54 5.34 -2.29 2.94
C PHE A 54 5.97 -2.33 1.54
N VAL A 55 5.53 -1.42 0.70
CA VAL A 55 6.04 -1.34 -0.66
C VAL A 55 6.29 0.12 -1.02
N GLN A 56 7.47 0.37 -1.56
CA GLN A 56 7.84 1.72 -1.96
C GLN A 56 8.10 1.78 -3.46
N TYR A 57 7.20 2.47 -4.16
CA TYR A 57 7.31 2.62 -5.60
C TYR A 57 8.18 3.82 -5.97
N VAL A 58 8.50 3.91 -7.25
CA VAL A 58 9.32 5.00 -7.74
C VAL A 58 8.53 6.31 -7.64
N ASN A 59 7.21 6.16 -7.64
CA ASN A 59 6.34 7.33 -7.54
C ASN A 59 5.11 6.96 -6.70
N GLU A 60 4.40 8.00 -6.28
CA GLU A 60 3.21 7.80 -5.46
C GLU A 60 2.07 7.23 -6.31
N ARG A 61 1.84 7.88 -7.44
CA ARG A 61 0.79 7.45 -8.35
C ARG A 61 0.85 5.93 -8.55
N ASN A 62 2.07 5.42 -8.62
CA ASN A 62 2.27 3.99 -8.81
C ASN A 62 1.88 3.26 -7.53
N ALA A 63 2.16 3.89 -6.40
CA ALA A 63 1.84 3.31 -5.11
C ALA A 63 0.33 3.09 -5.01
N ARG A 64 -0.41 4.20 -5.04
CA ARG A 64 -1.85 4.14 -4.95
C ARG A 64 -2.39 3.09 -5.93
N ALA A 65 -1.86 3.13 -7.14
CA ALA A 65 -2.29 2.20 -8.18
C ALA A 65 -2.47 0.81 -7.56
N ALA A 66 -1.39 0.30 -6.99
CA ALA A 66 -1.42 -1.01 -6.36
C ALA A 66 -2.43 -1.00 -5.21
N VAL A 67 -2.27 -0.01 -4.34
CA VAL A 67 -3.14 0.13 -3.19
C VAL A 67 -4.59 -0.09 -3.63
N ALA A 68 -4.86 0.27 -4.88
CA ALA A 68 -6.19 0.11 -5.44
C ALA A 68 -6.28 -1.23 -6.18
N GLY A 69 -5.16 -1.61 -6.77
CA GLY A 69 -5.10 -2.86 -7.52
C GLY A 69 -4.83 -4.03 -6.58
N GLU A 70 -3.59 -4.13 -6.13
CA GLU A 70 -3.19 -5.20 -5.23
C GLU A 70 -4.26 -5.42 -4.15
N ASP A 71 -4.46 -4.38 -3.35
CA ASP A 71 -5.45 -4.43 -2.29
C ASP A 71 -6.69 -5.16 -2.79
N GLY A 72 -6.98 -6.28 -2.15
CA GLY A 72 -8.14 -7.09 -2.52
C GLY A 72 -7.71 -8.34 -3.30
N ARG A 73 -6.45 -8.70 -3.12
CA ARG A 73 -5.91 -9.88 -3.80
C ARG A 73 -5.91 -11.07 -2.85
N MET A 74 -6.31 -12.22 -3.40
CA MET A 74 -6.36 -13.44 -2.62
C MET A 74 -5.01 -14.16 -2.65
N ILE A 75 -4.22 -13.91 -1.62
CA ILE A 75 -2.90 -14.53 -1.51
C ILE A 75 -2.92 -15.58 -0.41
N ALA A 76 -2.62 -16.82 -0.80
CA ALA A 76 -2.60 -17.92 0.14
C ALA A 76 -4.04 -18.37 0.44
N GLY A 77 -4.97 -17.79 -0.32
CA GLY A 77 -6.37 -18.12 -0.16
C GLY A 77 -7.09 -17.04 0.66
N GLN A 78 -6.30 -16.11 1.18
CA GLN A 78 -6.84 -15.03 1.99
C GLN A 78 -6.63 -13.69 1.28
N VAL A 79 -7.51 -12.75 1.58
CA VAL A 79 -7.43 -11.42 1.00
C VAL A 79 -6.36 -10.61 1.72
N LEU A 80 -5.78 -9.67 1.00
CA LEU A 80 -4.75 -8.81 1.55
C LEU A 80 -5.33 -7.42 1.81
N ASP A 81 -5.11 -6.94 3.03
CA ASP A 81 -5.60 -5.63 3.41
C ASP A 81 -4.48 -4.60 3.25
N ILE A 82 -4.54 -3.86 2.15
CA ILE A 82 -3.54 -2.85 1.87
C ILE A 82 -4.17 -1.46 1.99
N ASN A 83 -3.32 -0.49 2.26
CA ASN A 83 -3.79 0.89 2.40
C ASN A 83 -2.59 1.84 2.30
N LEU A 84 -2.82 2.96 1.63
CA LEU A 84 -1.77 3.95 1.46
C LEU A 84 -1.35 4.49 2.83
N ALA A 85 -0.05 4.51 3.05
CA ALA A 85 0.49 5.00 4.32
C ALA A 85 0.19 6.49 4.45
N ALA A 86 -1.04 6.79 4.81
CA ALA A 86 -1.46 8.17 4.97
C ALA A 86 -2.85 8.21 5.62
N GLU A 87 -3.80 7.56 4.94
CA GLU A 87 -5.16 7.51 5.44
C GLU A 87 -5.51 6.09 5.90
N PRO A 88 -5.52 5.91 7.24
CA PRO A 88 -5.83 4.60 7.81
C PRO A 88 -7.34 4.31 7.73
N LYS A 89 -8.08 5.33 7.31
CA LYS A 89 -9.52 5.21 7.17
C LYS A 89 -10.07 4.38 8.34
N VAL A 90 -9.45 4.59 9.51
CA VAL A 90 -9.87 3.88 10.70
C VAL A 90 -10.77 4.78 11.54
N ASN A 91 -12.07 4.56 11.39
CA ASN A 91 -13.06 5.33 12.12
C ASN A 91 -12.72 6.82 11.98
N ARG A 92 -13.37 7.45 11.01
CA ARG A 92 -13.16 8.87 10.76
C ARG A 92 -14.29 9.69 11.39
N SER A 93 -14.03 10.99 11.52
CA SER A 93 -15.00 11.89 12.10
C SER A 93 -14.89 13.26 11.45
N GLY A 94 -15.92 14.08 11.68
CA GLY A 94 -15.95 15.42 11.12
C GLY A 94 -16.42 15.40 9.66
N PRO A 95 -15.51 15.84 8.75
CA PRO A 95 -15.83 15.88 7.33
C PRO A 95 -15.79 14.47 6.73
N SER A 96 -16.45 14.34 5.59
CA SER A 96 -16.51 13.05 4.91
C SER A 96 -16.90 13.27 3.44
N SER A 97 -18.02 13.93 3.25
CA SER A 97 -18.51 14.20 1.90
C SER A 97 -17.37 14.71 1.02
N GLY A 98 -16.78 15.81 1.46
CA GLY A 98 -15.67 16.41 0.73
C GLY A 98 -16.07 16.71 -0.72
#